data_3HTI
# 
_entry.id   3HTI 
# 
_audit_conform.dict_name       mmcif_pdbx.dic 
_audit_conform.dict_version    5.378 
_audit_conform.dict_location   http://mmcif.pdb.org/dictionaries/ascii/mmcif_pdbx.dic 
# 
loop_
_database_2.database_id 
_database_2.database_code 
_database_2.pdbx_database_accession 
_database_2.pdbx_DOI 
PDB   3HTI         pdb_00003hti 10.2210/pdb3hti/pdb 
RCSB  RCSB053563   ?            ?                   
WWPDB D_1000053563 ?            ?                   
# 
loop_
_pdbx_database_related.db_name 
_pdbx_database_related.db_id 
_pdbx_database_related.details 
_pdbx_database_related.content_type 
PDB 3HTA 'same protein complexed with imidazole' unspecified 
PDB 3HTH 'same protein complexed with proflavin' unspecified 
PDB 3HTJ 'same protein complexed with ethidium'  unspecified 
# 
_pdbx_database_status.status_code                     REL 
_pdbx_database_status.entry_id                        3HTI 
_pdbx_database_status.recvd_initial_deposition_date   2009-06-11 
_pdbx_database_status.deposit_site                    RCSB 
_pdbx_database_status.process_site                    RCSB 
_pdbx_database_status.status_code_sf                  REL 
_pdbx_database_status.status_code_mr                  ? 
_pdbx_database_status.SG_entry                        ? 
_pdbx_database_status.pdb_format_compatible           Y 
_pdbx_database_status.status_code_cs                  ? 
_pdbx_database_status.status_code_nmr_data            ? 
_pdbx_database_status.methods_development_category    ? 
# 
loop_
_audit_author.name 
_audit_author.pdbx_ordinal 
'Dong, J.'       1 
'Ni, L.'         2 
'Schumacher, M.' 3 
'Brennan, R.'    4 
# 
_citation.id                        primary 
_citation.title                     
'Structural plasticity is key to multiple ligand binding by the multidrug binding regulator EbrR' 
_citation.journal_abbrev            'To be Published' 
_citation.journal_volume            ? 
_citation.page_first                ? 
_citation.page_last                 ? 
_citation.year                      ? 
_citation.journal_id_ASTM           ? 
_citation.country                   ? 
_citation.journal_id_ISSN           ? 
_citation.journal_id_CSD            0353 
_citation.book_publisher            ? 
_citation.pdbx_database_id_PubMed   ? 
_citation.pdbx_database_id_DOI      ? 
# 
loop_
_citation_author.citation_id 
_citation_author.name 
_citation_author.ordinal 
_citation_author.identifier_ORCID 
primary 'Dong, J.'       1 ? 
primary 'Ni, L.'         2 ? 
primary 'Schumacher, M.' 3 ? 
primary 'Brennan, R.'    4 ? 
# 
_cell.entry_id           3HTI 
_cell.length_a           59.910 
_cell.length_b           59.910 
_cell.length_c           110.236 
_cell.angle_alpha        90.00 
_cell.angle_beta         90.00 
_cell.angle_gamma        120.00 
_cell.Z_PDB              6 
_cell.pdbx_unique_axis   ? 
_cell.length_a_esd       ? 
_cell.length_b_esd       ? 
_cell.length_c_esd       ? 
_cell.angle_alpha_esd    ? 
_cell.angle_beta_esd     ? 
_cell.angle_gamma_esd    ? 
# 
_symmetry.entry_id                         3HTI 
_symmetry.space_group_name_H-M             'P 31 2 1' 
_symmetry.pdbx_full_space_group_name_H-M   ? 
_symmetry.cell_setting                     ? 
_symmetry.Int_Tables_number                152 
_symmetry.space_group_name_Hall            ? 
# 
loop_
_entity.id 
_entity.type 
_entity.src_method 
_entity.pdbx_description 
_entity.formula_weight 
_entity.pdbx_number_of_molecules 
_entity.pdbx_ec 
_entity.pdbx_mutation 
_entity.pdbx_fragment 
_entity.details 
1 polymer     man 'EbrA repressor'  23266.268 1  ? ? ? ? 
2 non-polymer syn 'MALACHITE GREEN' 329.458   1  ? ? ? ? 
3 water       nat water             18.015    21 ? ? ? ? 
# 
_entity_poly.entity_id                      1 
_entity_poly.type                           'polypeptide(L)' 
_entity_poly.nstd_linkage                   no 
_entity_poly.nstd_monomer                   no 
_entity_poly.pdbx_seq_one_letter_code       
;MGSSHHHHHHSSGLVPRGSHMPRRHDPERRQRIIDAAIRVVGQKGIAGLSHRTVAAEADVPLGSTTYHFATLDDLMVAAL
RQANEGFARVVAAHPALSDPEADLSGELARVLGEWLGGDRTGVELEYELYLAALRRPALRPVAAEWAEGVGALLAARTDP
TTARALVAVLDGICLQVLLTDTPYDEEYAREVLTRLIPVPATRDGRGPGSHPPATAG
;
_entity_poly.pdbx_seq_one_letter_code_can   
;MGSSHHHHHHSSGLVPRGSHMPRRHDPERRQRIIDAAIRVVGQKGIAGLSHRTVAAEADVPLGSTTYHFATLDDLMVAAL
RQANEGFARVVAAHPALSDPEADLSGELARVLGEWLGGDRTGVELEYELYLAALRRPALRPVAAEWAEGVGALLAARTDP
TTARALVAVLDGICLQVLLTDTPYDEEYAREVLTRLIPVPATRDGRGPGSHPPATAG
;
_entity_poly.pdbx_strand_id                 A 
_entity_poly.pdbx_target_identifier         ? 
# 
loop_
_entity_poly_seq.entity_id 
_entity_poly_seq.num 
_entity_poly_seq.mon_id 
_entity_poly_seq.hetero 
1 1   MET n 
1 2   GLY n 
1 3   SER n 
1 4   SER n 
1 5   HIS n 
1 6   HIS n 
1 7   HIS n 
1 8   HIS n 
1 9   HIS n 
1 10  HIS n 
1 11  SER n 
1 12  SER n 
1 13  GLY n 
1 14  LEU n 
1 15  VAL n 
1 16  PRO n 
1 17  ARG n 
1 18  GLY n 
1 19  SER n 
1 20  HIS n 
1 21  MET n 
1 22  PRO n 
1 23  ARG n 
1 24  ARG n 
1 25  HIS n 
1 26  ASP n 
1 27  PRO n 
1 28  GLU n 
1 29  ARG n 
1 30  ARG n 
1 31  GLN n 
1 32  ARG n 
1 33  ILE n 
1 34  ILE n 
1 35  ASP n 
1 36  ALA n 
1 37  ALA n 
1 38  ILE n 
1 39  ARG n 
1 40  VAL n 
1 41  VAL n 
1 42  GLY n 
1 43  GLN n 
1 44  LYS n 
1 45  GLY n 
1 46  ILE n 
1 47  ALA n 
1 48  GLY n 
1 49  LEU n 
1 50  SER n 
1 51  HIS n 
1 52  ARG n 
1 53  THR n 
1 54  VAL n 
1 55  ALA n 
1 56  ALA n 
1 57  GLU n 
1 58  ALA n 
1 59  ASP n 
1 60  VAL n 
1 61  PRO n 
1 62  LEU n 
1 63  GLY n 
1 64  SER n 
1 65  THR n 
1 66  THR n 
1 67  TYR n 
1 68  HIS n 
1 69  PHE n 
1 70  ALA n 
1 71  THR n 
1 72  LEU n 
1 73  ASP n 
1 74  ASP n 
1 75  LEU n 
1 76  MET n 
1 77  VAL n 
1 78  ALA n 
1 79  ALA n 
1 80  LEU n 
1 81  ARG n 
1 82  GLN n 
1 83  ALA n 
1 84  ASN n 
1 85  GLU n 
1 86  GLY n 
1 87  PHE n 
1 88  ALA n 
1 89  ARG n 
1 90  VAL n 
1 91  VAL n 
1 92  ALA n 
1 93  ALA n 
1 94  HIS n 
1 95  PRO n 
1 96  ALA n 
1 97  LEU n 
1 98  SER n 
1 99  ASP n 
1 100 PRO n 
1 101 GLU n 
1 102 ALA n 
1 103 ASP n 
1 104 LEU n 
1 105 SER n 
1 106 GLY n 
1 107 GLU n 
1 108 LEU n 
1 109 ALA n 
1 110 ARG n 
1 111 VAL n 
1 112 LEU n 
1 113 GLY n 
1 114 GLU n 
1 115 TRP n 
1 116 LEU n 
1 117 GLY n 
1 118 GLY n 
1 119 ASP n 
1 120 ARG n 
1 121 THR n 
1 122 GLY n 
1 123 VAL n 
1 124 GLU n 
1 125 LEU n 
1 126 GLU n 
1 127 TYR n 
1 128 GLU n 
1 129 LEU n 
1 130 TYR n 
1 131 LEU n 
1 132 ALA n 
1 133 ALA n 
1 134 LEU n 
1 135 ARG n 
1 136 ARG n 
1 137 PRO n 
1 138 ALA n 
1 139 LEU n 
1 140 ARG n 
1 141 PRO n 
1 142 VAL n 
1 143 ALA n 
1 144 ALA n 
1 145 GLU n 
1 146 TRP n 
1 147 ALA n 
1 148 GLU n 
1 149 GLY n 
1 150 VAL n 
1 151 GLY n 
1 152 ALA n 
1 153 LEU n 
1 154 LEU n 
1 155 ALA n 
1 156 ALA n 
1 157 ARG n 
1 158 THR n 
1 159 ASP n 
1 160 PRO n 
1 161 THR n 
1 162 THR n 
1 163 ALA n 
1 164 ARG n 
1 165 ALA n 
1 166 LEU n 
1 167 VAL n 
1 168 ALA n 
1 169 VAL n 
1 170 LEU n 
1 171 ASP n 
1 172 GLY n 
1 173 ILE n 
1 174 CYS n 
1 175 LEU n 
1 176 GLN n 
1 177 VAL n 
1 178 LEU n 
1 179 LEU n 
1 180 THR n 
1 181 ASP n 
1 182 THR n 
1 183 PRO n 
1 184 TYR n 
1 185 ASP n 
1 186 GLU n 
1 187 GLU n 
1 188 TYR n 
1 189 ALA n 
1 190 ARG n 
1 191 GLU n 
1 192 VAL n 
1 193 LEU n 
1 194 THR n 
1 195 ARG n 
1 196 LEU n 
1 197 ILE n 
1 198 PRO n 
1 199 VAL n 
1 200 PRO n 
1 201 ALA n 
1 202 THR n 
1 203 ARG n 
1 204 ASP n 
1 205 GLY n 
1 206 ARG n 
1 207 GLY n 
1 208 PRO n 
1 209 GLY n 
1 210 SER n 
1 211 HIS n 
1 212 PRO n 
1 213 PRO n 
1 214 ALA n 
1 215 THR n 
1 216 ALA n 
1 217 GLY n 
# 
_entity_src_gen.entity_id                          1 
_entity_src_gen.pdbx_src_id                        1 
_entity_src_gen.pdbx_alt_source_flag               sample 
_entity_src_gen.pdbx_seq_type                      ? 
_entity_src_gen.pdbx_beg_seq_num                   ? 
_entity_src_gen.pdbx_end_seq_num                   ? 
_entity_src_gen.gene_src_common_name               ? 
_entity_src_gen.gene_src_genus                     ? 
_entity_src_gen.pdbx_gene_src_gene                 ebrR 
_entity_src_gen.gene_src_species                   ? 
_entity_src_gen.gene_src_strain                    TK64 
_entity_src_gen.gene_src_tissue                    ? 
_entity_src_gen.gene_src_tissue_fraction           ? 
_entity_src_gen.gene_src_details                   ? 
_entity_src_gen.pdbx_gene_src_fragment             ? 
_entity_src_gen.pdbx_gene_src_scientific_name      'Streptomyces lividans' 
_entity_src_gen.pdbx_gene_src_ncbi_taxonomy_id     1916 
_entity_src_gen.pdbx_gene_src_variant              ? 
_entity_src_gen.pdbx_gene_src_cell_line            ? 
_entity_src_gen.pdbx_gene_src_atcc                 ? 
_entity_src_gen.pdbx_gene_src_organ                ? 
_entity_src_gen.pdbx_gene_src_organelle            ? 
_entity_src_gen.pdbx_gene_src_cell                 ? 
_entity_src_gen.pdbx_gene_src_cellular_location    ? 
_entity_src_gen.host_org_common_name               ? 
_entity_src_gen.pdbx_host_org_scientific_name      'Escherichia coli' 
_entity_src_gen.pdbx_host_org_ncbi_taxonomy_id     562 
_entity_src_gen.host_org_genus                     ? 
_entity_src_gen.pdbx_host_org_gene                 ? 
_entity_src_gen.pdbx_host_org_organ                ? 
_entity_src_gen.host_org_species                   ? 
_entity_src_gen.pdbx_host_org_tissue               ? 
_entity_src_gen.pdbx_host_org_tissue_fraction      ? 
_entity_src_gen.pdbx_host_org_strain               'BL21(DE3)' 
_entity_src_gen.pdbx_host_org_variant              ? 
_entity_src_gen.pdbx_host_org_cell_line            ? 
_entity_src_gen.pdbx_host_org_atcc                 ? 
_entity_src_gen.pdbx_host_org_culture_collection   ? 
_entity_src_gen.pdbx_host_org_cell                 ? 
_entity_src_gen.pdbx_host_org_organelle            ? 
_entity_src_gen.pdbx_host_org_cellular_location    ? 
_entity_src_gen.pdbx_host_org_vector_type          plasmid 
_entity_src_gen.pdbx_host_org_vector               ? 
_entity_src_gen.host_org_details                   ? 
_entity_src_gen.expression_system_id               ? 
_entity_src_gen.plasmid_name                       pET15b 
_entity_src_gen.plasmid_details                    ? 
_entity_src_gen.pdbx_description                   ? 
# 
_struct_ref.id                         1 
_struct_ref.db_name                    UNP 
_struct_ref.db_code                    Q79SH7_STRLI 
_struct_ref.pdbx_db_accession          Q79SH7 
_struct_ref.entity_id                  1 
_struct_ref.pdbx_seq_one_letter_code   
;MPRRHDPERRQRIIDAAIRVVGQKGIAGLSHRTVAAEADVPLGSTTYHFATLDDLMVAALRQANEGFARVVAAHPALSDP
EADLSGELARVLGEWLGGDRTGVELEYELYLAALRRPALRPVAAEWAEGVGALLAARTDPTTARALVAVLDGICLQVLLT
DTPYDEEYAREVLTRLIPVPATRDGRGPGSHPPATAG
;
_struct_ref.pdbx_align_begin           1 
_struct_ref.pdbx_db_isoform            ? 
# 
_struct_ref_seq.align_id                      1 
_struct_ref_seq.ref_id                        1 
_struct_ref_seq.pdbx_PDB_id_code              3HTI 
_struct_ref_seq.pdbx_strand_id                A 
_struct_ref_seq.seq_align_beg                 21 
_struct_ref_seq.pdbx_seq_align_beg_ins_code   ? 
_struct_ref_seq.seq_align_end                 217 
_struct_ref_seq.pdbx_seq_align_end_ins_code   ? 
_struct_ref_seq.pdbx_db_accession             Q79SH7 
_struct_ref_seq.db_align_beg                  1 
_struct_ref_seq.pdbx_db_align_beg_ins_code    ? 
_struct_ref_seq.db_align_end                  197 
_struct_ref_seq.pdbx_db_align_end_ins_code    ? 
_struct_ref_seq.pdbx_auth_seq_align_beg       1 
_struct_ref_seq.pdbx_auth_seq_align_end       197 
# 
loop_
_struct_ref_seq_dif.align_id 
_struct_ref_seq_dif.pdbx_pdb_id_code 
_struct_ref_seq_dif.mon_id 
_struct_ref_seq_dif.pdbx_pdb_strand_id 
_struct_ref_seq_dif.seq_num 
_struct_ref_seq_dif.pdbx_pdb_ins_code 
_struct_ref_seq_dif.pdbx_seq_db_name 
_struct_ref_seq_dif.pdbx_seq_db_accession_code 
_struct_ref_seq_dif.db_mon_id 
_struct_ref_seq_dif.pdbx_seq_db_seq_num 
_struct_ref_seq_dif.details 
_struct_ref_seq_dif.pdbx_auth_seq_num 
_struct_ref_seq_dif.pdbx_ordinal 
1 3HTI MET A 1  ? UNP Q79SH7 ? ? 'expression tag' -19 1  
1 3HTI GLY A 2  ? UNP Q79SH7 ? ? 'expression tag' -18 2  
1 3HTI SER A 3  ? UNP Q79SH7 ? ? 'expression tag' -17 3  
1 3HTI SER A 4  ? UNP Q79SH7 ? ? 'expression tag' -16 4  
1 3HTI HIS A 5  ? UNP Q79SH7 ? ? 'expression tag' -15 5  
1 3HTI HIS A 6  ? UNP Q79SH7 ? ? 'expression tag' -14 6  
1 3HTI HIS A 7  ? UNP Q79SH7 ? ? 'expression tag' -13 7  
1 3HTI HIS A 8  ? UNP Q79SH7 ? ? 'expression tag' -12 8  
1 3HTI HIS A 9  ? UNP Q79SH7 ? ? 'expression tag' -11 9  
1 3HTI HIS A 10 ? UNP Q79SH7 ? ? 'expression tag' -10 10 
1 3HTI SER A 11 ? UNP Q79SH7 ? ? 'expression tag' -9  11 
1 3HTI SER A 12 ? UNP Q79SH7 ? ? 'expression tag' -8  12 
1 3HTI GLY A 13 ? UNP Q79SH7 ? ? 'expression tag' -7  13 
1 3HTI LEU A 14 ? UNP Q79SH7 ? ? 'expression tag' -6  14 
1 3HTI VAL A 15 ? UNP Q79SH7 ? ? 'expression tag' -5  15 
1 3HTI PRO A 16 ? UNP Q79SH7 ? ? 'expression tag' -4  16 
1 3HTI ARG A 17 ? UNP Q79SH7 ? ? 'expression tag' -3  17 
1 3HTI GLY A 18 ? UNP Q79SH7 ? ? 'expression tag' -2  18 
1 3HTI SER A 19 ? UNP Q79SH7 ? ? 'expression tag' -1  19 
1 3HTI HIS A 20 ? UNP Q79SH7 ? ? 'expression tag' 0   20 
# 
loop_
_chem_comp.id 
_chem_comp.type 
_chem_comp.mon_nstd_flag 
_chem_comp.name 
_chem_comp.pdbx_synonyms 
_chem_comp.formula 
_chem_comp.formula_weight 
ALA 'L-peptide linking' y ALANINE           ? 'C3 H7 N O2'     89.093  
ARG 'L-peptide linking' y ARGININE          ? 'C6 H15 N4 O2 1' 175.209 
ASN 'L-peptide linking' y ASPARAGINE        ? 'C4 H8 N2 O3'    132.118 
ASP 'L-peptide linking' y 'ASPARTIC ACID'   ? 'C4 H7 N O4'     133.103 
CYS 'L-peptide linking' y CYSTEINE          ? 'C3 H7 N O2 S'   121.158 
GLN 'L-peptide linking' y GLUTAMINE         ? 'C5 H10 N2 O3'   146.144 
GLU 'L-peptide linking' y 'GLUTAMIC ACID'   ? 'C5 H9 N O4'     147.129 
GLY 'peptide linking'   y GLYCINE           ? 'C2 H5 N O2'     75.067  
HIS 'L-peptide linking' y HISTIDINE         ? 'C6 H10 N3 O2 1' 156.162 
HOH non-polymer         . WATER             ? 'H2 O'           18.015  
ILE 'L-peptide linking' y ISOLEUCINE        ? 'C6 H13 N O2'    131.173 
LEU 'L-peptide linking' y LEUCINE           ? 'C6 H13 N O2'    131.173 
LYS 'L-peptide linking' y LYSINE            ? 'C6 H15 N2 O2 1' 147.195 
MET 'L-peptide linking' y METHIONINE        ? 'C5 H11 N O2 S'  149.211 
MGR non-polymer         . 'MALACHITE GREEN' ? 'C23 H25 N2 1'   329.458 
PHE 'L-peptide linking' y PHENYLALANINE     ? 'C9 H11 N O2'    165.189 
PRO 'L-peptide linking' y PROLINE           ? 'C5 H9 N O2'     115.130 
SER 'L-peptide linking' y SERINE            ? 'C3 H7 N O3'     105.093 
THR 'L-peptide linking' y THREONINE         ? 'C4 H9 N O3'     119.119 
TRP 'L-peptide linking' y TRYPTOPHAN        ? 'C11 H12 N2 O2'  204.225 
TYR 'L-peptide linking' y TYROSINE          ? 'C9 H11 N O3'    181.189 
VAL 'L-peptide linking' y VALINE            ? 'C5 H11 N O2'    117.146 
# 
_exptl.entry_id          3HTI 
_exptl.method            'X-RAY DIFFRACTION' 
_exptl.crystals_number   1 
# 
_exptl_crystal.id                    1 
_exptl_crystal.density_meas          ? 
_exptl_crystal.density_Matthews      2.45 
_exptl_crystal.density_percent_sol   49.89 
_exptl_crystal.description           ? 
_exptl_crystal.F_000                 ? 
_exptl_crystal.preparation           ? 
# 
_exptl_crystal_grow.crystal_id      1 
_exptl_crystal_grow.method          ? 
_exptl_crystal_grow.temp            295 
_exptl_crystal_grow.temp_details    ? 
_exptl_crystal_grow.pH              6.8 
_exptl_crystal_grow.pdbx_pH_range   ? 
_exptl_crystal_grow.pdbx_details    
'50% Tacsimate, 0.1 M Magnesium sulfate, 0.1 M Cacodylate, pH 6.8, VAPOR DIFFUSION, HANGING DROP, temperature 295K' 
# 
_diffrn.id                     1 
_diffrn.ambient_temp           100 
_diffrn.ambient_temp_details   ? 
_diffrn.crystal_id             1 
# 
_diffrn_detector.diffrn_id              1 
_diffrn_detector.detector               'IMAGE PLATE' 
_diffrn_detector.type                   'RIGAKU RAXIS HTC' 
_diffrn_detector.pdbx_collection_date   2007-09-21 
_diffrn_detector.details                ? 
# 
_diffrn_radiation.diffrn_id                        1 
_diffrn_radiation.wavelength_id                    1 
_diffrn_radiation.pdbx_monochromatic_or_laue_m_l   M 
_diffrn_radiation.monochromator                    ? 
_diffrn_radiation.pdbx_diffrn_protocol             'SINGLE WAVELENGTH' 
_diffrn_radiation.pdbx_scattering_type             x-ray 
# 
_diffrn_radiation_wavelength.id           1 
_diffrn_radiation_wavelength.wavelength   1.54178 
_diffrn_radiation_wavelength.wt           1.0 
# 
_diffrn_source.diffrn_id                   1 
_diffrn_source.source                      'ROTATING ANODE' 
_diffrn_source.type                        'RIGAKU FR-E+ SUPERBRIGHT' 
_diffrn_source.pdbx_synchrotron_site       ? 
_diffrn_source.pdbx_synchrotron_beamline   ? 
_diffrn_source.pdbx_wavelength             1.54178 
_diffrn_source.pdbx_wavelength_list        ? 
# 
_reflns.entry_id                     3HTI 
_reflns.observed_criterion_sigma_I   ? 
_reflns.observed_criterion_sigma_F   ? 
_reflns.d_resolution_low             30.060 
_reflns.d_resolution_high            2.500 
_reflns.number_obs                   8937 
_reflns.number_all                   ? 
_reflns.percent_possible_obs         ? 
_reflns.pdbx_Rmerge_I_obs            0.03100 
_reflns.pdbx_Rsym_value              ? 
_reflns.pdbx_netI_over_sigmaI        ? 
_reflns.B_iso_Wilson_estimate        ? 
_reflns.pdbx_redundancy              4.400 
_reflns.R_free_details               ? 
_reflns.limit_h_max                  ? 
_reflns.limit_h_min                  ? 
_reflns.limit_k_max                  ? 
_reflns.limit_k_min                  ? 
_reflns.limit_l_max                  ? 
_reflns.limit_l_min                  ? 
_reflns.observed_criterion_F_max     ? 
_reflns.observed_criterion_F_min     ? 
_reflns.pdbx_chi_squared             ? 
_reflns.pdbx_scaling_rejects         ? 
_reflns.pdbx_diffrn_id               1 
_reflns.pdbx_ordinal                 1 
# 
_refine.pdbx_refine_id                           'X-RAY DIFFRACTION' 
_refine.entry_id                                 3HTI 
_refine.ls_number_reflns_obs                     8937 
_refine.ls_number_reflns_all                     ? 
_refine.pdbx_ls_sigma_I                          ? 
_refine.pdbx_ls_sigma_F                          0.0 
_refine.pdbx_data_cutoff_high_absF               ? 
_refine.pdbx_data_cutoff_low_absF                ? 
_refine.pdbx_data_cutoff_high_rms_absF           ? 
_refine.ls_d_res_low                             30.06 
_refine.ls_d_res_high                            2.50 
_refine.ls_percent_reflns_obs                    95.0 
_refine.ls_R_factor_obs                          0.2535 
_refine.ls_R_factor_all                          ? 
_refine.ls_R_factor_R_work                       0.2535 
_refine.ls_R_factor_R_free                       0.2864 
_refine.ls_R_factor_R_free_error                 ? 
_refine.ls_R_factor_R_free_error_details         ? 
_refine.ls_percent_reflns_R_free                 5.2 
_refine.ls_number_reflns_R_free                  493 
_refine.ls_number_parameters                     ? 
_refine.ls_number_restraints                     ? 
_refine.occupancy_min                            ? 
_refine.occupancy_max                            ? 
_refine.correlation_coeff_Fo_to_Fc               ? 
_refine.correlation_coeff_Fo_to_Fc_free          ? 
_refine.B_iso_mean                               ? 
_refine.aniso_B[1][1]                            -2.14200 
_refine.aniso_B[2][2]                            -2.14200 
_refine.aniso_B[3][3]                            4.28400 
_refine.aniso_B[1][2]                            0.00000 
_refine.aniso_B[1][3]                            0.00000 
_refine.aniso_B[2][3]                            0.00000 
_refine.solvent_model_details                    ? 
_refine.solvent_model_param_ksol                 0.35 
_refine.solvent_model_param_bsol                 55.1415 
_refine.pdbx_solvent_vdw_probe_radii             ? 
_refine.pdbx_solvent_ion_probe_radii             ? 
_refine.pdbx_solvent_shrinkage_radii             ? 
_refine.pdbx_ls_cross_valid_method               THROUGHOUT 
_refine.details                                  ? 
_refine.pdbx_starting_model                      'PDB ENTRY 3HTA' 
_refine.pdbx_method_to_determine_struct          'MOLECULAR REPLACEMENT' 
_refine.pdbx_isotropic_thermal_model             ANISOTROPIC 
_refine.pdbx_stereochemistry_target_values       ? 
_refine.pdbx_stereochem_target_val_spec_case     ? 
_refine.pdbx_R_Free_selection_details            RANDOM 
_refine.pdbx_overall_ESU_R                       ? 
_refine.pdbx_overall_ESU_R_Free                  ? 
_refine.overall_SU_ML                            ? 
_refine.pdbx_overall_phase_error                 ? 
_refine.overall_SU_B                             ? 
_refine.ls_redundancy_reflns_obs                 ? 
_refine.B_iso_min                                ? 
_refine.B_iso_max                                ? 
_refine.overall_SU_R_Cruickshank_DPI             ? 
_refine.overall_SU_R_free                        ? 
_refine.ls_wR_factor_R_free                      ? 
_refine.ls_wR_factor_R_work                      ? 
_refine.overall_FOM_free_R_set                   ? 
_refine.overall_FOM_work_R_set                   ? 
_refine.pdbx_diffrn_id                           1 
_refine.pdbx_TLS_residual_ADP_flag               ? 
_refine.pdbx_overall_SU_R_free_Cruickshank_DPI   ? 
_refine.pdbx_overall_SU_R_Blow_DPI               ? 
_refine.pdbx_overall_SU_R_free_Blow_DPI          ? 
# 
_refine_hist.pdbx_refine_id                   'X-RAY DIFFRACTION' 
_refine_hist.cycle_id                         LAST 
_refine_hist.pdbx_number_atoms_protein        1310 
_refine_hist.pdbx_number_atoms_nucleic_acid   0 
_refine_hist.pdbx_number_atoms_ligand         25 
_refine_hist.number_atoms_solvent             21 
_refine_hist.number_atoms_total               1356 
_refine_hist.d_res_high                       2.50 
_refine_hist.d_res_low                        30.06 
# 
loop_
_refine_ls_restr.type 
_refine_ls_restr.dev_ideal 
_refine_ls_restr.dev_ideal_target 
_refine_ls_restr.weight 
_refine_ls_restr.number 
_refine_ls_restr.pdbx_refine_id 
_refine_ls_restr.pdbx_restraint_function 
c_bond_d                0.009 ?    ? ? 'X-RAY DIFFRACTION' ? 
c_bond_d_na             ?     ?    ? ? 'X-RAY DIFFRACTION' ? 
c_bond_d_prot           ?     ?    ? ? 'X-RAY DIFFRACTION' ? 
c_angle_d               ?     ?    ? ? 'X-RAY DIFFRACTION' ? 
c_angle_d_na            ?     ?    ? ? 'X-RAY DIFFRACTION' ? 
c_angle_d_prot          ?     ?    ? ? 'X-RAY DIFFRACTION' ? 
c_angle_deg             1.260 ?    ? ? 'X-RAY DIFFRACTION' ? 
c_angle_deg_na          ?     ?    ? ? 'X-RAY DIFFRACTION' ? 
c_angle_deg_prot        ?     ?    ? ? 'X-RAY DIFFRACTION' ? 
c_dihedral_angle_d      ?     ?    ? ? 'X-RAY DIFFRACTION' ? 
c_dihedral_angle_d_na   ?     ?    ? ? 'X-RAY DIFFRACTION' ? 
c_dihedral_angle_d_prot ?     ?    ? ? 'X-RAY DIFFRACTION' ? 
c_improper_angle_d      ?     ?    ? ? 'X-RAY DIFFRACTION' ? 
c_improper_angle_d_na   ?     ?    ? ? 'X-RAY DIFFRACTION' ? 
c_improper_angle_d_prot ?     ?    ? ? 'X-RAY DIFFRACTION' ? 
c_mcbond_it             1.404 1.50 ? ? 'X-RAY DIFFRACTION' ? 
c_mcangle_it            2.449 2.00 ? ? 'X-RAY DIFFRACTION' ? 
c_scbond_it             1.782 2.00 ? ? 'X-RAY DIFFRACTION' ? 
c_scangle_it            2.695 2.50 ? ? 'X-RAY DIFFRACTION' ? 
# 
_struct.entry_id                  3HTI 
_struct.title                     'Crystal structure of multidrug binding protein EbrR complexed with malachite green' 
_struct.pdbx_model_details        ? 
_struct.pdbx_CASP_flag            Y 
_struct.pdbx_model_type_details   ? 
# 
_struct_keywords.entry_id        3HTI 
_struct_keywords.pdbx_keywords   'DNA BINDING PROTEIN' 
_struct_keywords.text            
;TetR Family, multidrug resistance, multidrug binding protein, DNA-binding, Transcription, Transcription regulation, DNA BINDING PROTEIN
;
# 
loop_
_struct_asym.id 
_struct_asym.pdbx_blank_PDB_chainid_flag 
_struct_asym.pdbx_modified 
_struct_asym.entity_id 
_struct_asym.details 
A N N 1 ? 
B N N 2 ? 
C N N 3 ? 
# 
_struct_biol.id        1 
_struct_biol.details   ? 
# 
loop_
_struct_conf.conf_type_id 
_struct_conf.id 
_struct_conf.pdbx_PDB_helix_id 
_struct_conf.beg_label_comp_id 
_struct_conf.beg_label_asym_id 
_struct_conf.beg_label_seq_id 
_struct_conf.pdbx_beg_PDB_ins_code 
_struct_conf.end_label_comp_id 
_struct_conf.end_label_asym_id 
_struct_conf.end_label_seq_id 
_struct_conf.pdbx_end_PDB_ins_code 
_struct_conf.beg_auth_comp_id 
_struct_conf.beg_auth_asym_id 
_struct_conf.beg_auth_seq_id 
_struct_conf.end_auth_comp_id 
_struct_conf.end_auth_asym_id 
_struct_conf.end_auth_seq_id 
_struct_conf.pdbx_PDB_helix_class 
_struct_conf.details 
_struct_conf.pdbx_PDB_helix_length 
HELX_P HELX_P1  1  ARG A 29  ? GLY A 45  ? ARG A 9   GLY A 25  1 ? 17 
HELX_P HELX_P2  2  ILE A 46  ? LEU A 49  ? ILE A 26  LEU A 29  5 ? 4  
HELX_P HELX_P3  3  SER A 50  ? ASP A 59  ? SER A 30  ASP A 39  1 ? 10 
HELX_P HELX_P4  4  PRO A 61  ? PHE A 69  ? PRO A 41  PHE A 49  1 ? 9  
HELX_P HELX_P5  5  THR A 71  ? ALA A 93  ? THR A 51  ALA A 73  1 ? 23 
HELX_P HELX_P6  6  HIS A 94  ? ASP A 99  ? HIS A 74  ASP A 79  5 ? 6  
HELX_P HELX_P7  7  ASP A 103 ? GLY A 117 ? ASP A 83  GLY A 97  1 ? 15 
HELX_P HELX_P8  8  THR A 121 ? GLU A 128 ? THR A 101 GLU A 108 1 ? 8  
HELX_P HELX_P9  9  LEU A 129 ? ARG A 135 ? LEU A 109 ARG A 115 1 ? 7  
HELX_P HELX_P10 10 LEU A 139 ? ALA A 144 ? LEU A 119 ALA A 124 1 ? 6  
HELX_P HELX_P11 11 ALA A 144 ? THR A 158 ? ALA A 124 THR A 138 1 ? 15 
HELX_P HELX_P12 12 ASP A 159 ? LEU A 178 ? ASP A 139 LEU A 158 1 ? 20 
HELX_P HELX_P13 13 ASP A 185 ? ILE A 197 ? ASP A 165 ILE A 177 1 ? 13 
# 
_struct_conf_type.id          HELX_P 
_struct_conf_type.criteria    ? 
_struct_conf_type.reference   ? 
# 
_struct_site.id                   AC1 
_struct_site.pdbx_evidence_code   Software 
_struct_site.pdbx_auth_asym_id    A 
_struct_site.pdbx_auth_comp_id    MGR 
_struct_site.pdbx_auth_seq_id     201 
_struct_site.pdbx_auth_ins_code   ? 
_struct_site.pdbx_num_residues    10 
_struct_site.details              'BINDING SITE FOR RESIDUE MGR A 201' 
# 
loop_
_struct_site_gen.id 
_struct_site_gen.site_id 
_struct_site_gen.pdbx_num_res 
_struct_site_gen.label_comp_id 
_struct_site_gen.label_asym_id 
_struct_site_gen.label_seq_id 
_struct_site_gen.pdbx_auth_ins_code 
_struct_site_gen.auth_comp_id 
_struct_site_gen.auth_asym_id 
_struct_site_gen.auth_seq_id 
_struct_site_gen.label_atom_id 
_struct_site_gen.label_alt_id 
_struct_site_gen.symmetry 
_struct_site_gen.details 
1  AC1 10 LEU A 80  ? LEU A 60  . ? 1_555 ? 
2  AC1 10 ALA A 83  ? ALA A 63  . ? 1_555 ? 
3  AC1 10 ASN A 84  ? ASN A 64  . ? 1_555 ? 
4  AC1 10 PHE A 87  ? PHE A 67  . ? 1_555 ? 
5  AC1 10 TRP A 115 ? TRP A 95  . ? 1_555 ? 
6  AC1 10 GLU A 126 ? GLU A 106 . ? 1_555 ? 
7  AC1 10 TYR A 130 ? TYR A 110 . ? 1_555 ? 
8  AC1 10 TRP A 146 ? TRP A 126 . ? 1_555 ? 
9  AC1 10 ASP A 171 ? ASP A 151 . ? 1_555 ? 
10 AC1 10 CYS A 174 ? CYS A 154 . ? 1_555 ? 
# 
_atom_sites.entry_id                    3HTI 
_atom_sites.fract_transf_matrix[1][1]   -0.01072398 
_atom_sites.fract_transf_matrix[1][2]   -0.01577759 
_atom_sites.fract_transf_matrix[1][3]   -0.00274930 
_atom_sites.fract_transf_matrix[2][1]   0.00331481 
_atom_sites.fract_transf_matrix[2][2]   -0.01584783 
_atom_sites.fract_transf_matrix[2][3]   0.01045683 
_atom_sites.fract_transf_matrix[3][1]   -0.00588022 
_atom_sites.fract_transf_matrix[3][2]   0.00290482 
_atom_sites.fract_transf_matrix[3][3]   0.00626642 
_atom_sites.fract_transf_vector[1]      0.185639 
_atom_sites.fract_transf_vector[2]      -0.438012 
_atom_sites.fract_transf_vector[3]      0.104479 
# 
loop_
_atom_type.symbol 
C 
N 
O 
S 
# 
loop_
_atom_site.group_PDB 
_atom_site.id 
_atom_site.type_symbol 
_atom_site.label_atom_id 
_atom_site.label_alt_id 
_atom_site.label_comp_id 
_atom_site.label_asym_id 
_atom_site.label_entity_id 
_atom_site.label_seq_id 
_atom_site.pdbx_PDB_ins_code 
_atom_site.Cartn_x 
_atom_site.Cartn_y 
_atom_site.Cartn_z 
_atom_site.occupancy 
_atom_site.B_iso_or_equiv 
_atom_site.pdbx_formal_charge 
_atom_site.auth_seq_id 
_atom_site.auth_comp_id 
_atom_site.auth_asym_id 
_atom_site.auth_atom_id 
_atom_site.pdbx_PDB_model_num 
ATOM   1    N N   . PRO A 1 27  ? 3.074   -20.953 3.439   1.00 72.91  ? 7   PRO A N   1 
ATOM   2    C CA  . PRO A 1 27  ? 3.739   -21.542 2.250   1.00 74.08  ? 7   PRO A CA  1 
ATOM   3    C C   . PRO A 1 27  ? 4.956   -22.290 2.744   1.00 75.57  ? 7   PRO A C   1 
ATOM   4    O O   . PRO A 1 27  ? 4.851   -23.065 3.737   1.00 76.07  ? 7   PRO A O   1 
ATOM   5    C CB  . PRO A 1 27  ? 4.124   -20.384 1.339   1.00 72.92  ? 7   PRO A CB  1 
ATOM   6    C CG  . PRO A 1 27  ? 2.902   -19.455 1.556   1.00 72.52  ? 7   PRO A CG  1 
ATOM   7    C CD  . PRO A 1 27  ? 2.631   -19.569 3.125   1.00 73.03  ? 7   PRO A CD  1 
ATOM   8    N N   . GLU A 1 28  ? 6.024   -22.250 2.069   1.00 77.38  ? 8   GLU A N   1 
ATOM   9    C CA  . GLU A 1 28  ? 7.188   -22.679 2.635   1.00 77.99  ? 8   GLU A CA  1 
ATOM   10   C C   . GLU A 1 28  ? 7.991   -21.596 3.409   1.00 76.36  ? 8   GLU A C   1 
ATOM   11   O O   . GLU A 1 28  ? 8.165   -20.507 3.084   1.00 77.94  ? 8   GLU A O   1 
ATOM   12   C CB  . GLU A 1 28  ? 7.895   -23.323 1.540   1.00 80.23  ? 8   GLU A CB  1 
ATOM   13   C CG  . GLU A 1 28  ? 8.305   -24.808 1.701   1.00 85.62  ? 8   GLU A CG  1 
ATOM   14   C CD  . GLU A 1 28  ? 7.285   -25.884 2.110   1.00 87.61  ? 8   GLU A CD  1 
ATOM   15   O OE1 . GLU A 1 28  ? 6.955   -25.880 3.242   1.00 89.18  ? 8   GLU A OE1 1 
ATOM   16   O OE2 . GLU A 1 28  ? 6.926   -26.830 1.364   1.00 89.09  ? 8   GLU A OE2 1 
ATOM   17   N N   . ARG A 1 29  ? 8.419   -21.997 4.526   1.00 73.31  ? 9   ARG A N   1 
ATOM   18   C CA  . ARG A 1 29  ? 8.864   -21.079 5.565   1.00 69.66  ? 9   ARG A CA  1 
ATOM   19   C C   . ARG A 1 29  ? 9.300   -19.651 5.237   1.00 65.89  ? 9   ARG A C   1 
ATOM   20   O O   . ARG A 1 29  ? 9.127   -18.766 6.065   1.00 64.36  ? 9   ARG A O   1 
ATOM   21   C CB  . ARG A 1 29  ? 10.085  -21.914 5.913   1.00 69.78  ? 9   ARG A CB  1 
ATOM   22   C CG  . ARG A 1 29  ? 10.720  -21.506 7.202   1.00 70.20  ? 9   ARG A CG  1 
ATOM   23   C CD  . ARG A 1 29  ? 11.674  -22.561 7.699   1.00 72.69  ? 9   ARG A CD  1 
ATOM   24   N NE  . ARG A 1 29  ? 11.006  -23.816 8.013   1.00 74.09  ? 9   ARG A NE  1 
ATOM   25   C CZ  . ARG A 1 29  ? 11.580  -24.806 8.687   1.00 76.39  ? 9   ARG A CZ  1 
ATOM   26   N NH1 . ARG A 1 29  ? 12.832  -24.681 9.120   1.00 75.33  ? 9   ARG A NH1 1 
ATOM   27   N NH2 . ARG A 1 29  ? 10.907  -25.922 8.926   1.00 77.36  ? 9   ARG A NH2 1 
ATOM   28   N N   . ARG A 1 30  ? 9.888   -19.407 4.070   1.00 63.09  ? 10  ARG A N   1 
ATOM   29   C CA  . ARG A 1 30  ? 10.288  -18.040 3.754   1.00 59.46  ? 10  ARG A CA  1 
ATOM   30   C C   . ARG A 1 30  ? 9.040   -17.166 3.760   1.00 58.89  ? 10  ARG A C   1 
ATOM   31   O O   . ARG A 1 30  ? 9.059   -16.054 4.273   1.00 58.85  ? 10  ARG A O   1 
ATOM   32   C CB  . ARG A 1 30  ? 10.970  -17.954 2.393   1.00 57.01  ? 10  ARG A CB  1 
ATOM   33   C CG  . ARG A 1 30  ? 11.441  -16.551 2.012   1.00 56.62  ? 10  ARG A CG  1 
ATOM   34   C CD  . ARG A 1 30  ? 12.003  -16.543 0.603   1.00 56.42  ? 10  ARG A CD  1 
ATOM   35   N NE  . ARG A 1 30  ? 12.661  -15.292 0.238   1.00 56.91  ? 10  ARG A NE  1 
ATOM   36   C CZ  . ARG A 1 30  ? 12.039  -14.220 -0.233  1.00 57.70  ? 10  ARG A CZ  1 
ATOM   37   N NH1 . ARG A 1 30  ? 10.726  -14.245 -0.402  1.00 59.44  ? 10  ARG A NH1 1 
ATOM   38   N NH2 . ARG A 1 30  ? 12.727  -13.127 -0.536  1.00 54.74  ? 10  ARG A NH2 1 
ATOM   39   N N   . GLN A 1 31  ? 7.949   -17.669 3.198   1.00 57.23  ? 11  GLN A N   1 
ATOM   40   C CA  . GLN A 1 31  ? 6.721   -16.902 3.189   1.00 57.50  ? 11  GLN A CA  1 
ATOM   41   C C   . GLN A 1 31  ? 6.191   -16.806 4.605   1.00 57.04  ? 11  GLN A C   1 
ATOM   42   O O   . GLN A 1 31  ? 5.760   -15.746 5.048   1.00 57.26  ? 11  GLN A O   1 
ATOM   43   C CB  . GLN A 1 31  ? 5.671   -17.568 2.306   1.00 59.15  ? 11  GLN A CB  1 
ATOM   44   C CG  . GLN A 1 31  ? 5.493   -16.881 0.984   1.00 59.69  ? 11  GLN A CG  1 
ATOM   45   C CD  . GLN A 1 31  ? 5.082   -15.444 1.152   1.00 60.16  ? 11  GLN A CD  1 
ATOM   46   O OE1 . GLN A 1 31  ? 5.590   -14.563 0.459   1.00 60.09  ? 11  GLN A OE1 1 
ATOM   47   N NE2 . GLN A 1 31  ? 4.156   -15.193 2.071   1.00 59.17  ? 11  GLN A NE2 1 
ATOM   48   N N   . ARG A 1 32  ? 6.221   -17.921 5.318   1.00 55.14  ? 12  ARG A N   1 
ATOM   49   C CA  . ARG A 1 32  ? 5.742   -17.931 6.681   1.00 55.16  ? 12  ARG A CA  1 
ATOM   50   C C   . ARG A 1 32  ? 6.409   -16.809 7.447   1.00 52.47  ? 12  ARG A C   1 
ATOM   51   O O   . ARG A 1 32  ? 5.787   -16.135 8.252   1.00 52.78  ? 12  ARG A O   1 
ATOM   52   C CB  . ARG A 1 32  ? 6.074   -19.259 7.346   1.00 58.15  ? 12  ARG A CB  1 
ATOM   53   C CG  . ARG A 1 32  ? 5.391   -20.457 6.719   1.00 62.81  ? 12  ARG A CG  1 
ATOM   54   C CD  . ARG A 1 32  ? 5.905   -21.740 7.349   1.00 65.86  ? 12  ARG A CD  1 
ATOM   55   N NE  . ARG A 1 32  ? 5.912   -21.660 8.807   1.00 66.61  ? 12  ARG A NE  1 
ATOM   56   C CZ  . ARG A 1 32  ? 6.299   -22.655 9.599   1.00 68.26  ? 12  ARG A CZ  1 
ATOM   57   N NH1 . ARG A 1 32  ? 6.709   -23.801 9.070   1.00 68.63  ? 12  ARG A NH1 1 
ATOM   58   N NH2 . ARG A 1 32  ? 6.274   -22.510 10.917  1.00 67.26  ? 12  ARG A NH2 1 
ATOM   59   N N   . ILE A 1 33  ? 7.685   -16.601 7.175   1.00 50.43  ? 13  ILE A N   1 
ATOM   60   C CA  . ILE A 1 33  ? 8.443   -15.574 7.869   1.00 48.64  ? 13  ILE A CA  1 
ATOM   61   C C   . ILE A 1 33  ? 8.001   -14.185 7.468   1.00 46.12  ? 13  ILE A C   1 
ATOM   62   O O   . ILE A 1 33  ? 7.834   -13.333 8.317   1.00 43.37  ? 13  ILE A O   1 
ATOM   63   C CB  . ILE A 1 33  ? 9.975   -15.754 7.633   1.00 47.81  ? 13  ILE A CB  1 
ATOM   64   C CG1 . ILE A 1 33  ? 10.450  -17.015 8.345   1.00 48.57  ? 13  ILE A CG1 1 
ATOM   65   C CG2 . ILE A 1 33  ? 10.748  -14.561 8.151   1.00 44.08  ? 13  ILE A CG2 1 
ATOM   66   C CD1 . ILE A 1 33  ? 11.861  -17.408 8.000   1.00 49.59  ? 13  ILE A CD1 1 
ATOM   67   N N   . ILE A 1 34  ? 7.800   -13.954 6.180   1.00 46.69  ? 14  ILE A N   1 
ATOM   68   C CA  . ILE A 1 34  ? 7.373   -12.633 5.740   1.00 47.55  ? 14  ILE A CA  1 
ATOM   69   C C   . ILE A 1 34  ? 6.006   -12.337 6.338   1.00 48.14  ? 14  ILE A C   1 
ATOM   70   O O   . ILE A 1 34  ? 5.775   -11.235 6.834   1.00 46.72  ? 14  ILE A O   1 
ATOM   71   C CB  . ILE A 1 34  ? 7.329   -12.529 4.205   1.00 47.53  ? 14  ILE A CB  1 
ATOM   72   C CG1 . ILE A 1 34  ? 8.735   -12.715 3.635   1.00 45.20  ? 14  ILE A CG1 1 
ATOM   73   C CG2 . ILE A 1 34  ? 6.809   -11.162 3.779   1.00 46.48  ? 14  ILE A CG2 1 
ATOM   74   C CD1 . ILE A 1 34  ? 8.793   -12.610 2.132   1.00 43.93  ? 14  ILE A CD1 1 
ATOM   75   N N   . ASP A 1 35  ? 5.123   -13.331 6.336   1.00 48.36  ? 15  ASP A N   1 
ATOM   76   C CA  . ASP A 1 35  ? 3.790   -13.162 6.906   1.00 52.22  ? 15  ASP A CA  1 
ATOM   77   C C   . ASP A 1 35  ? 3.842   -12.769 8.375   1.00 53.51  ? 15  ASP A C   1 
ATOM   78   O O   . ASP A 1 35  ? 3.103   -11.893 8.813   1.00 54.62  ? 15  ASP A O   1 
ATOM   79   C CB  . ASP A 1 35  ? 2.968   -14.447 6.797   1.00 51.13  ? 15  ASP A CB  1 
ATOM   80   C CG  . ASP A 1 35  ? 2.630   -14.803 5.379   1.00 51.99  ? 15  ASP A CG  1 
ATOM   81   O OD1 . ASP A 1 35  ? 2.598   -13.873 4.549   1.00 52.31  ? 15  ASP A OD1 1 
ATOM   82   O OD2 . ASP A 1 35  ? 2.387   -16.005 5.101   1.00 51.14  ? 15  ASP A OD2 1 
ATOM   83   N N   . ALA A 1 36  ? 4.709   -13.431 9.136   1.00 55.30  ? 16  ALA A N   1 
ATOM   84   C CA  . ALA A 1 36  ? 4.835   -13.164 10.567  1.00 54.88  ? 16  ALA A CA  1 
ATOM   85   C C   . ALA A 1 36  ? 5.455   -11.807 10.828  1.00 54.53  ? 16  ALA A C   1 
ATOM   86   O O   . ALA A 1 36  ? 5.109   -11.128 11.791  1.00 54.73  ? 16  ALA A O   1 
ATOM   87   C CB  . ALA A 1 36  ? 5.661   -14.258 11.231  1.00 55.16  ? 16  ALA A CB  1 
ATOM   88   N N   . ALA A 1 37  ? 6.392   -11.422 9.975   1.00 56.37  ? 17  ALA A N   1 
ATOM   89   C CA  . ALA A 1 37  ? 7.036   -10.131 10.100  1.00 59.01  ? 17  ALA A CA  1 
ATOM   90   C C   . ALA A 1 37  ? 5.910   -9.108  10.053  1.00 61.44  ? 17  ALA A C   1 
ATOM   91   O O   . ALA A 1 37  ? 5.840   -8.199  10.882  1.00 61.43  ? 17  ALA A O   1 
ATOM   92   C CB  . ALA A 1 37  ? 7.986   -9.910  8.942   1.00 58.29  ? 17  ALA A CB  1 
ATOM   93   N N   . ILE A 1 38  ? 5.023   -9.279  9.078   1.00 62.70  ? 18  ILE A N   1 
ATOM   94   C CA  . ILE A 1 38  ? 3.884   -8.393  8.908   1.00 63.67  ? 18  ILE A CA  1 
ATOM   95   C C   . ILE A 1 38  ? 2.990   -8.411  10.137  1.00 65.75  ? 18  ILE A C   1 
ATOM   96   O O   . ILE A 1 38  ? 2.638   -7.359  10.654  1.00 67.24  ? 18  ILE A O   1 
ATOM   97   C CB  . ILE A 1 38  ? 3.055   -8.792  7.676   1.00 62.49  ? 18  ILE A CB  1 
ATOM   98   C CG1 . ILE A 1 38  ? 3.873   -8.550  6.407   1.00 60.27  ? 18  ILE A CG1 1 
ATOM   99   C CG2 . ILE A 1 38  ? 1.777   -7.989  7.632   1.00 59.43  ? 18  ILE A CG2 1 
ATOM   100  C CD1 . ILE A 1 38  ? 3.226   -9.064  5.163   1.00 60.61  ? 18  ILE A CD1 1 
ATOM   101  N N   . ARG A 1 39  ? 2.621   -9.594  10.610  1.00 66.27  ? 19  ARG A N   1 
ATOM   102  C CA  . ARG A 1 39  ? 1.767   -9.678  11.788  1.00 68.72  ? 19  ARG A CA  1 
ATOM   103  C C   . ARG A 1 39  ? 2.397   -9.028  13.012  1.00 69.66  ? 19  ARG A C   1 
ATOM   104  O O   . ARG A 1 39  ? 1.693   -8.584  13.911  1.00 70.13  ? 19  ARG A O   1 
ATOM   105  C CB  . ARG A 1 39  ? 1.432   -11.129 12.128  1.00 69.18  ? 19  ARG A CB  1 
ATOM   106  C CG  . ARG A 1 39  ? 0.597   -11.853 11.093  1.00 70.86  ? 19  ARG A CG  1 
ATOM   107  C CD  . ARG A 1 39  ? -0.007  -13.100 11.710  1.00 72.77  ? 19  ARG A CD  1 
ATOM   108  N NE  . ARG A 1 39  ? 1.015   -14.016 12.208  1.00 72.93  ? 19  ARG A NE  1 
ATOM   109  C CZ  . ARG A 1 39  ? 1.621   -14.928 11.460  1.00 73.09  ? 19  ARG A CZ  1 
ATOM   110  N NH1 . ARG A 1 39  ? 1.306   -15.054 10.180  1.00 73.17  ? 19  ARG A NH1 1 
ATOM   111  N NH2 . ARG A 1 39  ? 2.550   -15.705 11.986  1.00 73.52  ? 19  ARG A NH2 1 
ATOM   112  N N   . VAL A 1 40  ? 3.724   -8.978  13.054  1.00 71.05  ? 20  VAL A N   1 
ATOM   113  C CA  . VAL A 1 40  ? 4.407   -8.380  14.195  1.00 71.57  ? 20  VAL A CA  1 
ATOM   114  C C   . VAL A 1 40  ? 4.357   -6.864  14.106  1.00 71.68  ? 20  VAL A C   1 
ATOM   115  O O   . VAL A 1 40  ? 4.040   -6.190  15.080  1.00 71.33  ? 20  VAL A O   1 
ATOM   116  C CB  . VAL A 1 40  ? 5.883   -8.853  14.287  1.00 71.54  ? 20  VAL A CB  1 
ATOM   117  C CG1 . VAL A 1 40  ? 6.615   -8.079  15.361  1.00 70.70  ? 20  VAL A CG1 1 
ATOM   118  C CG2 . VAL A 1 40  ? 5.930   -10.338 14.605  1.00 70.14  ? 20  VAL A CG2 1 
ATOM   119  N N   . VAL A 1 41  ? 4.665   -6.330  12.934  1.00 71.99  ? 21  VAL A N   1 
ATOM   120  C CA  . VAL A 1 41  ? 4.630   -4.890  12.747  1.00 72.91  ? 21  VAL A CA  1 
ATOM   121  C C   . VAL A 1 41  ? 3.199   -4.397  12.938  1.00 73.94  ? 21  VAL A C   1 
ATOM   122  O O   . VAL A 1 41  ? 2.960   -3.332  13.508  1.00 73.77  ? 21  VAL A O   1 
ATOM   123  C CB  . VAL A 1 41  ? 5.137   -4.512  11.350  1.00 72.76  ? 21  VAL A CB  1 
ATOM   124  C CG1 . VAL A 1 41  ? 4.837   -3.047  11.053  1.00 73.20  ? 21  VAL A CG1 1 
ATOM   125  C CG2 . VAL A 1 41  ? 6.632   -4.767  11.277  1.00 71.03  ? 21  VAL A CG2 1 
ATOM   126  N N   . GLY A 1 42  ? 2.246   -5.193  12.477  1.00 74.88  ? 22  GLY A N   1 
ATOM   127  C CA  . GLY A 1 42  ? 0.856   -4.820  12.623  1.00 77.22  ? 22  GLY A CA  1 
ATOM   128  C C   . GLY A 1 42  ? 0.350   -5.011  14.038  1.00 78.98  ? 22  GLY A C   1 
ATOM   129  O O   . GLY A 1 42  ? -0.820  -5.327  14.245  1.00 80.05  ? 22  GLY A O   1 
ATOM   130  N N   . GLN A 1 43  ? 1.223   -4.839  15.022  1.00 80.23  ? 23  GLN A N   1 
ATOM   131  C CA  . GLN A 1 43  ? 0.803   -4.989  16.409  1.00 81.13  ? 23  GLN A CA  1 
ATOM   132  C C   . GLN A 1 43  ? 1.810   -4.409  17.385  1.00 79.57  ? 23  GLN A C   1 
ATOM   133  O O   . GLN A 1 43  ? 1.459   -4.074  18.515  1.00 79.79  ? 23  GLN A O   1 
ATOM   134  C CB  . GLN A 1 43  ? 0.554   -6.459  16.749  1.00 83.16  ? 23  GLN A CB  1 
ATOM   135  C CG  . GLN A 1 43  ? 1.789   -7.225  17.172  1.00 87.32  ? 23  GLN A CG  1 
ATOM   136  C CD  . GLN A 1 43  ? 1.468   -8.641  17.623  1.00 90.25  ? 23  GLN A CD  1 
ATOM   137  O OE1 . GLN A 1 43  ? 2.369   -9.429  17.924  1.00 90.86  ? 23  GLN A OE1 1 
ATOM   138  N NE2 . GLN A 1 43  ? 0.178   -8.975  17.671  1.00 91.32  ? 23  GLN A NE2 1 
ATOM   139  N N   . LYS A 1 44  ? 3.060   -4.288  16.956  1.00 77.94  ? 24  LYS A N   1 
ATOM   140  C CA  . LYS A 1 44  ? 4.091   -3.735  17.818  1.00 76.19  ? 24  LYS A CA  1 
ATOM   141  C C   . LYS A 1 44  ? 4.902   -2.682  17.096  1.00 74.66  ? 24  LYS A C   1 
ATOM   142  O O   . LYS A 1 44  ? 5.831   -2.118  17.653  1.00 74.08  ? 24  LYS A O   1 
ATOM   143  C CB  . LYS A 1 44  ? 5.012   -4.846  18.332  1.00 77.85  ? 24  LYS A CB  1 
ATOM   144  C CG  . LYS A 1 44  ? 4.952   -5.034  19.845  1.00 79.61  ? 24  LYS A CG  1 
ATOM   145  C CD  . LYS A 1 44  ? 3.524   -5.277  20.303  1.00 80.65  ? 24  LYS A CD  1 
ATOM   146  C CE  . LYS A 1 44  ? 3.313   -4.836  21.740  1.00 81.23  ? 24  LYS A CE  1 
ATOM   147  N NZ  . LYS A 1 44  ? 1.853   -4.715  22.035  1.00 81.71  ? 24  LYS A NZ  1 
ATOM   148  N N   . GLY A 1 45  ? 4.544   -2.417  15.848  1.00 73.65  ? 25  GLY A N   1 
ATOM   149  C CA  . GLY A 1 45  ? 5.264   -1.421  15.080  1.00 72.04  ? 25  GLY A CA  1 
ATOM   150  C C   . GLY A 1 45  ? 6.674   -1.856  14.743  1.00 71.27  ? 25  GLY A C   1 
ATOM   151  O O   . GLY A 1 45  ? 7.288   -2.620  15.475  1.00 71.58  ? 25  GLY A O   1 
ATOM   152  N N   . ILE A 1 46  ? 7.194   -1.351  13.633  1.00 70.78  ? 26  ILE A N   1 
ATOM   153  C CA  . ILE A 1 46  ? 8.535   -1.692  13.180  1.00 71.07  ? 26  ILE A CA  1 
ATOM   154  C C   . ILE A 1 46  ? 9.558   -1.836  14.305  1.00 71.91  ? 26  ILE A C   1 
ATOM   155  O O   . ILE A 1 46  ? 10.477  -2.649  14.215  1.00 72.14  ? 26  ILE A O   1 
ATOM   156  C CB  . ILE A 1 46  ? 9.052   -0.647  12.163  1.00 69.57  ? 26  ILE A CB  1 
ATOM   157  C CG1 . ILE A 1 46  ? 8.095   -0.576  10.968  1.00 68.66  ? 26  ILE A CG1 1 
ATOM   158  C CG2 . ILE A 1 46  ? 10.455  -1.018  11.693  1.00 67.46  ? 26  ILE A CG2 1 
ATOM   159  C CD1 . ILE A 1 46  ? 8.497   0.435   9.906   1.00 69.14  ? 26  ILE A CD1 1 
ATOM   160  N N   . ALA A 1 47  ? 9.393   -1.054  15.364  1.00 72.00  ? 27  ALA A N   1 
ATOM   161  C CA  . ALA A 1 47  ? 10.320  -1.090  16.487  1.00 71.97  ? 27  ALA A CA  1 
ATOM   162  C C   . ALA A 1 47  ? 10.348  -2.457  17.163  1.00 70.55  ? 27  ALA A C   1 
ATOM   163  O O   . ALA A 1 47  ? 11.418  -2.986  17.451  1.00 70.29  ? 27  ALA A O   1 
ATOM   164  C CB  . ALA A 1 47  ? 9.954   -0.009  17.496  1.00 73.25  ? 27  ALA A CB  1 
ATOM   165  N N   . GLY A 1 48  ? 9.174   -3.021  17.415  1.00 68.99  ? 28  GLY A N   1 
ATOM   166  C CA  . GLY A 1 48  ? 9.111   -4.323  18.046  1.00 68.32  ? 28  GLY A CA  1 
ATOM   167  C C   . GLY A 1 48  ? 9.257   -5.432  17.028  1.00 68.81  ? 28  GLY A C   1 
ATOM   168  O O   . GLY A 1 48  ? 8.525   -6.417  17.073  1.00 69.64  ? 28  GLY A O   1 
ATOM   169  N N   . LEU A 1 49  ? 10.205  -5.271  16.107  1.00 68.51  ? 29  LEU A N   1 
ATOM   170  C CA  . LEU A 1 49  ? 10.440  -6.262  15.056  1.00 67.16  ? 29  LEU A CA  1 
ATOM   171  C C   . LEU A 1 49  ? 11.893  -6.725  15.059  1.00 65.10  ? 29  LEU A C   1 
ATOM   172  O O   . LEU A 1 49  ? 12.790  -5.990  14.646  1.00 64.12  ? 29  LEU A O   1 
ATOM   173  C CB  . LEU A 1 49  ? 10.115  -5.666  13.683  1.00 68.05  ? 29  LEU A CB  1 
ATOM   174  C CG  . LEU A 1 49  ? 9.849   -6.580  12.479  1.00 69.52  ? 29  LEU A CG  1 
ATOM   175  C CD1 . LEU A 1 49  ? 10.338  -5.891  11.216  1.00 69.29  ? 29  LEU A CD1 1 
ATOM   176  C CD2 . LEU A 1 49  ? 10.565  -7.896  12.626  1.00 70.61  ? 29  LEU A CD2 1 
ATOM   177  N N   . SER A 1 50  ? 12.115  -7.951  15.517  1.00 63.51  ? 30  SER A N   1 
ATOM   178  C CA  . SER A 1 50  ? 13.457  -8.520  15.561  1.00 61.69  ? 30  SER A CA  1 
ATOM   179  C C   . SER A 1 50  ? 13.385  -9.920  14.957  1.00 59.79  ? 30  SER A C   1 
ATOM   180  O O   . SER A 1 50  ? 12.306  -10.391 14.617  1.00 58.20  ? 30  SER A O   1 
ATOM   181  C CB  . SER A 1 50  ? 13.936  -8.617  17.013  1.00 61.46  ? 30  SER A CB  1 
ATOM   182  O OG  . SER A 1 50  ? 13.135  -9.541  17.738  1.00 61.04  ? 30  SER A OG  1 
ATOM   183  N N   . HIS A 1 51  ? 14.532  -10.581 14.822  1.00 58.38  ? 31  HIS A N   1 
ATOM   184  C CA  . HIS A 1 51  ? 14.554  -11.933 14.294  1.00 56.99  ? 31  HIS A CA  1 
ATOM   185  C C   . HIS A 1 51  ? 13.977  -12.846 15.367  1.00 57.54  ? 31  HIS A C   1 
ATOM   186  O O   . HIS A 1 51  ? 13.499  -13.946 15.074  1.00 57.29  ? 31  HIS A O   1 
ATOM   187  C CB  . HIS A 1 51  ? 15.980  -12.367 13.946  1.00 55.71  ? 31  HIS A CB  1 
ATOM   188  C CG  . HIS A 1 51  ? 16.574  -11.635 12.781  1.00 55.63  ? 31  HIS A CG  1 
ATOM   189  N ND1 . HIS A 1 51  ? 17.278  -10.460 12.919  1.00 55.44  ? 31  HIS A ND1 1 
ATOM   190  C CD2 . HIS A 1 51  ? 16.581  -11.923 11.456  1.00 55.76  ? 31  HIS A CD2 1 
ATOM   191  C CE1 . HIS A 1 51  ? 17.700  -10.058 11.734  1.00 56.24  ? 31  HIS A CE1 1 
ATOM   192  N NE2 . HIS A 1 51  ? 17.291  -10.928 10.828  1.00 55.89  ? 31  HIS A NE2 1 
ATOM   193  N N   . ARG A 1 52  ? 14.022  -12.389 16.617  1.00 57.99  ? 32  ARG A N   1 
ATOM   194  C CA  . ARG A 1 52  ? 13.466  -13.168 17.717  1.00 59.26  ? 32  ARG A CA  1 
ATOM   195  C C   . ARG A 1 52  ? 11.953  -13.093 17.620  1.00 58.71  ? 32  ARG A C   1 
ATOM   196  O O   . ARG A 1 52  ? 11.263  -14.115 17.668  1.00 57.78  ? 32  ARG A O   1 
ATOM   197  C CB  . ARG A 1 52  ? 13.901  -12.603 19.072  1.00 63.49  ? 32  ARG A CB  1 
ATOM   198  C CG  . ARG A 1 52  ? 14.974  -13.406 19.805  1.00 66.70  ? 32  ARG A CG  1 
ATOM   199  C CD  . ARG A 1 52  ? 16.373  -13.087 19.301  1.00 70.64  ? 32  ARG A CD  1 
ATOM   200  N NE  . ARG A 1 52  ? 17.398  -13.689 20.150  1.00 72.70  ? 32  ARG A NE  1 
ATOM   201  C CZ  . ARG A 1 52  ? 18.704  -13.476 20.018  1.00 74.95  ? 32  ARG A CZ  1 
ATOM   202  N NH1 . ARG A 1 52  ? 19.161  -12.670 19.070  1.00 75.23  ? 32  ARG A NH1 1 
ATOM   203  N NH2 . ARG A 1 52  ? 19.556  -14.069 20.841  1.00 76.31  ? 32  ARG A NH2 1 
ATOM   204  N N   . THR A 1 53  ? 11.448  -11.867 17.479  1.00 57.11  ? 33  THR A N   1 
ATOM   205  C CA  . THR A 1 53  ? 10.012  -11.617 17.367  1.00 56.51  ? 33  THR A CA  1 
ATOM   206  C C   . THR A 1 53  ? 9.433   -12.424 16.218  1.00 55.19  ? 33  THR A C   1 
ATOM   207  O O   . THR A 1 53  ? 8.418   -13.100 16.365  1.00 53.60  ? 33  THR A O   1 
ATOM   208  C CB  . THR A 1 53  ? 9.719   -10.118 17.101  1.00 57.12  ? 33  THR A CB  1 
ATOM   209  O OG1 . THR A 1 53  ? 10.442  -9.688  15.945  1.00 58.56  ? 33  THR A OG1 1 
ATOM   210  C CG2 . THR A 1 53  ? 10.143  -9.265  18.270  1.00 57.59  ? 33  THR A CG2 1 
ATOM   211  N N   . VAL A 1 54  ? 10.099  -12.350 15.070  1.00 54.58  ? 34  VAL A N   1 
ATOM   212  C CA  . VAL A 1 54  ? 9.653   -13.051 13.876  1.00 54.85  ? 34  VAL A CA  1 
ATOM   213  C C   . VAL A 1 54  ? 9.730   -14.564 14.016  1.00 55.40  ? 34  VAL A C   1 
ATOM   214  O O   . VAL A 1 54  ? 8.808   -15.283 13.634  1.00 56.47  ? 34  VAL A O   1 
ATOM   215  C CB  . VAL A 1 54  ? 10.484  -12.627 12.653  1.00 54.92  ? 34  VAL A CB  1 
ATOM   216  C CG1 . VAL A 1 54  ? 9.918   -13.257 11.396  1.00 56.23  ? 34  VAL A CG1 1 
ATOM   217  C CG2 . VAL A 1 54  ? 10.479  -11.121 12.525  1.00 55.96  ? 34  VAL A CG2 1 
ATOM   218  N N   . ALA A 1 55  ? 10.846  -15.048 14.542  1.00 55.57  ? 35  ALA A N   1 
ATOM   219  C CA  . ALA A 1 55  ? 11.031  -16.473 14.723  1.00 56.21  ? 35  ALA A CA  1 
ATOM   220  C C   . ALA A 1 55  ? 9.917   -16.987 15.627  1.00 56.89  ? 35  ALA A C   1 
ATOM   221  O O   . ALA A 1 55  ? 9.267   -17.988 15.317  1.00 56.06  ? 35  ALA A O   1 
ATOM   222  C CB  . ALA A 1 55  ? 12.401  -16.748 15.344  1.00 56.07  ? 35  ALA A CB  1 
ATOM   223  N N   . ALA A 1 56  ? 9.693   -16.291 16.739  1.00 56.57  ? 36  ALA A N   1 
ATOM   224  C CA  . ALA A 1 56  ? 8.644   -16.682 17.668  1.00 57.51  ? 36  ALA A CA  1 
ATOM   225  C C   . ALA A 1 56  ? 7.328   -16.722 16.924  1.00 59.18  ? 36  ALA A C   1 
ATOM   226  O O   . ALA A 1 56  ? 6.712   -17.779 16.798  1.00 59.84  ? 36  ALA A O   1 
ATOM   227  C CB  . ALA A 1 56  ? 8.552   -15.701 18.795  1.00 55.29  ? 36  ALA A CB  1 
ATOM   228  N N   . GLU A 1 57  ? 6.904   -15.567 16.416  1.00 59.44  ? 37  GLU A N   1 
ATOM   229  C CA  . GLU A 1 57  ? 5.640   -15.477 15.693  1.00 60.59  ? 37  GLU A CA  1 
ATOM   230  C C   . GLU A 1 57  ? 5.479   -16.536 14.606  1.00 60.46  ? 37  GLU A C   1 
ATOM   231  O O   . GLU A 1 57  ? 4.487   -17.258 14.601  1.00 62.47  ? 37  GLU A O   1 
ATOM   232  C CB  . GLU A 1 57  ? 5.464   -14.086 15.082  1.00 62.40  ? 37  GLU A CB  1 
ATOM   233  C CG  . GLU A 1 57  ? 4.116   -13.905 14.414  1.00 63.70  ? 37  GLU A CG  1 
ATOM   234  C CD  . GLU A 1 57  ? 2.966   -14.117 15.380  1.00 64.58  ? 37  GLU A CD  1 
ATOM   235  O OE1 . GLU A 1 57  ? 1.927   -14.656 14.947  1.00 65.63  ? 37  GLU A OE1 1 
ATOM   236  O OE2 . GLU A 1 57  ? 3.101   -13.739 16.563  1.00 64.15  ? 37  GLU A OE2 1 
ATOM   237  N N   . ALA A 1 58  ? 6.437   -16.633 13.688  1.00 58.73  ? 38  ALA A N   1 
ATOM   238  C CA  . ALA A 1 58  ? 6.353   -17.640 12.632  1.00 58.28  ? 38  ALA A CA  1 
ATOM   239  C C   . ALA A 1 58  ? 6.597   -19.022 13.228  1.00 57.45  ? 38  ALA A C   1 
ATOM   240  O O   . ALA A 1 58  ? 6.364   -20.046 12.585  1.00 55.73  ? 38  ALA A O   1 
ATOM   241  C CB  . ALA A 1 58  ? 7.377   -17.358 11.541  1.00 57.42  ? 38  ALA A CB  1 
ATOM   242  N N   . ASP A 1 59  ? 7.063   -19.043 14.471  1.00 58.10  ? 39  ASP A N   1 
ATOM   243  C CA  . ASP A 1 59  ? 7.351   -20.293 15.153  1.00 58.65  ? 39  ASP A CA  1 
ATOM   244  C C   . ASP A 1 59  ? 8.304   -21.098 14.282  1.00 58.35  ? 39  ASP A C   1 
ATOM   245  O O   . ASP A 1 59  ? 7.985   -22.190 13.800  1.00 57.14  ? 39  ASP A O   1 
ATOM   246  C CB  . ASP A 1 59  ? 6.056   -21.058 15.397  1.00 61.33  ? 39  ASP A CB  1 
ATOM   247  C CG  . ASP A 1 59  ? 6.286   -22.370 16.097  1.00 63.81  ? 39  ASP A CG  1 
ATOM   248  O OD1 . ASP A 1 59  ? 7.070   -22.398 17.074  1.00 65.33  ? 39  ASP A OD1 1 
ATOM   249  O OD2 . ASP A 1 59  ? 5.675   -23.371 15.671  1.00 64.27  ? 39  ASP A OD2 1 
ATOM   250  N N   . VAL A 1 60  ? 9.489   -20.533 14.085  1.00 56.87  ? 40  VAL A N   1 
ATOM   251  C CA  . VAL A 1 60  ? 10.508  -21.156 13.260  1.00 54.92  ? 40  VAL A CA  1 
ATOM   252  C C   . VAL A 1 60  ? 11.875  -20.871 13.915  1.00 54.44  ? 40  VAL A C   1 
ATOM   253  O O   . VAL A 1 60  ? 12.014  -19.909 14.677  1.00 53.09  ? 40  VAL A O   1 
ATOM   254  C CB  . VAL A 1 60  ? 10.405  -20.567 11.817  1.00 54.92  ? 40  VAL A CB  1 
ATOM   255  C CG1 . VAL A 1 60  ? 11.191  -19.279 11.710  1.00 52.78  ? 40  VAL A CG1 1 
ATOM   256  C CG2 . VAL A 1 60  ? 10.837  -21.575 10.799  1.00 54.12  ? 40  VAL A CG2 1 
ATOM   257  N N   . PRO A 1 61  ? 12.893  -21.715 13.653  1.00 53.08  ? 41  PRO A N   1 
ATOM   258  C CA  . PRO A 1 61  ? 14.197  -21.464 14.263  1.00 51.55  ? 41  PRO A CA  1 
ATOM   259  C C   . PRO A 1 61  ? 14.694  -20.066 13.959  1.00 50.91  ? 41  PRO A C   1 
ATOM   260  O O   . PRO A 1 61  ? 14.456  -19.527 12.881  1.00 51.79  ? 41  PRO A O   1 
ATOM   261  C CB  . PRO A 1 61  ? 15.089  -22.528 13.629  1.00 50.73  ? 41  PRO A CB  1 
ATOM   262  C CG  . PRO A 1 61  ? 14.174  -23.626 13.431  1.00 52.34  ? 41  PRO A CG  1 
ATOM   263  C CD  . PRO A 1 61  ? 12.936  -22.961 12.875  1.00 51.80  ? 41  PRO A CD  1 
ATOM   264  N N   . LEU A 1 62  ? 15.379  -19.476 14.923  1.00 48.84  ? 42  LEU A N   1 
ATOM   265  C CA  . LEU A 1 62  ? 15.929  -18.156 14.735  1.00 49.65  ? 42  LEU A CA  1 
ATOM   266  C C   . LEU A 1 62  ? 16.812  -18.276 13.500  1.00 48.42  ? 42  LEU A C   1 
ATOM   267  O O   . LEU A 1 62  ? 16.864  -17.384 12.667  1.00 49.76  ? 42  LEU A O   1 
ATOM   268  C CB  . LEU A 1 62  ? 16.787  -17.788 15.937  1.00 49.85  ? 42  LEU A CB  1 
ATOM   269  C CG  . LEU A 1 62  ? 17.132  -16.338 16.256  1.00 52.22  ? 42  LEU A CG  1 
ATOM   270  C CD1 . LEU A 1 62  ? 18.281  -16.374 17.277  1.00 54.00  ? 42  LEU A CD1 1 
ATOM   271  C CD2 . LEU A 1 62  ? 17.543  -15.557 15.024  1.00 50.31  ? 42  LEU A CD2 1 
ATOM   272  N N   . GLY A 1 63  ? 17.503  -19.401 13.394  1.00 46.27  ? 43  GLY A N   1 
ATOM   273  C CA  . GLY A 1 63  ? 18.387  -19.630 12.272  1.00 44.95  ? 43  GLY A CA  1 
ATOM   274  C C   . GLY A 1 63  ? 17.715  -19.422 10.944  1.00 43.31  ? 43  GLY A C   1 
ATOM   275  O O   . GLY A 1 63  ? 18.288  -18.799 10.074  1.00 43.78  ? 43  GLY A O   1 
ATOM   276  N N   . SER A 1 64  ? 16.507  -19.950 10.785  1.00 43.42  ? 44  SER A N   1 
ATOM   277  C CA  . SER A 1 64  ? 15.753  -19.797 9.548   1.00 44.06  ? 44  SER A CA  1 
ATOM   278  C C   . SER A 1 64  ? 15.579  -18.333 9.148   1.00 44.14  ? 44  SER A C   1 
ATOM   279  O O   . SER A 1 64  ? 15.877  -17.946 8.018   1.00 44.20  ? 44  SER A O   1 
ATOM   280  C CB  . SER A 1 64  ? 14.372  -20.437 9.679   1.00 45.90  ? 44  SER A CB  1 
ATOM   281  O OG  . SER A 1 64  ? 14.477  -21.837 9.832   1.00 50.07  ? 44  SER A OG  1 
ATOM   282  N N   . THR A 1 65  ? 15.097  -17.514 10.074  1.00 42.70  ? 45  THR A N   1 
ATOM   283  C CA  . THR A 1 65  ? 14.877  -16.110 9.764   1.00 42.67  ? 45  THR A CA  1 
ATOM   284  C C   . THR A 1 65  ? 16.131  -15.371 9.304   1.00 42.15  ? 45  THR A C   1 
ATOM   285  O O   . THR A 1 65  ? 16.042  -14.498 8.443   1.00 41.29  ? 45  THR A O   1 
ATOM   286  C CB  . THR A 1 65  ? 14.267  -15.353 10.957  1.00 41.60  ? 45  THR A CB  1 
ATOM   287  O OG1 . THR A 1 65  ? 15.300  -14.966 11.856  1.00 40.91  ? 45  THR A OG1 1 
ATOM   288  C CG2 . THR A 1 65  ? 13.278  -16.227 11.692  1.00 40.52  ? 45  THR A CG2 1 
ATOM   289  N N   . THR A 1 66  ? 17.293  -15.701 9.870   1.00 41.41  ? 46  THR A N   1 
ATOM   290  C CA  . THR A 1 66  ? 18.533  -15.029 9.470   1.00 41.93  ? 46  THR A CA  1 
ATOM   291  C C   . THR A 1 66  ? 19.071  -15.643 8.186   1.00 42.05  ? 46  THR A C   1 
ATOM   292  O O   . THR A 1 66  ? 19.702  -14.962 7.377   1.00 42.96  ? 46  THR A O   1 
ATOM   293  C CB  . THR A 1 66  ? 19.627  -15.119 10.548  1.00 39.98  ? 46  THR A CB  1 
ATOM   294  O OG1 . THR A 1 66  ? 19.901  -16.486 10.811  1.00 42.18  ? 46  THR A OG1 1 
ATOM   295  C CG2 . THR A 1 66  ? 19.196  -14.454 11.838  1.00 36.92  ? 46  THR A CG2 1 
ATOM   296  N N   . TYR A 1 67  ? 18.823  -16.932 8.004   1.00 42.87  ? 47  TYR A N   1 
ATOM   297  C CA  . TYR A 1 67  ? 19.249  -17.616 6.796   1.00 45.25  ? 47  TYR A CA  1 
ATOM   298  C C   . TYR A 1 67  ? 18.520  -16.993 5.602   1.00 44.59  ? 47  TYR A C   1 
ATOM   299  O O   . TYR A 1 67  ? 19.111  -16.783 4.544   1.00 42.80  ? 47  TYR A O   1 
ATOM   300  C CB  . TYR A 1 67  ? 18.908  -19.107 6.887   1.00 46.65  ? 47  TYR A CB  1 
ATOM   301  C CG  . TYR A 1 67  ? 19.161  -19.877 5.615   1.00 48.57  ? 47  TYR A CG  1 
ATOM   302  C CD1 . TYR A 1 67  ? 18.109  -20.446 4.894   1.00 51.13  ? 47  TYR A CD1 1 
ATOM   303  C CD2 . TYR A 1 67  ? 20.451  -20.028 5.121   1.00 49.69  ? 47  TYR A CD2 1 
ATOM   304  C CE1 . TYR A 1 67  ? 18.346  -21.149 3.699   1.00 51.33  ? 47  TYR A CE1 1 
ATOM   305  C CE2 . TYR A 1 67  ? 20.699  -20.721 3.939   1.00 50.20  ? 47  TYR A CE2 1 
ATOM   306  C CZ  . TYR A 1 67  ? 19.647  -21.276 3.230   1.00 51.83  ? 47  TYR A CZ  1 
ATOM   307  O OH  . TYR A 1 67  ? 19.912  -21.934 2.052   1.00 54.24  ? 47  TYR A OH  1 
ATOM   308  N N   . HIS A 1 68  ? 17.242  -16.677 5.788   1.00 42.98  ? 48  HIS A N   1 
ATOM   309  C CA  . HIS A 1 68  ? 16.436  -16.098 4.715   1.00 43.44  ? 48  HIS A CA  1 
ATOM   310  C C   . HIS A 1 68  ? 16.544  -14.590 4.610   1.00 43.33  ? 48  HIS A C   1 
ATOM   311  O O   . HIS A 1 68  ? 16.481  -14.038 3.521   1.00 43.32  ? 48  HIS A O   1 
ATOM   312  C CB  . HIS A 1 68  ? 14.967  -16.494 4.882   1.00 41.91  ? 48  HIS A CB  1 
ATOM   313  C CG  . HIS A 1 68  ? 14.683  -17.923 4.537   1.00 43.40  ? 48  HIS A CG  1 
ATOM   314  N ND1 . HIS A 1 68  ? 14.980  -18.464 3.306   1.00 44.02  ? 48  HIS A ND1 1 
ATOM   315  C CD2 . HIS A 1 68  ? 14.105  -18.917 5.252   1.00 44.44  ? 48  HIS A CD2 1 
ATOM   316  C CE1 . HIS A 1 68  ? 14.597  -19.727 3.274   1.00 42.04  ? 48  HIS A CE1 1 
ATOM   317  N NE2 . HIS A 1 68  ? 14.063  -20.027 4.443   1.00 45.23  ? 48  HIS A NE2 1 
ATOM   318  N N   . PHE A 1 69  ? 16.721  -13.925 5.740   1.00 44.45  ? 49  PHE A N   1 
ATOM   319  C CA  . PHE A 1 69  ? 16.808  -12.482 5.751   1.00 46.20  ? 49  PHE A CA  1 
ATOM   320  C C   . PHE A 1 69  ? 17.917  -12.012 6.655   1.00 47.58  ? 49  PHE A C   1 
ATOM   321  O O   . PHE A 1 69  ? 17.727  -11.869 7.853   1.00 48.62  ? 49  PHE A O   1 
ATOM   322  C CB  . PHE A 1 69  ? 15.471  -11.883 6.200   1.00 43.63  ? 49  PHE A CB  1 
ATOM   323  C CG  . PHE A 1 69  ? 14.322  -12.274 5.328   1.00 42.11  ? 49  PHE A CG  1 
ATOM   324  C CD1 . PHE A 1 69  ? 13.480  -13.305 5.692   1.00 40.24  ? 49  PHE A CD1 1 
ATOM   325  C CD2 . PHE A 1 69  ? 14.135  -11.664 4.091   1.00 41.11  ? 49  PHE A CD2 1 
ATOM   326  C CE1 . PHE A 1 69  ? 12.469  -13.741 4.832   1.00 40.21  ? 49  PHE A CE1 1 
ATOM   327  C CE2 . PHE A 1 69  ? 13.140  -12.091 3.241   1.00 41.27  ? 49  PHE A CE2 1 
ATOM   328  C CZ  . PHE A 1 69  ? 12.302  -13.138 3.615   1.00 39.56  ? 49  PHE A CZ  1 
ATOM   329  N N   . ALA A 1 70  ? 19.080  -11.768 6.071   1.00 50.27  ? 50  ALA A N   1 
ATOM   330  C CA  . ALA A 1 70  ? 20.231  -11.320 6.834   1.00 53.27  ? 50  ALA A CA  1 
ATOM   331  C C   . ALA A 1 70  ? 19.906  -10.095 7.682   1.00 54.45  ? 50  ALA A C   1 
ATOM   332  O O   . ALA A 1 70  ? 20.128  -10.096 8.892   1.00 53.79  ? 50  ALA A O   1 
ATOM   333  C CB  . ALA A 1 70  ? 21.380  -11.013 5.896   1.00 51.92  ? 50  ALA A CB  1 
ATOM   334  N N   . THR A 1 71  ? 19.370  -9.057  7.044   1.00 55.39  ? 51  THR A N   1 
ATOM   335  C CA  . THR A 1 71  ? 19.028  -7.823  7.745   1.00 56.99  ? 51  THR A CA  1 
ATOM   336  C C   . THR A 1 71  ? 17.527  -7.672  7.967   1.00 58.70  ? 51  THR A C   1 
ATOM   337  O O   . THR A 1 71  ? 16.719  -8.228  7.222   1.00 58.88  ? 51  THR A O   1 
ATOM   338  C CB  . THR A 1 71  ? 19.518  -6.587  6.957   1.00 56.25  ? 51  THR A CB  1 
ATOM   339  O OG1 . THR A 1 71  ? 20.947  -6.586  6.900   1.00 57.32  ? 51  THR A OG1 1 
ATOM   340  C CG2 . THR A 1 71  ? 19.068  -5.311  7.625   1.00 59.05  ? 51  THR A CG2 1 
ATOM   341  N N   . LEU A 1 72  ? 17.157  -6.921  9.001   1.00 59.45  ? 52  LEU A N   1 
ATOM   342  C CA  . LEU A 1 72  ? 15.757  -6.663  9.280   1.00 60.82  ? 52  LEU A CA  1 
ATOM   343  C C   . LEU A 1 72  ? 15.233  -5.800  8.146   1.00 62.23  ? 52  LEU A C   1 
ATOM   344  O O   . LEU A 1 72  ? 14.055  -5.860  7.798   1.00 60.86  ? 52  LEU A O   1 
ATOM   345  C CB  . LEU A 1 72  ? 15.587  -5.943  10.615  1.00 61.28  ? 52  LEU A CB  1 
ATOM   346  C CG  . LEU A 1 72  ? 15.697  -6.873  11.825  1.00 63.29  ? 52  LEU A CG  1 
ATOM   347  C CD1 . LEU A 1 72  ? 15.543  -6.074  13.111  1.00 63.32  ? 52  LEU A CD1 1 
ATOM   348  C CD2 . LEU A 1 72  ? 14.624  -7.958  11.729  1.00 61.35  ? 52  LEU A CD2 1 
ATOM   349  N N   . ASP A 1 73  ? 16.118  -4.994  7.566   1.00 63.62  ? 53  ASP A N   1 
ATOM   350  C CA  . ASP A 1 73  ? 15.723  -4.160  6.445   1.00 64.98  ? 53  ASP A CA  1 
ATOM   351  C C   . ASP A 1 73  ? 15.397  -5.043  5.249   1.00 64.11  ? 53  ASP A C   1 
ATOM   352  O O   . ASP A 1 73  ? 14.485  -4.742  4.478   1.00 64.74  ? 53  ASP A O   1 
ATOM   353  C CB  . ASP A 1 73  ? 16.828  -3.171  6.077   1.00 69.49  ? 53  ASP A CB  1 
ATOM   354  C CG  . ASP A 1 73  ? 16.658  -1.830  6.764   1.00 73.03  ? 53  ASP A CG  1 
ATOM   355  O OD1 . ASP A 1 73  ? 15.507  -1.491  7.123   1.00 74.57  ? 53  ASP A OD1 1 
ATOM   356  O OD2 . ASP A 1 73  ? 17.667  -1.106  6.929   1.00 75.39  ? 53  ASP A OD2 1 
ATOM   357  N N   . ASP A 1 74  ? 16.133  -6.139  5.092   1.00 61.31  ? 54  ASP A N   1 
ATOM   358  C CA  . ASP A 1 74  ? 15.873  -7.047  3.981   1.00 60.25  ? 54  ASP A CA  1 
ATOM   359  C C   . ASP A 1 74  ? 14.509  -7.655  4.198   1.00 58.33  ? 54  ASP A C   1 
ATOM   360  O O   . ASP A 1 74  ? 13.772  -7.912  3.250   1.00 58.35  ? 54  ASP A O   1 
ATOM   361  C CB  . ASP A 1 74  ? 16.915  -8.159  3.920   1.00 60.99  ? 54  ASP A CB  1 
ATOM   362  C CG  . ASP A 1 74  ? 18.278  -7.648  3.545   1.00 62.09  ? 54  ASP A CG  1 
ATOM   363  O OD1 . ASP A 1 74  ? 18.392  -7.028  2.474   1.00 64.14  ? 54  ASP A OD1 1 
ATOM   364  O OD2 . ASP A 1 74  ? 19.233  -7.864  4.316   1.00 62.63  ? 54  ASP A OD2 1 
ATOM   365  N N   . LEU A 1 75  ? 14.182  -7.888  5.461   1.00 55.35  ? 55  LEU A N   1 
ATOM   366  C CA  . LEU A 1 75  ? 12.896  -8.462  5.814   1.00 53.39  ? 55  LEU A CA  1 
ATOM   367  C C   . LEU A 1 75  ? 11.796  -7.425  5.569   1.00 52.88  ? 55  LEU A C   1 
ATOM   368  O O   . LEU A 1 75  ? 10.761  -7.735  4.990   1.00 49.55  ? 55  LEU A O   1 
ATOM   369  C CB  . LEU A 1 75  ? 12.899  -8.899  7.281   1.00 51.21  ? 55  LEU A CB  1 
ATOM   370  C CG  . LEU A 1 75  ? 11.601  -9.501  7.819   1.00 50.67  ? 55  LEU A CG  1 
ATOM   371  C CD1 . LEU A 1 75  ? 11.142  -10.640 6.921   1.00 47.85  ? 55  LEU A CD1 1 
ATOM   372  C CD2 . LEU A 1 75  ? 11.817  -9.983  9.236   1.00 46.90  ? 55  LEU A CD2 1 
ATOM   373  N N   . MET A 1 76  ? 12.035  -6.194  6.005   1.00 53.43  ? 56  MET A N   1 
ATOM   374  C CA  . MET A 1 76  ? 11.067  -5.127  5.813   1.00 54.76  ? 56  MET A CA  1 
ATOM   375  C C   . MET A 1 76  ? 10.798  -4.925  4.337   1.00 54.78  ? 56  MET A C   1 
ATOM   376  O O   . MET A 1 76  ? 9.649   -4.970  3.896   1.00 54.78  ? 56  MET A O   1 
ATOM   377  C CB  . MET A 1 76  ? 11.573  -3.822  6.415   1.00 56.24  ? 56  MET A CB  1 
ATOM   378  C CG  . MET A 1 76  ? 11.200  -3.653  7.853   1.00 58.51  ? 56  MET A CG  1 
ATOM   379  S SD  . MET A 1 76  ? 9.489   -4.151  8.046   1.00 67.69  ? 56  MET A SD  1 
ATOM   380  C CE  . MET A 1 76  ? 8.611   -2.702  7.408   1.00 62.15  ? 56  MET A CE  1 
ATOM   381  N N   . VAL A 1 77  ? 11.868  -4.707  3.584   1.00 53.71  ? 57  VAL A N   1 
ATOM   382  C CA  . VAL A 1 77  ? 11.785  -4.495  2.150   1.00 53.62  ? 57  VAL A CA  1 
ATOM   383  C C   . VAL A 1 77  ? 10.996  -5.598  1.470   1.00 53.17  ? 57  VAL A C   1 
ATOM   384  O O   . VAL A 1 77  ? 10.201  -5.334  0.566   1.00 53.43  ? 57  VAL A O   1 
ATOM   385  C CB  . VAL A 1 77  ? 13.196  -4.440  1.516   1.00 55.49  ? 57  VAL A CB  1 
ATOM   386  C CG1 . VAL A 1 77  ? 13.096  -4.424  0.007   1.00 53.44  ? 57  VAL A CG1 1 
ATOM   387  C CG2 . VAL A 1 77  ? 13.939  -3.208  2.012   1.00 57.10  ? 57  VAL A CG2 1 
ATOM   388  N N   . ALA A 1 78  ? 11.221  -6.836  1.889   1.00 51.40  ? 58  ALA A N   1 
ATOM   389  C CA  . ALA A 1 78  ? 10.512  -7.947  1.287   1.00 50.82  ? 58  ALA A CA  1 
ATOM   390  C C   . ALA A 1 78  ? 9.035   -7.802  1.596   1.00 52.25  ? 58  ALA A C   1 
ATOM   391  O O   . ALA A 1 78  ? 8.189   -8.013  0.729   1.00 53.13  ? 58  ALA A O   1 
ATOM   392  C CB  . ALA A 1 78  ? 11.031  -9.251  1.826   1.00 48.24  ? 58  ALA A CB  1 
ATOM   393  N N   . ALA A 1 79  ? 8.722   -7.434  2.831   1.00 51.44  ? 59  ALA A N   1 
ATOM   394  C CA  . ALA A 1 79  ? 7.337   -7.269  3.244   1.00 53.18  ? 59  ALA A CA  1 
ATOM   395  C C   . ALA A 1 79  ? 6.627   -6.219  2.388   1.00 54.55  ? 59  ALA A C   1 
ATOM   396  O O   . ALA A 1 79  ? 5.519   -6.451  1.897   1.00 54.35  ? 59  ALA A O   1 
ATOM   397  C CB  . ALA A 1 79  ? 7.278   -6.875  4.710   1.00 51.89  ? 59  ALA A CB  1 
ATOM   398  N N   . LEU A 1 80  ? 7.264   -5.065  2.220   1.00 54.85  ? 60  LEU A N   1 
ATOM   399  C CA  . LEU A 1 80  ? 6.695   -3.987  1.424   1.00 57.77  ? 60  LEU A CA  1 
ATOM   400  C C   . LEU A 1 80  ? 6.509   -4.417  -0.020  1.00 58.50  ? 60  LEU A C   1 
ATOM   401  O O   . LEU A 1 80  ? 5.472   -4.153  -0.611  1.00 59.10  ? 60  LEU A O   1 
ATOM   402  C CB  . LEU A 1 80  ? 7.594   -2.754  1.476   1.00 57.61  ? 60  LEU A CB  1 
ATOM   403  C CG  . LEU A 1 80  ? 7.843   -2.214  2.883   1.00 59.48  ? 60  LEU A CG  1 
ATOM   404  C CD1 . LEU A 1 80  ? 8.990   -1.227  2.850   1.00 60.00  ? 60  LEU A CD1 1 
ATOM   405  C CD2 . LEU A 1 80  ? 6.583   -1.578  3.424   1.00 58.70  ? 60  LEU A CD2 1 
ATOM   406  N N   . ARG A 1 81  ? 7.507   -5.083  -0.592  1.00 60.40  ? 61  ARG A N   1 
ATOM   407  C CA  . ARG A 1 81  ? 7.399   -5.535  -1.973  1.00 61.74  ? 61  ARG A CA  1 
ATOM   408  C C   . ARG A 1 81  ? 6.189   -6.411  -2.143  1.00 60.76  ? 61  ARG A C   1 
ATOM   409  O O   . ARG A 1 81  ? 5.540   -6.377  -3.175  1.00 63.91  ? 61  ARG A O   1 
ATOM   410  C CB  . ARG A 1 81  ? 8.635   -6.318  -2.414  1.00 63.89  ? 61  ARG A CB  1 
ATOM   411  C CG  . ARG A 1 81  ? 9.865   -5.469  -2.660  1.00 69.34  ? 61  ARG A CG  1 
ATOM   412  C CD  . ARG A 1 81  ? 10.791  -6.152  -3.651  1.00 73.30  ? 61  ARG A CD  1 
ATOM   413  N NE  . ARG A 1 81  ? 12.190  -5.773  -3.469  1.00 78.21  ? 61  ARG A NE  1 
ATOM   414  C CZ  . ARG A 1 81  ? 12.671  -4.542  -3.614  1.00 80.51  ? 61  ARG A CZ  1 
ATOM   415  N NH1 . ARG A 1 81  ? 11.868  -3.538  -3.948  1.00 81.11  ? 61  ARG A NH1 1 
ATOM   416  N NH2 . ARG A 1 81  ? 13.965  -4.316  -3.419  1.00 80.79  ? 61  ARG A NH2 1 
ATOM   417  N N   . GLN A 1 82  ? 5.891   -7.206  -1.130  1.00 59.80  ? 62  GLN A N   1 
ATOM   418  C CA  . GLN A 1 82  ? 4.741   -8.085  -1.180  1.00 60.33  ? 62  GLN A CA  1 
ATOM   419  C C   . GLN A 1 82  ? 3.473   -7.246  -1.163  1.00 60.58  ? 62  GLN A C   1 
ATOM   420  O O   . GLN A 1 82  ? 2.518   -7.551  -1.864  1.00 61.42  ? 62  GLN A O   1 
ATOM   421  C CB  . GLN A 1 82  ? 4.751   -9.043  0.018   1.00 61.34  ? 62  GLN A CB  1 
ATOM   422  C CG  . GLN A 1 82  ? 3.407   -9.738  0.292   1.00 62.93  ? 62  GLN A CG  1 
ATOM   423  C CD  . GLN A 1 82  ? 3.481   -10.785 1.400   1.00 62.51  ? 62  GLN A CD  1 
ATOM   424  O OE1 . GLN A 1 82  ? 4.188   -11.786 1.281   1.00 63.03  ? 62  GLN A OE1 1 
ATOM   425  N NE2 . GLN A 1 82  ? 2.747   -10.556 2.480   1.00 61.03  ? 62  GLN A NE2 1 
ATOM   426  N N   . ALA A 1 83  ? 3.474   -6.188  -0.358  1.00 59.87  ? 63  ALA A N   1 
ATOM   427  C CA  . ALA A 1 83  ? 2.320   -5.312  -0.242  1.00 59.20  ? 63  ALA A CA  1 
ATOM   428  C C   . ALA A 1 83  ? 2.170   -4.488  -1.504  1.00 59.36  ? 63  ALA A C   1 
ATOM   429  O O   . ALA A 1 83  ? 1.059   -4.237  -1.948  1.00 58.87  ? 63  ALA A O   1 
ATOM   430  C CB  . ALA A 1 83  ? 2.475   -4.403  0.953   1.00 58.78  ? 63  ALA A CB  1 
ATOM   431  N N   . ASN A 1 84  ? 3.296   -4.060  -2.073  1.00 59.18  ? 64  ASN A N   1 
ATOM   432  C CA  . ASN A 1 84  ? 3.280   -3.270  -3.298  1.00 58.45  ? 64  ASN A CA  1 
ATOM   433  C C   . ASN A 1 84  ? 2.676   -4.113  -4.398  1.00 59.43  ? 64  ASN A C   1 
ATOM   434  O O   . ASN A 1 84  ? 1.817   -3.657  -5.142  1.00 59.41  ? 64  ASN A O   1 
ATOM   435  C CB  . ASN A 1 84  ? 4.693   -2.842  -3.711  1.00 57.93  ? 64  ASN A CB  1 
ATOM   436  C CG  . ASN A 1 84  ? 5.209   -1.657  -2.910  1.00 58.69  ? 64  ASN A CG  1 
ATOM   437  O OD1 . ASN A 1 84  ? 4.439   -0.910  -2.324  1.00 56.40  ? 64  ASN A OD1 1 
ATOM   438  N ND2 . ASN A 1 84  ? 6.526   -1.471  -2.904  1.00 60.69  ? 64  ASN A ND2 1 
ATOM   439  N N   . GLU A 1 85  ? 3.135   -5.353  -4.500  1.00 61.49  ? 65  GLU A N   1 
ATOM   440  C CA  . GLU A 1 85  ? 2.616   -6.262  -5.505  1.00 63.37  ? 65  GLU A CA  1 
ATOM   441  C C   . GLU A 1 85  ? 1.145   -6.526  -5.214  1.00 63.47  ? 65  GLU A C   1 
ATOM   442  O O   . GLU A 1 85  ? 0.355   -6.750  -6.125  1.00 65.48  ? 65  GLU A O   1 
ATOM   443  C CB  . GLU A 1 85  ? 3.411   -7.562  -5.500  1.00 65.12  ? 65  GLU A CB  1 
ATOM   444  C CG  . GLU A 1 85  ? 4.833   -7.381  -5.989  1.00 68.45  ? 65  GLU A CG  1 
ATOM   445  C CD  . GLU A 1 85  ? 5.624   -8.673  -5.997  1.00 72.00  ? 65  GLU A CD  1 
ATOM   446  O OE1 . GLU A 1 85  ? 6.748   -8.675  -6.545  1.00 73.29  ? 65  GLU A OE1 1 
ATOM   447  O OE2 . GLU A 1 85  ? 5.130   -9.687  -5.452  1.00 72.93  ? 65  GLU A OE2 1 
ATOM   448  N N   . GLY A 1 86  ? 0.773   -6.485  -3.942  1.00 62.88  ? 66  GLY A N   1 
ATOM   449  C CA  . GLY A 1 86  ? -0.615  -6.698  -3.588  1.00 63.06  ? 66  GLY A CA  1 
ATOM   450  C C   . GLY A 1 86  ? -1.477  -5.617  -4.213  1.00 63.53  ? 66  GLY A C   1 
ATOM   451  O O   . GLY A 1 86  ? -2.528  -5.900  -4.775  1.00 63.71  ? 66  GLY A O   1 
ATOM   452  N N   . PHE A 1 87  ? -1.021  -4.371  -4.127  1.00 63.30  ? 67  PHE A N   1 
ATOM   453  C CA  . PHE A 1 87  ? -1.753  -3.250  -4.693  1.00 63.01  ? 67  PHE A CA  1 
ATOM   454  C C   . PHE A 1 87  ? -1.637  -3.187  -6.211  1.00 63.63  ? 67  PHE A C   1 
ATOM   455  O O   . PHE A 1 87  ? -2.623  -2.957  -6.907  1.00 64.50  ? 67  PHE A O   1 
ATOM   456  C CB  . PHE A 1 87  ? -1.246  -1.940  -4.124  1.00 60.86  ? 67  PHE A CB  1 
ATOM   457  C CG  . PHE A 1 87  ? -2.011  -0.748  -4.606  1.00 59.65  ? 67  PHE A CG  1 
ATOM   458  C CD1 . PHE A 1 87  ? -3.231  -0.413  -4.038  1.00 59.57  ? 67  PHE A CD1 1 
ATOM   459  C CD2 . PHE A 1 87  ? -1.517  0.039   -5.629  1.00 57.89  ? 67  PHE A CD2 1 
ATOM   460  C CE1 . PHE A 1 87  ? -3.939  0.687   -4.478  1.00 58.83  ? 67  PHE A CE1 1 
ATOM   461  C CE2 . PHE A 1 87  ? -2.220  1.139   -6.075  1.00 57.89  ? 67  PHE A CE2 1 
ATOM   462  C CZ  . PHE A 1 87  ? -3.428  1.465   -5.502  1.00 58.64  ? 67  PHE A CZ  1 
ATOM   463  N N   . ALA A 1 88  ? -0.429  -3.383  -6.721  1.00 63.66  ? 68  ALA A N   1 
ATOM   464  C CA  . ALA A 1 88  ? -0.190  -3.348  -8.158  1.00 64.26  ? 68  ALA A CA  1 
ATOM   465  C C   . ALA A 1 88  ? -1.051  -4.378  -8.846  1.00 65.30  ? 68  ALA A C   1 
ATOM   466  O O   . ALA A 1 88  ? -1.198  -4.368  -10.062 1.00 66.48  ? 68  ALA A O   1 
ATOM   467  C CB  . ALA A 1 88  ? 1.262   -3.631  -8.451  1.00 64.48  ? 68  ALA A CB  1 
ATOM   468  N N   . ARG A 1 89  ? -1.622  -5.268  -8.053  1.00 65.70  ? 69  ARG A N   1 
ATOM   469  C CA  . ARG A 1 89  ? -2.462  -6.325  -8.578  1.00 66.64  ? 69  ARG A CA  1 
ATOM   470  C C   . ARG A 1 89  ? -3.881  -5.825  -8.828  1.00 66.01  ? 69  ARG A C   1 
ATOM   471  O O   . ARG A 1 89  ? -4.469  -6.116  -9.868  1.00 65.92  ? 69  ARG A O   1 
ATOM   472  C CB  . ARG A 1 89  ? -2.467  -7.493  -7.592  1.00 68.19  ? 69  ARG A CB  1 
ATOM   473  C CG  . ARG A 1 89  ? -2.564  -8.865  -8.227  1.00 69.07  ? 69  ARG A CG  1 
ATOM   474  C CD  . ARG A 1 89  ? -2.186  -9.949  -7.224  1.00 68.87  ? 69  ARG A CD  1 
ATOM   475  N NE  . ARG A 1 89  ? -0.742  -10.056 -7.021  1.00 69.92  ? 69  ARG A NE  1 
ATOM   476  C CZ  . ARG A 1 89  ? -0.160  -10.178 -5.830  1.00 69.05  ? 69  ARG A CZ  1 
ATOM   477  N NH1 . ARG A 1 89  ? -0.895  -10.202 -4.728  1.00 67.82  ? 69  ARG A NH1 1 
ATOM   478  N NH2 . ARG A 1 89  ? 1.157   -10.288 -5.741  1.00 68.38  ? 69  ARG A NH2 1 
ATOM   479  N N   . VAL A 1 90  ? -4.429  -5.066  -7.881  1.00 65.32  ? 70  VAL A N   1 
ATOM   480  C CA  . VAL A 1 90  ? -5.784  -4.544  -8.041  1.00 65.15  ? 70  VAL A CA  1 
ATOM   481  C C   . VAL A 1 90  ? -5.806  -3.505  -9.155  1.00 64.24  ? 70  VAL A C   1 
ATOM   482  O O   . VAL A 1 90  ? -6.817  -3.325  -9.826  1.00 63.24  ? 70  VAL A O   1 
ATOM   483  C CB  . VAL A 1 90  ? -6.328  -3.890  -6.735  1.00 64.39  ? 70  VAL A CB  1 
ATOM   484  C CG1 . VAL A 1 90  ? -5.545  -4.373  -5.541  1.00 65.03  ? 70  VAL A CG1 1 
ATOM   485  C CG2 . VAL A 1 90  ? -6.297  -2.388  -6.834  1.00 64.64  ? 70  VAL A CG2 1 
ATOM   486  N N   . VAL A 1 91  ? -4.681  -2.830  -9.348  1.00 63.76  ? 71  VAL A N   1 
ATOM   487  C CA  . VAL A 1 91  ? -4.586  -1.808  -10.377 1.00 64.52  ? 71  VAL A CA  1 
ATOM   488  C C   . VAL A 1 91  ? -4.644  -2.470  -11.746 1.00 64.80  ? 71  VAL A C   1 
ATOM   489  O O   . VAL A 1 91  ? -5.271  -1.961  -12.673 1.00 65.28  ? 71  VAL A O   1 
ATOM   490  C CB  . VAL A 1 91  ? -3.272  -0.994  -10.232 1.00 63.77  ? 71  VAL A CB  1 
ATOM   491  C CG1 . VAL A 1 91  ? -3.154  0.033   -11.337 1.00 62.89  ? 71  VAL A CG1 1 
ATOM   492  C CG2 . VAL A 1 91  ? -3.243  -0.305  -8.886  1.00 61.43  ? 71  VAL A CG2 1 
ATOM   493  N N   . ALA A 1 92  ? -4.001  -3.622  -11.860 1.00 64.93  ? 72  ALA A N   1 
ATOM   494  C CA  . ALA A 1 92  ? -3.978  -4.359  -13.110 1.00 64.73  ? 72  ALA A CA  1 
ATOM   495  C C   . ALA A 1 92  ? -5.340  -4.974  -13.382 1.00 64.75  ? 72  ALA A C   1 
ATOM   496  O O   . ALA A 1 92  ? -5.640  -5.339  -14.518 1.00 65.43  ? 72  ALA A O   1 
ATOM   497  C CB  . ALA A 1 92  ? -2.921  -5.443  -13.046 1.00 64.72  ? 72  ALA A CB  1 
ATOM   498  N N   . ALA A 1 93  ? -6.153  -5.089  -12.334 1.00 63.31  ? 73  ALA A N   1 
ATOM   499  C CA  . ALA A 1 93  ? -7.494  -5.649  -12.436 1.00 62.70  ? 73  ALA A CA  1 
ATOM   500  C C   . ALA A 1 93  ? -8.491  -4.556  -12.808 1.00 62.98  ? 73  ALA A C   1 
ATOM   501  O O   . ALA A 1 93  ? -9.707  -4.753  -12.724 1.00 64.31  ? 73  ALA A O   1 
ATOM   502  C CB  . ALA A 1 93  ? -7.892  -6.272  -11.124 1.00 61.11  ? 73  ALA A CB  1 
ATOM   503  N N   . HIS A 1 94  ? -7.961  -3.402  -13.199 1.00 61.06  ? 74  HIS A N   1 
ATOM   504  C CA  . HIS A 1 94  ? -8.763  -2.250  -13.601 1.00 58.16  ? 74  HIS A CA  1 
ATOM   505  C C   . HIS A 1 94  ? -8.113  -1.641  -14.833 1.00 56.74  ? 74  HIS A C   1 
ATOM   506  O O   . HIS A 1 94  ? -7.596  -0.526  -14.785 1.00 55.76  ? 74  HIS A O   1 
ATOM   507  C CB  . HIS A 1 94  ? -8.799  -1.206  -12.491 1.00 55.70  ? 74  HIS A CB  1 
ATOM   508  C CG  . HIS A 1 94  ? -9.683  -1.568  -11.344 1.00 55.42  ? 74  HIS A CG  1 
ATOM   509  N ND1 . HIS A 1 94  ? -11.005 -1.186  -11.275 1.00 56.34  ? 74  HIS A ND1 1 
ATOM   510  C CD2 . HIS A 1 94  ? -9.436  -2.267  -10.212 1.00 55.37  ? 74  HIS A CD2 1 
ATOM   511  C CE1 . HIS A 1 94  ? -11.532 -1.630  -10.148 1.00 54.42  ? 74  HIS A CE1 1 
ATOM   512  N NE2 . HIS A 1 94  ? -10.601 -2.290  -9.485  1.00 54.21  ? 74  HIS A NE2 1 
ATOM   513  N N   . PRO A 1 95  ? -8.132  -2.372  -15.958 1.00 55.83  ? 75  PRO A N   1 
ATOM   514  C CA  . PRO A 1 95  ? -7.541  -1.912  -17.218 1.00 55.01  ? 75  PRO A CA  1 
ATOM   515  C C   . PRO A 1 95  ? -8.173  -0.606  -17.662 1.00 54.22  ? 75  PRO A C   1 
ATOM   516  O O   . PRO A 1 95  ? -7.569  0.178   -18.386 1.00 54.24  ? 75  PRO A O   1 
ATOM   517  C CB  . PRO A 1 95  ? -7.854  -3.047  -18.182 1.00 53.97  ? 75  PRO A CB  1 
ATOM   518  C CG  . PRO A 1 95  ? -8.013  -4.225  -17.294 1.00 54.75  ? 75  PRO A CG  1 
ATOM   519  C CD  . PRO A 1 95  ? -8.791  -3.670  -16.147 1.00 55.17  ? 75  PRO A CD  1 
ATOM   520  N N   . ALA A 1 96  ? -9.402  -0.389  -17.213 1.00 54.11  ? 76  ALA A N   1 
ATOM   521  C CA  . ALA A 1 96  ? -10.146 0.815   -17.542 1.00 54.09  ? 76  ALA A CA  1 
ATOM   522  C C   . ALA A 1 96  ? -9.370  2.076   -17.163 1.00 53.00  ? 76  ALA A C   1 
ATOM   523  O O   . ALA A 1 96  ? -9.577  3.127   -17.762 1.00 52.04  ? 76  ALA A O   1 
ATOM   524  C CB  . ALA A 1 96  ? -11.497 0.794   -16.842 1.00 53.22  ? 76  ALA A CB  1 
ATOM   525  N N   . LEU A 1 97  ? -8.480  1.960   -16.176 1.00 52.28  ? 77  LEU A N   1 
ATOM   526  C CA  . LEU A 1 97  ? -7.672  3.089   -15.714 1.00 51.22  ? 77  LEU A CA  1 
ATOM   527  C C   . LEU A 1 97  ? -6.935  3.743   -16.867 1.00 52.04  ? 77  LEU A C   1 
ATOM   528  O O   . LEU A 1 97  ? -6.750  4.953   -16.874 1.00 50.84  ? 77  LEU A O   1 
ATOM   529  C CB  . LEU A 1 97  ? -6.630  2.643   -14.673 1.00 50.33  ? 77  LEU A CB  1 
ATOM   530  C CG  . LEU A 1 97  ? -6.775  2.921   -13.170 1.00 50.62  ? 77  LEU A CG  1 
ATOM   531  C CD1 . LEU A 1 97  ? -7.299  4.321   -12.954 1.00 47.26  ? 77  LEU A CD1 1 
ATOM   532  C CD2 . LEU A 1 97  ? -7.709  1.922   -12.537 1.00 52.95  ? 77  LEU A CD2 1 
ATOM   533  N N   . SER A 1 98  ? -6.501  2.943   -17.834 1.00 52.97  ? 78  SER A N   1 
ATOM   534  C CA  . SER A 1 98  ? -5.768  3.477   -18.974 1.00 56.57  ? 78  SER A CA  1 
ATOM   535  C C   . SER A 1 98  ? -6.617  3.564   -20.236 1.00 58.17  ? 78  SER A C   1 
ATOM   536  O O   . SER A 1 98  ? -6.105  3.853   -21.320 1.00 57.68  ? 78  SER A O   1 
ATOM   537  C CB  . SER A 1 98  ? -4.514  2.638   -19.241 1.00 57.45  ? 78  SER A CB  1 
ATOM   538  O OG  . SER A 1 98  ? -4.822  1.260   -19.373 1.00 59.26  ? 78  SER A OG  1 
ATOM   539  N N   . ASP A 1 99  ? -7.913  3.306   -20.088 1.00 59.49  ? 79  ASP A N   1 
ATOM   540  C CA  . ASP A 1 99  ? -8.843  3.381   -21.209 1.00 59.47  ? 79  ASP A CA  1 
ATOM   541  C C   . ASP A 1 99  ? -9.362  4.808   -21.308 1.00 59.00  ? 79  ASP A C   1 
ATOM   542  O O   . ASP A 1 99  ? -10.105 5.265   -20.448 1.00 59.47  ? 79  ASP A O   1 
ATOM   543  C CB  . ASP A 1 99  ? -10.014 2.427   -20.997 1.00 59.18  ? 79  ASP A CB  1 
ATOM   544  C CG  . ASP A 1 99  ? -10.963 2.404   -22.176 1.00 60.20  ? 79  ASP A CG  1 
ATOM   545  O OD1 . ASP A 1 99  ? -11.966 1.667   -22.107 1.00 59.31  ? 79  ASP A OD1 1 
ATOM   546  O OD2 . ASP A 1 99  ? -10.704 3.122   -23.169 1.00 59.43  ? 79  ASP A OD2 1 
ATOM   547  N N   . PRO A 1 100 ? -8.969  5.531   -22.363 1.00 59.26  ? 80  PRO A N   1 
ATOM   548  C CA  . PRO A 1 100 ? -9.367  6.920   -22.617 1.00 58.62  ? 80  PRO A CA  1 
ATOM   549  C C   . PRO A 1 100 ? -10.879 7.142   -22.703 1.00 58.91  ? 80  PRO A C   1 
ATOM   550  O O   . PRO A 1 100 ? -11.353 8.272   -22.582 1.00 58.84  ? 80  PRO A O   1 
ATOM   551  C CB  . PRO A 1 100 ? -8.672  7.242   -23.936 1.00 59.52  ? 80  PRO A CB  1 
ATOM   552  C CG  . PRO A 1 100 ? -7.488  6.334   -23.931 1.00 59.42  ? 80  PRO A CG  1 
ATOM   553  C CD  . PRO A 1 100 ? -8.050  5.053   -23.409 1.00 59.01  ? 80  PRO A CD  1 
ATOM   554  N N   . GLU A 1 101 ? -11.633 6.066   -22.929 1.00 58.50  ? 81  GLU A N   1 
ATOM   555  C CA  . GLU A 1 101 ? -13.090 6.163   -23.028 1.00 57.51  ? 81  GLU A CA  1 
ATOM   556  C C   . GLU A 1 101 ? -13.750 5.834   -21.704 1.00 55.99  ? 81  GLU A C   1 
ATOM   557  O O   . GLU A 1 101 ? -14.973 5.878   -21.591 1.00 54.09  ? 81  GLU A O   1 
ATOM   558  C CB  . GLU A 1 101 ? -13.639 5.206   -24.093 1.00 56.84  ? 81  GLU A CB  1 
ATOM   559  C CG  . GLU A 1 101 ? -13.249 5.532   -25.513 1.00 58.18  ? 81  GLU A CG  1 
ATOM   560  C CD  . GLU A 1 101 ? -13.637 6.936   -25.925 1.00 60.60  ? 81  GLU A CD  1 
ATOM   561  O OE1 . GLU A 1 101 ? -14.750 7.382   -25.571 1.00 60.29  ? 81  GLU A OE1 1 
ATOM   562  O OE2 . GLU A 1 101 ? -12.827 7.591   -26.614 1.00 61.01  ? 81  GLU A OE2 1 
ATOM   563  N N   . ALA A 1 102 ? -12.941 5.490   -20.706 1.00 54.12  ? 82  ALA A N   1 
ATOM   564  C CA  . ALA A 1 102 ? -13.478 5.148   -19.398 1.00 51.69  ? 82  ALA A CA  1 
ATOM   565  C C   . ALA A 1 102 ? -13.470 6.339   -18.465 1.00 50.68  ? 82  ALA A C   1 
ATOM   566  O O   . ALA A 1 102 ? -12.778 7.323   -18.695 1.00 49.85  ? 82  ALA A O   1 
ATOM   567  C CB  . ALA A 1 102 ? -12.691 4.001   -18.787 1.00 51.35  ? 82  ALA A CB  1 
ATOM   568  N N   . ASP A 1 103 ? -14.263 6.231   -17.411 1.00 50.60  ? 83  ASP A N   1 
ATOM   569  C CA  . ASP A 1 103 ? -14.378 7.262   -16.398 1.00 50.08  ? 83  ASP A CA  1 
ATOM   570  C C   . ASP A 1 103 ? -13.180 7.128   -15.453 1.00 49.14  ? 83  ASP A C   1 
ATOM   571  O O   . ASP A 1 103 ? -13.175 6.278   -14.563 1.00 48.33  ? 83  ASP A O   1 
ATOM   572  C CB  . ASP A 1 103 ? -15.675 7.051   -15.638 1.00 51.12  ? 83  ASP A CB  1 
ATOM   573  C CG  . ASP A 1 103 ? -15.917 8.108   -14.610 1.00 53.91  ? 83  ASP A CG  1 
ATOM   574  O OD1 . ASP A 1 103 ? -16.837 7.916   -13.784 1.00 56.33  ? 83  ASP A OD1 1 
ATOM   575  O OD2 . ASP A 1 103 ? -15.202 9.130   -14.631 1.00 53.55  ? 83  ASP A OD2 1 
ATOM   576  N N   . LEU A 1 104 ? -12.173 7.972   -15.655 1.00 48.20  ? 84  LEU A N   1 
ATOM   577  C CA  . LEU A 1 104 ? -10.943 7.940   -14.867 1.00 48.08  ? 84  LEU A CA  1 
ATOM   578  C C   . LEU A 1 104 ? -11.142 8.088   -13.370 1.00 48.33  ? 84  LEU A C   1 
ATOM   579  O O   . LEU A 1 104 ? -10.684 7.258   -12.606 1.00 48.24  ? 84  LEU A O   1 
ATOM   580  C CB  . LEU A 1 104 ? -9.974  9.026   -15.336 1.00 44.01  ? 84  LEU A CB  1 
ATOM   581  C CG  . LEU A 1 104 ? -8.461  8.795   -15.198 1.00 43.87  ? 84  LEU A CG  1 
ATOM   582  C CD1 . LEU A 1 104 ? -7.816  10.057  -14.708 1.00 39.91  ? 84  LEU A CD1 1 
ATOM   583  C CD2 . LEU A 1 104 ? -8.142  7.654   -14.266 1.00 41.21  ? 84  LEU A CD2 1 
ATOM   584  N N   . SER A 1 105 ? -11.814 9.149   -12.944 1.00 51.31  ? 85  SER A N   1 
ATOM   585  C CA  . SER A 1 105 ? -12.022 9.361   -11.524 1.00 53.18  ? 85  SER A CA  1 
ATOM   586  C C   . SER A 1 105 ? -12.891 8.254   -10.970 1.00 53.19  ? 85  SER A C   1 
ATOM   587  O O   . SER A 1 105 ? -12.689 7.797   -9.853  1.00 53.47  ? 85  SER A O   1 
ATOM   588  C CB  . SER A 1 105 ? -12.677 10.707  -11.276 1.00 54.89  ? 85  SER A CB  1 
ATOM   589  O OG  . SER A 1 105 ? -14.020 10.690  -11.701 1.00 60.23  ? 85  SER A OG  1 
ATOM   590  N N   . GLY A 1 106 ? -13.859 7.813   -11.758 1.00 53.28  ? 86  GLY A N   1 
ATOM   591  C CA  . GLY A 1 106 ? -14.714 6.744   -11.298 1.00 52.14  ? 86  GLY A CA  1 
ATOM   592  C C   . GLY A 1 106 ? -13.867 5.509   -11.113 1.00 53.41  ? 86  GLY A C   1 
ATOM   593  O O   . GLY A 1 106 ? -14.040 4.751   -10.160 1.00 52.91  ? 86  GLY A O   1 
ATOM   594  N N   . GLU A 1 107 ? -12.934 5.301   -12.029 1.00 53.45  ? 87  GLU A N   1 
ATOM   595  C CA  . GLU A 1 107 ? -12.068 4.144   -11.932 1.00 53.20  ? 87  GLU A CA  1 
ATOM   596  C C   . GLU A 1 107 ? -11.136 4.251   -10.757 1.00 51.09  ? 87  GLU A C   1 
ATOM   597  O O   . GLU A 1 107 ? -10.916 3.274   -10.063 1.00 51.13  ? 87  GLU A O   1 
ATOM   598  C CB  . GLU A 1 107 ? -11.262 3.954   -13.215 1.00 55.32  ? 87  GLU A CB  1 
ATOM   599  C CG  . GLU A 1 107 ? -12.050 3.280   -14.304 1.00 57.61  ? 87  GLU A CG  1 
ATOM   600  C CD  . GLU A 1 107 ? -12.560 1.921   -13.875 1.00 60.72  ? 87  GLU A CD  1 
ATOM   601  O OE1 . GLU A 1 107 ? -13.704 1.580   -14.244 1.00 63.54  ? 87  GLU A OE1 1 
ATOM   602  O OE2 . GLU A 1 107 ? -11.823 1.191   -13.177 1.00 61.01  ? 87  GLU A OE2 1 
ATOM   603  N N   . LEU A 1 108 ? -10.585 5.433   -10.523 1.00 49.21  ? 88  LEU A N   1 
ATOM   604  C CA  . LEU A 1 108 ? -9.663  5.603   -9.407  1.00 48.70  ? 88  LEU A CA  1 
ATOM   605  C C   . LEU A 1 108 ? -10.391 5.461   -8.080  1.00 49.16  ? 88  LEU A C   1 
ATOM   606  O O   . LEU A 1 108 ? -9.856  4.900   -7.132  1.00 48.96  ? 88  LEU A O   1 
ATOM   607  C CB  . LEU A 1 108 ? -8.965  6.964   -9.480  1.00 47.92  ? 88  LEU A CB  1 
ATOM   608  C CG  . LEU A 1 108 ? -7.906  7.105   -10.579 1.00 48.95  ? 88  LEU A CG  1 
ATOM   609  C CD1 . LEU A 1 108 ? -7.524  8.554   -10.730 1.00 48.56  ? 88  LEU A CD1 1 
ATOM   610  C CD2 . LEU A 1 108 ? -6.674  6.256   -10.240 1.00 47.14  ? 88  LEU A CD2 1 
ATOM   611  N N   . ALA A 1 109 ? -11.622 5.952   -8.015  1.00 48.77  ? 89  ALA A N   1 
ATOM   612  C CA  . ALA A 1 109 ? -12.385 5.869   -6.784  1.00 49.44  ? 89  ALA A CA  1 
ATOM   613  C C   . ALA A 1 109 ? -12.767 4.428   -6.497  1.00 50.49  ? 89  ALA A C   1 
ATOM   614  O O   . ALA A 1 109 ? -12.938 4.041   -5.345  1.00 51.87  ? 89  ALA A O   1 
ATOM   615  C CB  . ALA A 1 109 ? -13.619 6.736   -6.876  1.00 44.28  ? 89  ALA A CB  1 
ATOM   616  N N   . ARG A 1 110 ? -12.889 3.634   -7.552  1.00 52.17  ? 90  ARG A N   1 
ATOM   617  C CA  . ARG A 1 110 ? -13.256 2.235   -7.408  1.00 55.98  ? 90  ARG A CA  1 
ATOM   618  C C   . ARG A 1 110 ? -12.044 1.476   -6.909  1.00 55.49  ? 90  ARG A C   1 
ATOM   619  O O   . ARG A 1 110 ? -12.143 0.644   -6.020  1.00 53.96  ? 90  ARG A O   1 
ATOM   620  C CB  . ARG A 1 110 ? -13.712 1.679   -8.754  1.00 59.89  ? 90  ARG A CB  1 
ATOM   621  C CG  . ARG A 1 110 ? -14.662 0.505   -8.665  1.00 66.66  ? 90  ARG A CG  1 
ATOM   622  C CD  . ARG A 1 110 ? -15.340 0.318   -10.014 1.00 72.55  ? 90  ARG A CD  1 
ATOM   623  N NE  . ARG A 1 110 ? -15.882 1.587   -10.498 1.00 75.65  ? 90  ARG A NE  1 
ATOM   624  C CZ  . ARG A 1 110 ? -15.952 1.926   -11.782 1.00 77.30  ? 90  ARG A CZ  1 
ATOM   625  N NH1 . ARG A 1 110 ? -15.518 1.081   -12.709 1.00 77.90  ? 90  ARG A NH1 1 
ATOM   626  N NH2 . ARG A 1 110 ? -16.425 3.117   -12.140 1.00 76.14  ? 90  ARG A NH2 1 
ATOM   627  N N   . VAL A 1 111 ? -10.893 1.775   -7.493  1.00 55.99  ? 91  VAL A N   1 
ATOM   628  C CA  . VAL A 1 111 ? -9.658  1.144   -7.074  1.00 57.81  ? 91  VAL A CA  1 
ATOM   629  C C   . VAL A 1 111 ? -9.495  1.390   -5.567  1.00 58.10  ? 91  VAL A C   1 
ATOM   630  O O   . VAL A 1 111 ? -9.256  0.465   -4.798  1.00 57.36  ? 91  VAL A O   1 
ATOM   631  C CB  . VAL A 1 111 ? -8.468  1.719   -7.868  1.00 58.23  ? 91  VAL A CB  1 
ATOM   632  C CG1 . VAL A 1 111 ? -7.160  1.261   -7.274  1.00 57.68  ? 91  VAL A CG1 1 
ATOM   633  C CG2 . VAL A 1 111 ? -8.569  1.264   -9.315  1.00 56.60  ? 91  VAL A CG2 1 
ATOM   634  N N   . LEU A 1 112 ? -9.636  2.636   -5.140  1.00 59.10  ? 92  LEU A N   1 
ATOM   635  C CA  . LEU A 1 112 ? -9.543  2.936   -3.716  1.00 61.22  ? 92  LEU A CA  1 
ATOM   636  C C   . LEU A 1 112 ? -10.612 2.150   -2.965  1.00 63.02  ? 92  LEU A C   1 
ATOM   637  O O   . LEU A 1 112 ? -10.306 1.276   -2.167  1.00 63.63  ? 92  LEU A O   1 
ATOM   638  C CB  . LEU A 1 112 ? -9.753  4.428   -3.446  1.00 58.89  ? 92  LEU A CB  1 
ATOM   639  C CG  . LEU A 1 112 ? -8.508  5.287   -3.298  1.00 57.78  ? 92  LEU A CG  1 
ATOM   640  C CD1 . LEU A 1 112 ? -8.888  6.621   -2.671  1.00 58.03  ? 92  LEU A CD1 1 
ATOM   641  C CD2 . LEU A 1 112 ? -7.506  4.579   -2.416  1.00 57.33  ? 92  LEU A CD2 1 
ATOM   642  N N   . GLY A 1 113 ? -11.871 2.460   -3.238  1.00 65.18  ? 93  GLY A N   1 
ATOM   643  C CA  . GLY A 1 113 ? -12.951 1.772   -2.560  1.00 68.72  ? 93  GLY A CA  1 
ATOM   644  C C   . GLY A 1 113 ? -12.791 0.269   -2.505  1.00 71.11  ? 93  GLY A C   1 
ATOM   645  O O   . GLY A 1 113 ? -13.257 -0.380  -1.562  1.00 71.34  ? 93  GLY A O   1 
ATOM   646  N N   . GLU A 1 114 ? -12.121 -0.288  -3.507  1.00 72.19  ? 94  GLU A N   1 
ATOM   647  C CA  . GLU A 1 114 ? -11.926 -1.726  -3.567  1.00 73.75  ? 94  GLU A CA  1 
ATOM   648  C C   . GLU A 1 114 ? -11.109 -2.278  -2.416  1.00 75.48  ? 94  GLU A C   1 
ATOM   649  O O   . GLU A 1 114 ? -11.249 -3.450  -2.076  1.00 75.69  ? 94  GLU A O   1 
ATOM   650  C CB  . GLU A 1 114 ? -11.287 -2.126  -4.891  1.00 73.33  ? 94  GLU A CB  1 
ATOM   651  C CG  . GLU A 1 114 ? -10.986 -3.602  -4.992  1.00 72.94  ? 94  GLU A CG  1 
ATOM   652  C CD  . GLU A 1 114 ? -10.721 -4.032  -6.415  1.00 74.12  ? 94  GLU A CD  1 
ATOM   653  O OE1 . GLU A 1 114 ? -10.140 -5.122  -6.602  1.00 74.87  ? 94  GLU A OE1 1 
ATOM   654  O OE2 . GLU A 1 114 ? -11.103 -3.289  -7.345  1.00 72.78  ? 94  GLU A OE2 1 
ATOM   655  N N   . TRP A 1 115 ? -10.255 -1.453  -1.813  1.00 76.62  ? 95  TRP A N   1 
ATOM   656  C CA  . TRP A 1 115 ? -9.469  -1.937  -0.695  1.00 78.11  ? 95  TRP A CA  1 
ATOM   657  C C   . TRP A 1 115 ? -9.744  -1.164  0.588   1.00 78.41  ? 95  TRP A C   1 
ATOM   658  O O   . TRP A 1 115 ? -9.686  -1.732  1.677   1.00 79.49  ? 95  TRP A O   1 
ATOM   659  C CB  . TRP A 1 115 ? -7.973  -1.941  -1.035  1.00 80.61  ? 95  TRP A CB  1 
ATOM   660  C CG  . TRP A 1 115 ? -7.203  -0.692  -0.729  1.00 82.96  ? 95  TRP A CG  1 
ATOM   661  C CD1 . TRP A 1 115 ? -7.115  0.425   -1.501  1.00 84.36  ? 95  TRP A CD1 1 
ATOM   662  C CD2 . TRP A 1 115 ? -6.356  -0.464  0.406   1.00 83.61  ? 95  TRP A CD2 1 
ATOM   663  N NE1 . TRP A 1 115 ? -6.259  1.336   -0.925  1.00 84.81  ? 95  TRP A NE1 1 
ATOM   664  C CE2 . TRP A 1 115 ? -5.780  0.816   0.248   1.00 84.33  ? 95  TRP A CE2 1 
ATOM   665  C CE3 . TRP A 1 115 ? -6.029  -1.216  1.540   1.00 83.92  ? 95  TRP A CE3 1 
ATOM   666  C CZ2 . TRP A 1 115 ? -4.891  1.363   1.180   1.00 84.19  ? 95  TRP A CZ2 1 
ATOM   667  C CZ3 . TRP A 1 115 ? -5.142  -0.671  2.472   1.00 85.06  ? 95  TRP A CZ3 1 
ATOM   668  C CH2 . TRP A 1 115 ? -4.586  0.607   2.283   1.00 84.38  ? 95  TRP A CH2 1 
ATOM   669  N N   . LEU A 1 116 ? -10.053 0.122   0.465   1.00 78.12  ? 96  LEU A N   1 
ATOM   670  C CA  . LEU A 1 116 ? -10.368 0.935   1.637   1.00 78.00  ? 96  LEU A CA  1 
ATOM   671  C C   . LEU A 1 116 ? -11.771 0.554   2.093   1.00 78.94  ? 96  LEU A C   1 
ATOM   672  O O   . LEU A 1 116 ? -12.177 0.848   3.220   1.00 78.16  ? 96  LEU A O   1 
ATOM   673  C CB  . LEU A 1 116 ? -10.335 2.429   1.305   1.00 77.23  ? 96  LEU A CB  1 
ATOM   674  C CG  . LEU A 1 116 ? -8.995  3.126   1.068   1.00 76.17  ? 96  LEU A CG  1 
ATOM   675  C CD1 . LEU A 1 116 ? -9.242  4.612   0.881   1.00 76.01  ? 96  LEU A CD1 1 
ATOM   676  C CD2 . LEU A 1 116 ? -8.071  2.908   2.242   1.00 74.92  ? 96  LEU A CD2 1 
ATOM   677  N N   . GLY A 1 117 ? -12.508 -0.092  1.192   1.00 79.91  ? 97  GLY A N   1 
ATOM   678  C CA  . GLY A 1 117 ? -13.854 -0.533  1.502   1.00 81.18  ? 97  GLY A CA  1 
ATOM   679  C C   . GLY A 1 117 ? -13.801 -1.816  2.313   1.00 82.42  ? 97  GLY A C   1 
ATOM   680  O O   . GLY A 1 117 ? -12.968 -2.692  2.063   1.00 82.18  ? 97  GLY A O   1 
ATOM   681  N N   . GLY A 1 118 ? -14.690 -1.928  3.293   1.00 82.97  ? 98  GLY A N   1 
ATOM   682  C CA  . GLY A 1 118 ? -14.709 -3.107  4.136   1.00 83.37  ? 98  GLY A CA  1 
ATOM   683  C C   . GLY A 1 118 ? -13.409 -3.293  4.898   1.00 83.28  ? 98  GLY A C   1 
ATOM   684  O O   . GLY A 1 118 ? -12.636 -2.354  5.068   1.00 82.72  ? 98  GLY A O   1 
ATOM   685  N N   . ASP A 1 119 ? -13.185 -4.519  5.358   1.00 83.68  ? 99  ASP A N   1 
ATOM   686  C CA  . ASP A 1 119 ? -11.998 -4.911  6.109   1.00 83.76  ? 99  ASP A CA  1 
ATOM   687  C C   . ASP A 1 119 ? -11.294 -3.818  6.899   1.00 83.72  ? 99  ASP A C   1 
ATOM   688  O O   . ASP A 1 119 ? -10.067 -3.762  6.908   1.00 83.09  ? 99  ASP A O   1 
ATOM   689  C CB  . ASP A 1 119 ? -10.994 -5.574  5.171   1.00 84.10  ? 99  ASP A CB  1 
ATOM   690  C CG  . ASP A 1 119 ? -11.553 -6.811  4.514   1.00 85.02  ? 99  ASP A CG  1 
ATOM   691  O OD1 . ASP A 1 119 ? -12.609 -6.708  3.853   1.00 84.01  ? 99  ASP A OD1 1 
ATOM   692  O OD2 . ASP A 1 119 ? -10.938 -7.889  4.655   1.00 86.15  ? 99  ASP A OD2 1 
ATOM   693  N N   . ARG A 1 120 ? -12.058 -2.955  7.563   1.00 84.28  ? 100 ARG A N   1 
ATOM   694  C CA  . ARG A 1 120 ? -11.461 -1.889  8.362   1.00 85.30  ? 100 ARG A CA  1 
ATOM   695  C C   . ARG A 1 120 ? -10.860 -2.523  9.609   1.00 85.98  ? 100 ARG A C   1 
ATOM   696  O O   . ARG A 1 120 ? -11.272 -2.241  10.732  1.00 86.45  ? 100 ARG A O   1 
ATOM   697  C CB  . ARG A 1 120 ? -12.506 -0.848  8.772   1.00 85.19  ? 100 ARG A CB  1 
ATOM   698  C CG  . ARG A 1 120 ? -11.919 0.346   9.537   1.00 84.10  ? 100 ARG A CG  1 
ATOM   699  C CD  . ARG A 1 120 ? -11.020 1.196   8.644   1.00 84.04  ? 100 ARG A CD  1 
ATOM   700  N NE  . ARG A 1 120 ? -11.794 1.918   7.641   1.00 83.37  ? 100 ARG A NE  1 
ATOM   701  C CZ  . ARG A 1 120 ? -12.252 3.157   7.795   1.00 83.76  ? 100 ARG A CZ  1 
ATOM   702  N NH1 . ARG A 1 120 ? -12.005 3.824   8.913   1.00 84.38  ? 100 ARG A NH1 1 
ATOM   703  N NH2 . ARG A 1 120 ? -12.981 3.720   6.840   1.00 82.45  ? 100 ARG A NH2 1 
ATOM   704  N N   . THR A 1 121 ? -9.888  -3.396  9.385   1.00 87.08  ? 101 THR A N   1 
ATOM   705  C CA  . THR A 1 121 ? -9.188  -4.111  10.444  1.00 86.51  ? 101 THR A CA  1 
ATOM   706  C C   . THR A 1 121 ? -7.784  -4.342  9.911   1.00 85.62  ? 101 THR A C   1 
ATOM   707  O O   . THR A 1 121 ? -6.816  -3.781  10.416  1.00 85.13  ? 101 THR A O   1 
ATOM   708  C CB  . THR A 1 121 ? -9.854  -5.482  10.732  1.00 87.20  ? 101 THR A CB  1 
ATOM   709  O OG1 . THR A 1 121 ? -9.990  -6.221  9.506   1.00 86.10  ? 101 THR A OG1 1 
ATOM   710  C CG2 . THR A 1 121 ? -11.233 -5.288  11.366  1.00 86.29  ? 101 THR A CG2 1 
ATOM   711  N N   . GLY A 1 122 ? -7.699  -5.166  8.870   1.00 84.96  ? 102 GLY A N   1 
ATOM   712  C CA  . GLY A 1 122 ? -6.426  -5.460  8.245   1.00 84.91  ? 102 GLY A CA  1 
ATOM   713  C C   . GLY A 1 122 ? -6.099  -4.351  7.271   1.00 85.14  ? 102 GLY A C   1 
ATOM   714  O O   . GLY A 1 122 ? -4.957  -4.212  6.838   1.00 84.81  ? 102 GLY A O   1 
ATOM   715  N N   . VAL A 1 123 ? -7.117  -3.568  6.916   1.00 84.98  ? 103 VAL A N   1 
ATOM   716  C CA  . VAL A 1 123 ? -6.940  -2.439  6.006   1.00 84.99  ? 103 VAL A CA  1 
ATOM   717  C C   . VAL A 1 123 ? -6.208  -1.348  6.772   1.00 84.70  ? 103 VAL A C   1 
ATOM   718  O O   . VAL A 1 123 ? -5.233  -0.773  6.291   1.00 84.06  ? 103 VAL A O   1 
ATOM   719  C CB  . VAL A 1 123 ? -8.297  -1.876  5.525   1.00 85.00  ? 103 VAL A CB  1 
ATOM   720  C CG1 . VAL A 1 123 ? -8.107  -0.500  4.929   1.00 84.67  ? 103 VAL A CG1 1 
ATOM   721  C CG2 . VAL A 1 123 ? -8.902  -2.798  4.488   1.00 85.39  ? 103 VAL A CG2 1 
ATOM   722  N N   . GLU A 1 124 ? -6.691  -1.077  7.978   1.00 84.02  ? 104 GLU A N   1 
ATOM   723  C CA  . GLU A 1 124 ? -6.100  -0.066  8.837   1.00 83.64  ? 104 GLU A CA  1 
ATOM   724  C C   . GLU A 1 124 ? -4.647  -0.445  9.153   1.00 82.52  ? 104 GLU A C   1 
ATOM   725  O O   . GLU A 1 124 ? -3.789  0.422   9.336   1.00 81.10  ? 104 GLU A O   1 
ATOM   726  C CB  . GLU A 1 124 ? -6.932  0.045   10.120  1.00 84.51  ? 104 GLU A CB  1 
ATOM   727  C CG  . GLU A 1 124 ? -6.730  1.326   10.905  1.00 86.99  ? 104 GLU A CG  1 
ATOM   728  C CD  . GLU A 1 124 ? -5.471  1.311   11.753  1.00 88.65  ? 104 GLU A CD  1 
ATOM   729  O OE1 . GLU A 1 124 ? -5.114  2.378   12.301  1.00 87.66  ? 104 GLU A OE1 1 
ATOM   730  O OE2 . GLU A 1 124 ? -4.847  0.234   11.882  1.00 89.95  ? 104 GLU A OE2 1 
ATOM   731  N N   . LEU A 1 125 ? -4.373  -1.743  9.202   1.00 81.31  ? 105 LEU A N   1 
ATOM   732  C CA  . LEU A 1 125 ? -3.030  -2.226  9.497   1.00 80.88  ? 105 LEU A CA  1 
ATOM   733  C C   . LEU A 1 125 ? -2.077  -2.058  8.332   1.00 79.90  ? 105 LEU A C   1 
ATOM   734  O O   . LEU A 1 125 ? -0.890  -1.828  8.535   1.00 80.04  ? 105 LEU A O   1 
ATOM   735  C CB  . LEU A 1 125 ? -3.067  -3.697  9.927   1.00 80.41  ? 105 LEU A CB  1 
ATOM   736  C CG  . LEU A 1 125 ? -3.528  -3.942  11.370  1.00 80.17  ? 105 LEU A CG  1 
ATOM   737  C CD1 . LEU A 1 125 ? -3.566  -5.427  11.663  1.00 78.81  ? 105 LEU A CD1 1 
ATOM   738  C CD2 . LEU A 1 125 ? -2.582  -3.240  12.332  1.00 79.37  ? 105 LEU A CD2 1 
ATOM   739  N N   . GLU A 1 126 ? -2.601  -2.173  7.115   1.00 79.98  ? 106 GLU A N   1 
ATOM   740  C CA  . GLU A 1 126 ? -1.799  -2.030  5.899   1.00 79.39  ? 106 GLU A CA  1 
ATOM   741  C C   . GLU A 1 126 ? -1.309  -0.603  5.701   1.00 78.96  ? 106 GLU A C   1 
ATOM   742  O O   . GLU A 1 126 ? -0.236  -0.377  5.154   1.00 78.24  ? 106 GLU A O   1 
ATOM   743  C CB  . GLU A 1 126 ? -2.617  -2.441  4.673   1.00 78.85  ? 106 GLU A CB  1 
ATOM   744  C CG  . GLU A 1 126 ? -3.091  -3.870  4.710   1.00 79.91  ? 106 GLU A CG  1 
ATOM   745  C CD  . GLU A 1 126 ? -3.943  -4.222  3.522   1.00 80.25  ? 106 GLU A CD  1 
ATOM   746  O OE1 . GLU A 1 126 ? -5.014  -3.607  3.358   1.00 79.61  ? 106 GLU A OE1 1 
ATOM   747  O OE2 . GLU A 1 126 ? -3.540  -5.112  2.751   1.00 80.83  ? 106 GLU A OE2 1 
ATOM   748  N N   . TYR A 1 127 ? -2.116  0.356   6.138   1.00 79.24  ? 107 TYR A N   1 
ATOM   749  C CA  . TYR A 1 127 ? -1.772  1.764   6.016   1.00 79.93  ? 107 TYR A CA  1 
ATOM   750  C C   . TYR A 1 127 ? -0.891  2.173   7.194   1.00 80.85  ? 107 TYR A C   1 
ATOM   751  O O   . TYR A 1 127 ? -0.053  3.072   7.088   1.00 80.58  ? 107 TYR A O   1 
ATOM   752  C CB  . TYR A 1 127 ? -3.046  2.605   6.010   1.00 78.39  ? 107 TYR A CB  1 
ATOM   753  C CG  . TYR A 1 127 ? -2.811  4.060   5.690   1.00 77.83  ? 107 TYR A CG  1 
ATOM   754  C CD1 . TYR A 1 127 ? -2.382  4.452   4.423   1.00 77.84  ? 107 TYR A CD1 1 
ATOM   755  C CD2 . TYR A 1 127 ? -3.008  5.045   6.652   1.00 76.68  ? 107 TYR A CD2 1 
ATOM   756  C CE1 . TYR A 1 127 ? -2.157  5.790   4.123   1.00 76.57  ? 107 TYR A CE1 1 
ATOM   757  C CE2 . TYR A 1 127 ? -2.784  6.382   6.360   1.00 76.27  ? 107 TYR A CE2 1 
ATOM   758  C CZ  . TYR A 1 127 ? -2.359  6.743   5.095   1.00 76.04  ? 107 TYR A CZ  1 
ATOM   759  O OH  . TYR A 1 127 ? -2.131  8.060   4.800   1.00 76.58  ? 107 TYR A OH  1 
ATOM   760  N N   . GLU A 1 128 ? -1.100  1.499   8.319   1.00 81.86  ? 108 GLU A N   1 
ATOM   761  C CA  . GLU A 1 128 ? -0.350  1.757   9.540   1.00 82.36  ? 108 GLU A CA  1 
ATOM   762  C C   . GLU A 1 128 ? 0.957   0.981   9.492   1.00 81.52  ? 108 GLU A C   1 
ATOM   763  O O   . GLU A 1 128 ? 1.311   0.259   10.424  1.00 83.12  ? 108 GLU A O   1 
ATOM   764  C CB  . GLU A 1 128 ? -1.183  1.328   10.748  1.00 84.07  ? 108 GLU A CB  1 
ATOM   765  C CG  . GLU A 1 128 ? -0.550  1.576   12.097  1.00 86.81  ? 108 GLU A CG  1 
ATOM   766  C CD  . GLU A 1 128 ? -1.437  1.086   13.216  1.00 88.67  ? 108 GLU A CD  1 
ATOM   767  O OE1 . GLU A 1 128 ? -2.566  1.612   13.331  1.00 88.63  ? 108 GLU A OE1 1 
ATOM   768  O OE2 . GLU A 1 128 ? -1.016  0.174   13.969  1.00 88.44  ? 108 GLU A OE2 1 
ATOM   769  N N   . LEU A 1 129 ? 1.663   1.132   8.383   1.00 79.29  ? 109 LEU A N   1 
ATOM   770  C CA  . LEU A 1 129 ? 2.937   0.472   8.173   1.00 78.00  ? 109 LEU A CA  1 
ATOM   771  C C   . LEU A 1 129 ? 3.445   1.037   6.859   1.00 76.85  ? 109 LEU A C   1 
ATOM   772  O O   . LEU A 1 129 ? 4.641   1.023   6.578   1.00 75.21  ? 109 LEU A O   1 
ATOM   773  C CB  . LEU A 1 129 ? 2.748   -1.041  8.082   1.00 78.79  ? 109 LEU A CB  1 
ATOM   774  C CG  . LEU A 1 129 ? 2.233   -1.641  6.778   1.00 78.47  ? 109 LEU A CG  1 
ATOM   775  C CD1 . LEU A 1 129 ? 3.399   -1.869  5.834   1.00 79.11  ? 109 LEU A CD1 1 
ATOM   776  C CD2 . LEU A 1 129 ? 1.544   -2.961  7.064   1.00 79.07  ? 109 LEU A CD2 1 
ATOM   777  N N   . TYR A 1 130 ? 2.507   1.519   6.050   1.00 76.29  ? 110 TYR A N   1 
ATOM   778  C CA  . TYR A 1 130 ? 2.846   2.148   4.789   1.00 75.34  ? 110 TYR A CA  1 
ATOM   779  C C   . TYR A 1 130 ? 3.494   3.421   5.265   1.00 75.90  ? 110 TYR A C   1 
ATOM   780  O O   . TYR A 1 130 ? 4.523   3.838   4.754   1.00 75.39  ? 110 TYR A O   1 
ATOM   781  C CB  . TYR A 1 130 ? 1.587   2.474   3.986   1.00 74.70  ? 110 TYR A CB  1 
ATOM   782  C CG  . TYR A 1 130 ? 1.728   3.657   3.043   1.00 72.65  ? 110 TYR A CG  1 
ATOM   783  C CD1 . TYR A 1 130 ? 2.728   3.692   2.072   1.00 70.83  ? 110 TYR A CD1 1 
ATOM   784  C CD2 . TYR A 1 130 ? 0.842   4.731   3.111   1.00 72.63  ? 110 TYR A CD2 1 
ATOM   785  C CE1 . TYR A 1 130 ? 2.840   4.761   1.194   1.00 68.74  ? 110 TYR A CE1 1 
ATOM   786  C CE2 . TYR A 1 130 ? 0.947   5.809   2.229   1.00 71.65  ? 110 TYR A CE2 1 
ATOM   787  C CZ  . TYR A 1 130 ? 1.947   5.812   1.273   1.00 70.02  ? 110 TYR A CZ  1 
ATOM   788  O OH  . TYR A 1 130 ? 2.024   6.849   0.381   1.00 66.47  ? 110 TYR A OH  1 
ATOM   789  N N   . LEU A 1 131 ? 2.868   4.025   6.270   1.00 77.60  ? 111 LEU A N   1 
ATOM   790  C CA  . LEU A 1 131 ? 3.366   5.253   6.875   1.00 80.77  ? 111 LEU A CA  1 
ATOM   791  C C   . LEU A 1 131 ? 4.652   4.915   7.615   1.00 81.40  ? 111 LEU A C   1 
ATOM   792  O O   . LEU A 1 131 ? 5.723   5.422   7.293   1.00 81.48  ? 111 LEU A O   1 
ATOM   793  C CB  . LEU A 1 131 ? 2.344   5.805   7.869   1.00 81.68  ? 111 LEU A CB  1 
ATOM   794  C CG  . LEU A 1 131 ? 0.967   6.165   7.323   1.00 82.53  ? 111 LEU A CG  1 
ATOM   795  C CD1 . LEU A 1 131 ? 0.065   6.610   8.456   1.00 83.17  ? 111 LEU A CD1 1 
ATOM   796  C CD2 . LEU A 1 131 ? 1.111   7.261   6.301   1.00 82.73  ? 111 LEU A CD2 1 
ATOM   797  N N   . ALA A 1 132 ? 4.530   4.052   8.616   1.00 82.37  ? 112 ALA A N   1 
ATOM   798  C CA  . ALA A 1 132 ? 5.678   3.626   9.394   1.00 83.18  ? 112 ALA A CA  1 
ATOM   799  C C   . ALA A 1 132 ? 6.844   3.436   8.448   1.00 83.61  ? 112 ALA A C   1 
ATOM   800  O O   . ALA A 1 132 ? 7.950   3.886   8.720   1.00 84.40  ? 112 ALA A O   1 
ATOM   801  C CB  . ALA A 1 132 ? 5.373   2.320   10.109  1.00 83.26  ? 112 ALA A CB  1 
ATOM   802  N N   . ALA A 1 133 ? 6.591   2.782   7.323   1.00 83.75  ? 113 ALA A N   1 
ATOM   803  C CA  . ALA A 1 133 ? 7.647   2.542   6.358   1.00 85.79  ? 113 ALA A CA  1 
ATOM   804  C C   . ALA A 1 133 ? 8.214   3.855   5.855   1.00 87.48  ? 113 ALA A C   1 
ATOM   805  O O   . ALA A 1 133 ? 9.424   4.070   5.890   1.00 87.19  ? 113 ALA A O   1 
ATOM   806  C CB  . ALA A 1 133 ? 7.119   1.732   5.198   1.00 85.36  ? 113 ALA A CB  1 
ATOM   807  N N   . LEU A 1 134 ? 7.319   4.729   5.400   1.00 89.88  ? 114 LEU A N   1 
ATOM   808  C CA  . LEU A 1 134 ? 7.674   6.041   4.859   1.00 91.83  ? 114 LEU A CA  1 
ATOM   809  C C   . LEU A 1 134 ? 8.644   6.877   5.691   1.00 92.78  ? 114 LEU A C   1 
ATOM   810  O O   . LEU A 1 134 ? 9.562   7.483   5.140   1.00 93.14  ? 114 LEU A O   1 
ATOM   811  C CB  . LEU A 1 134 ? 6.403   6.856   4.600   1.00 92.37  ? 114 LEU A CB  1 
ATOM   812  C CG  . LEU A 1 134 ? 5.549   6.441   3.396   1.00 92.70  ? 114 LEU A CG  1 
ATOM   813  C CD1 . LEU A 1 134 ? 4.179   7.093   3.485   1.00 92.01  ? 114 LEU A CD1 1 
ATOM   814  C CD2 . LEU A 1 134 ? 6.258   6.832   2.106   1.00 92.75  ? 114 LEU A CD2 1 
ATOM   815  N N   . ARG A 1 135 ? 8.446   6.923   7.005   1.00 94.13  ? 115 ARG A N   1 
ATOM   816  C CA  . ARG A 1 135 ? 9.338   7.705   7.856   1.00 95.66  ? 115 ARG A CA  1 
ATOM   817  C C   . ARG A 1 135 ? 10.653  6.990   8.141   1.00 96.23  ? 115 ARG A C   1 
ATOM   818  O O   . ARG A 1 135 ? 11.382  7.353   9.060   1.00 96.48  ? 115 ARG A O   1 
ATOM   819  C CB  . ARG A 1 135 ? 8.645   8.077   9.165   1.00 96.36  ? 115 ARG A CB  1 
ATOM   820  C CG  . ARG A 1 135 ? 8.103   6.911   9.949   1.00 97.88  ? 115 ARG A CG  1 
ATOM   821  C CD  . ARG A 1 135 ? 7.426   7.409   11.209  1.00 99.28  ? 115 ARG A CD  1 
ATOM   822  N NE  . ARG A 1 135 ? 8.346   8.151   12.071  1.00 100.46 ? 115 ARG A NE  1 
ATOM   823  C CZ  . ARG A 1 135 ? 9.328   7.599   12.779  1.00 100.32 ? 115 ARG A CZ  1 
ATOM   824  N NH1 . ARG A 1 135 ? 9.529   6.288   12.738  1.00 100.23 ? 115 ARG A NH1 1 
ATOM   825  N NH2 . ARG A 1 135 ? 10.106  8.359   13.539  1.00 100.44 ? 115 ARG A NH2 1 
ATOM   826  N N   . ARG A 1 136 ? 10.947  5.967   7.345   1.00 96.86  ? 116 ARG A N   1 
ATOM   827  C CA  . ARG A 1 136 ? 12.188  5.216   7.474   1.00 96.77  ? 116 ARG A CA  1 
ATOM   828  C C   . ARG A 1 136 ? 12.999  5.472   6.213   1.00 96.86  ? 116 ARG A C   1 
ATOM   829  O O   . ARG A 1 136 ? 12.543  5.188   5.107   1.00 96.65  ? 116 ARG A O   1 
ATOM   830  C CB  . ARG A 1 136 ? 11.919  3.715   7.612   1.00 97.20  ? 116 ARG A CB  1 
ATOM   831  C CG  . ARG A 1 136 ? 11.958  3.190   9.042   1.00 97.14  ? 116 ARG A CG  1 
ATOM   832  C CD  . ARG A 1 136 ? 10.703  3.545   9.805   1.00 98.25  ? 116 ARG A CD  1 
ATOM   833  N NE  . ARG A 1 136 ? 10.785  3.198   11.222  1.00 99.37  ? 116 ARG A NE  1 
ATOM   834  C CZ  . ARG A 1 136 ? 9.779   3.346   12.081  1.00 100.45 ? 116 ARG A CZ  1 
ATOM   835  N NH1 . ARG A 1 136 ? 8.614   3.828   11.666  1.00 99.82  ? 116 ARG A NH1 1 
ATOM   836  N NH2 . ARG A 1 136 ? 9.940   3.027   13.360  1.00 99.98  ? 116 ARG A NH2 1 
ATOM   837  N N   . PRO A 1 137 ? 14.216  6.017   6.368   1.00 97.09  ? 117 PRO A N   1 
ATOM   838  C CA  . PRO A 1 137 ? 15.153  6.347   5.290   1.00 96.40  ? 117 PRO A CA  1 
ATOM   839  C C   . PRO A 1 137 ? 15.331  5.348   4.146   1.00 96.06  ? 117 PRO A C   1 
ATOM   840  O O   . PRO A 1 137 ? 15.281  5.739   2.982   1.00 95.30  ? 117 PRO A O   1 
ATOM   841  C CB  . PRO A 1 137 ? 16.447  6.612   6.047   1.00 96.64  ? 117 PRO A CB  1 
ATOM   842  C CG  . PRO A 1 137 ? 15.942  7.301   7.268   1.00 96.59  ? 117 PRO A CG  1 
ATOM   843  C CD  . PRO A 1 137 ? 14.783  6.408   7.671   1.00 97.00  ? 117 PRO A CD  1 
ATOM   844  N N   . ALA A 1 138 ? 15.525  4.063   4.448   1.00 20.00  ? 118 ALA A N   1 
ATOM   845  C CA  . ALA A 1 138 ? 15.727  3.105   3.368   1.00 20.00  ? 118 ALA A CA  1 
ATOM   846  C C   . ALA A 1 138 ? 14.444  2.339   3.065   1.00 20.00  ? 118 ALA A C   1 
ATOM   847  O O   . ALA A 1 138 ? 14.465  1.448   2.182   1.00 94.86  ? 118 ALA A O   1 
ATOM   848  C CB  . ALA A 1 138 ? 16.852  2.143   3.716   1.00 20.00  ? 118 ALA A CB  1 
ATOM   849  N N   . LEU A 1 139 ? 13.371  2.637   3.739   1.00 94.08  ? 119 LEU A N   1 
ATOM   850  C CA  . LEU A 1 139 ? 12.111  1.951   3.492   1.00 92.47  ? 119 LEU A CA  1 
ATOM   851  C C   . LEU A 1 139 ? 11.209  2.804   2.611   1.00 91.42  ? 119 LEU A C   1 
ATOM   852  O O   . LEU A 1 139 ? 10.494  2.284   1.756   1.00 90.84  ? 119 LEU A O   1 
ATOM   853  C CB  . LEU A 1 139 ? 11.391  1.649   4.811   1.00 92.22  ? 119 LEU A CB  1 
ATOM   854  C CG  . LEU A 1 139 ? 12.042  0.671   5.795   1.00 91.82  ? 119 LEU A CG  1 
ATOM   855  C CD1 . LEU A 1 139 ? 11.129  0.484   6.998   1.00 91.22  ? 119 LEU A CD1 1 
ATOM   856  C CD2 . LEU A 1 139 ? 12.291  -0.663  5.114   1.00 91.61  ? 119 LEU A CD2 1 
ATOM   857  N N   . ARG A 1 140 ? 11.267  4.117   2.819   1.00 89.94  ? 120 ARG A N   1 
ATOM   858  C CA  . ARG A 1 140 ? 10.445  5.069   2.077   1.00 88.59  ? 120 ARG A CA  1 
ATOM   859  C C   . ARG A 1 140 ? 10.410  4.911   0.554   1.00 87.26  ? 120 ARG A C   1 
ATOM   860  O O   . ARG A 1 140 ? 9.339   4.979   -0.055  1.00 86.63  ? 120 ARG A O   1 
ATOM   861  C CB  . ARG A 1 140 ? 10.861  6.494   2.432   1.00 88.88  ? 120 ARG A CB  1 
ATOM   862  C CG  . ARG A 1 140 ? 9.997   7.545   1.773   1.00 90.45  ? 120 ARG A CG  1 
ATOM   863  C CD  . ARG A 1 140 ? 10.359  8.947   2.231   1.00 91.11  ? 120 ARG A CD  1 
ATOM   864  N NE  . ARG A 1 140 ? 11.780  9.241   2.077   1.00 90.97  ? 120 ARG A NE  1 
ATOM   865  C CZ  . ARG A 1 140 ? 12.468  9.064   0.955   1.00 90.48  ? 120 ARG A CZ  1 
ATOM   866  N NH1 . ARG A 1 140 ? 11.873  8.586   -0.132  1.00 88.65  ? 120 ARG A NH1 1 
ATOM   867  N NH2 . ARG A 1 140 ? 13.754  9.374   0.921   1.00 90.29  ? 120 ARG A NH2 1 
ATOM   868  N N   . PRO A 1 141 ? 11.571  4.694   -0.085  1.00 86.26  ? 121 PRO A N   1 
ATOM   869  C CA  . PRO A 1 141 ? 11.590  4.539   -1.542  1.00 84.60  ? 121 PRO A CA  1 
ATOM   870  C C   . PRO A 1 141 ? 10.704  3.422   -2.050  1.00 82.63  ? 121 PRO A C   1 
ATOM   871  O O   . PRO A 1 141 ? 10.146  3.521   -3.133  1.00 83.50  ? 121 PRO A O   1 
ATOM   872  C CB  . PRO A 1 141 ? 13.063  4.283   -1.848  1.00 85.00  ? 121 PRO A CB  1 
ATOM   873  C CG  . PRO A 1 141 ? 13.535  3.584   -0.629  1.00 86.37  ? 121 PRO A CG  1 
ATOM   874  C CD  . PRO A 1 141 ? 12.901  4.408   0.477   1.00 86.44  ? 121 PRO A CD  1 
ATOM   875  N N   . VAL A 1 142 ? 10.576  2.354   -1.272  1.00 80.97  ? 122 VAL A N   1 
ATOM   876  C CA  . VAL A 1 142 ? 9.743   1.229   -1.680  1.00 79.14  ? 122 VAL A CA  1 
ATOM   877  C C   . VAL A 1 142 ? 8.319   1.421   -1.189  1.00 77.27  ? 122 VAL A C   1 
ATOM   878  O O   . VAL A 1 142 ? 7.383   0.833   -1.725  1.00 76.12  ? 122 VAL A O   1 
ATOM   879  C CB  . VAL A 1 142 ? 10.259  -0.104  -1.112  1.00 79.63  ? 122 VAL A CB  1 
ATOM   880  C CG1 . VAL A 1 142 ? 9.529   -1.250  -1.772  1.00 79.84  ? 122 VAL A CG1 1 
ATOM   881  C CG2 . VAL A 1 142 ? 11.753  -0.231  -1.330  1.00 80.00  ? 122 VAL A CG2 1 
ATOM   882  N N   . ALA A 1 143 ? 8.171   2.254   -0.166  1.00 75.23  ? 123 ALA A N   1 
ATOM   883  C CA  . ALA A 1 143 ? 6.879   2.533   0.430   1.00 73.84  ? 123 ALA A CA  1 
ATOM   884  C C   . ALA A 1 143 ? 5.985   3.357   -0.482  1.00 72.96  ? 123 ALA A C   1 
ATOM   885  O O   . ALA A 1 143 ? 4.764   3.314   -0.366  1.00 72.14  ? 123 ALA A O   1 
ATOM   886  C CB  . ALA A 1 143 ? 7.071   3.249   1.753   1.00 73.76  ? 123 ALA A CB  1 
ATOM   887  N N   . ALA A 1 144 ? 6.584   4.107   -1.394  1.00 72.19  ? 124 ALA A N   1 
ATOM   888  C CA  . ALA A 1 144 ? 5.786   4.926   -2.291  1.00 73.13  ? 124 ALA A CA  1 
ATOM   889  C C   . ALA A 1 144 ? 5.814   4.426   -3.724  1.00 72.09  ? 124 ALA A C   1 
ATOM   890  O O   . ALA A 1 144 ? 5.390   5.130   -4.636  1.00 73.15  ? 124 ALA A O   1 
ATOM   891  C CB  . ALA A 1 144 ? 6.248   6.379   -2.236  1.00 73.21  ? 124 ALA A CB  1 
ATOM   892  N N   . GLU A 1 145 ? 6.309   3.212   -3.927  1.00 70.11  ? 125 GLU A N   1 
ATOM   893  C CA  . GLU A 1 145 ? 6.357   2.656   -5.270  1.00 67.95  ? 125 GLU A CA  1 
ATOM   894  C C   . GLU A 1 145 ? 4.973   2.612   -5.902  1.00 65.57  ? 125 GLU A C   1 
ATOM   895  O O   . GLU A 1 145 ? 4.844   2.709   -7.124  1.00 64.98  ? 125 GLU A O   1 
ATOM   896  C CB  . GLU A 1 145 ? 6.958   1.256   -5.247  1.00 69.90  ? 125 GLU A CB  1 
ATOM   897  C CG  . GLU A 1 145 ? 8.406   1.230   -5.671  1.00 75.14  ? 125 GLU A CG  1 
ATOM   898  C CD  . GLU A 1 145 ? 8.590   1.657   -7.117  1.00 77.23  ? 125 GLU A CD  1 
ATOM   899  O OE1 . GLU A 1 145 ? 7.963   1.027   -8.001  1.00 78.10  ? 125 GLU A OE1 1 
ATOM   900  O OE2 . GLU A 1 145 ? 9.356   2.615   -7.372  1.00 77.80  ? 125 GLU A OE2 1 
ATOM   901  N N   . TRP A 1 146 ? 3.939   2.473   -5.073  1.00 61.81  ? 126 TRP A N   1 
ATOM   902  C CA  . TRP A 1 146 ? 2.577   2.422   -5.586  1.00 57.75  ? 126 TRP A CA  1 
ATOM   903  C C   . TRP A 1 146 ? 2.326   3.675   -6.398  1.00 55.56  ? 126 TRP A C   1 
ATOM   904  O O   . TRP A 1 146 ? 1.683   3.624   -7.440  1.00 53.43  ? 126 TRP A O   1 
ATOM   905  C CB  . TRP A 1 146 ? 1.540   2.331   -4.449  1.00 57.72  ? 126 TRP A CB  1 
ATOM   906  C CG  . TRP A 1 146 ? 1.340   3.613   -3.676  1.00 57.21  ? 126 TRP A CG  1 
ATOM   907  C CD1 . TRP A 1 146 ? 1.962   3.980   -2.523  1.00 56.79  ? 126 TRP A CD1 1 
ATOM   908  C CD2 . TRP A 1 146 ? 0.507   4.724   -4.050  1.00 57.23  ? 126 TRP A CD2 1 
ATOM   909  N NE1 . TRP A 1 146 ? 1.577   5.245   -2.154  1.00 56.09  ? 126 TRP A NE1 1 
ATOM   910  C CE2 . TRP A 1 146 ? 0.687   5.727   -3.076  1.00 56.48  ? 126 TRP A CE2 1 
ATOM   911  C CE3 . TRP A 1 146 ? -0.368  4.971   -5.122  1.00 56.19  ? 126 TRP A CE3 1 
ATOM   912  C CZ2 . TRP A 1 146 ? 0.026   6.963   -3.140  1.00 57.10  ? 126 TRP A CZ2 1 
ATOM   913  C CZ3 . TRP A 1 146 ? -1.022  6.199   -5.187  1.00 53.95  ? 126 TRP A CZ3 1 
ATOM   914  C CH2 . TRP A 1 146 ? -0.818  7.179   -4.204  1.00 56.32  ? 126 TRP A CH2 1 
ATOM   915  N N   . ALA A 1 147 ? 2.848   4.802   -5.921  1.00 52.78  ? 127 ALA A N   1 
ATOM   916  C CA  . ALA A 1 147 ? 2.658   6.076   -6.607  1.00 52.52  ? 127 ALA A CA  1 
ATOM   917  C C   . ALA A 1 147 ? 3.407   6.132   -7.930  1.00 50.44  ? 127 ALA A C   1 
ATOM   918  O O   . ALA A 1 147 ? 3.052   6.905   -8.810  1.00 50.52  ? 127 ALA A O   1 
ATOM   919  C CB  . ALA A 1 147 ? 3.098   7.221   -5.712  1.00 53.21  ? 127 ALA A CB  1 
ATOM   920  N N   . GLU A 1 148 ? 4.445   5.315   -8.065  1.00 49.42  ? 128 GLU A N   1 
ATOM   921  C CA  . GLU A 1 148 ? 5.225   5.277   -9.293  1.00 49.43  ? 128 GLU A CA  1 
ATOM   922  C C   . GLU A 1 148 ? 4.428   4.633   -10.414 1.00 47.48  ? 128 GLU A C   1 
ATOM   923  O O   . GLU A 1 148 ? 4.407   5.124   -11.534 1.00 45.36  ? 128 GLU A O   1 
ATOM   924  C CB  . GLU A 1 148 ? 6.528   4.498   -9.086  1.00 51.33  ? 128 GLU A CB  1 
ATOM   925  C CG  . GLU A 1 148 ? 7.605   5.266   -8.354  1.00 53.97  ? 128 GLU A CG  1 
ATOM   926  C CD  . GLU A 1 148 ? 8.022   6.506   -9.103  1.00 55.67  ? 128 GLU A CD  1 
ATOM   927  O OE1 . GLU A 1 148 ? 8.360   6.386   -10.293 1.00 56.85  ? 128 GLU A OE1 1 
ATOM   928  O OE2 . GLU A 1 148 ? 8.010   7.598   -8.502  1.00 56.18  ? 128 GLU A OE2 1 
ATOM   929  N N   . GLY A 1 149 ? 3.786   3.516   -10.108 1.00 47.02  ? 129 GLY A N   1 
ATOM   930  C CA  . GLY A 1 149 ? 2.983   2.832   -11.101 1.00 45.46  ? 129 GLY A CA  1 
ATOM   931  C C   . GLY A 1 149 ? 1.765   3.659   -11.452 1.00 45.26  ? 129 GLY A C   1 
ATOM   932  O O   . GLY A 1 149 ? 1.495   3.894   -12.618 1.00 45.99  ? 129 GLY A O   1 
ATOM   933  N N   . VAL A 1 150 ? 1.044   4.118   -10.438 1.00 45.20  ? 130 VAL A N   1 
ATOM   934  C CA  . VAL A 1 150 ? -0.158  4.917   -10.635 1.00 43.91  ? 130 VAL A CA  1 
ATOM   935  C C   . VAL A 1 150 ? 0.230   6.200   -11.338 1.00 43.60  ? 130 VAL A C   1 
ATOM   936  O O   . VAL A 1 150 ? -0.329  6.533   -12.377 1.00 42.02  ? 130 VAL A O   1 
ATOM   937  C CB  . VAL A 1 150 ? -0.866  5.225   -9.268  1.00 45.59  ? 130 VAL A CB  1 
ATOM   938  C CG1 . VAL A 1 150 ? -2.048  6.136   -9.469  1.00 43.92  ? 130 VAL A CG1 1 
ATOM   939  C CG2 . VAL A 1 150 ? -1.350  3.929   -8.620  1.00 43.98  ? 130 VAL A CG2 1 
ATOM   940  N N   . GLY A 1 151 ? 1.205   6.910   -10.781 1.00 44.45  ? 131 GLY A N   1 
ATOM   941  C CA  . GLY A 1 151 ? 1.662   8.148   -11.389 1.00 42.77  ? 131 GLY A CA  1 
ATOM   942  C C   . GLY A 1 151 ? 2.053   8.001   -12.852 1.00 42.89  ? 131 GLY A C   1 
ATOM   943  O O   . GLY A 1 151 ? 1.697   8.828   -13.673 1.00 40.78  ? 131 GLY A O   1 
ATOM   944  N N   . ALA A 1 152 ? 2.783   6.946   -13.187 1.00 41.99  ? 132 ALA A N   1 
ATOM   945  C CA  . ALA A 1 152 ? 3.204   6.727   -14.567 1.00 45.45  ? 132 ALA A CA  1 
ATOM   946  C C   . ALA A 1 152 ? 1.995   6.514   -15.464 1.00 46.36  ? 132 ALA A C   1 
ATOM   947  O O   . ALA A 1 152 ? 1.966   6.955   -16.610 1.00 47.77  ? 132 ALA A O   1 
ATOM   948  C CB  . ALA A 1 152 ? 4.121   5.518   -14.650 1.00 41.64  ? 132 ALA A CB  1 
ATOM   949  N N   . LEU A 1 153 ? 0.999   5.830   -14.926 1.00 46.00  ? 133 LEU A N   1 
ATOM   950  C CA  . LEU A 1 153 ? -0.224  5.526   -15.656 1.00 45.82  ? 133 LEU A CA  1 
ATOM   951  C C   . LEU A 1 153 ? -1.100  6.758   -15.888 1.00 44.22  ? 133 LEU A C   1 
ATOM   952  O O   . LEU A 1 153 ? -1.634  6.946   -16.974 1.00 43.38  ? 133 LEU A O   1 
ATOM   953  C CB  . LEU A 1 153 ? -0.996  4.448   -14.892 1.00 47.25  ? 133 LEU A CB  1 
ATOM   954  C CG  . LEU A 1 153 ? -2.220  3.797   -15.521 1.00 50.63  ? 133 LEU A CG  1 
ATOM   955  C CD1 . LEU A 1 153 ? -2.524  2.510   -14.780 1.00 48.78  ? 133 LEU A CD1 1 
ATOM   956  C CD2 . LEU A 1 153 ? -3.406  4.742   -15.475 1.00 49.00  ? 133 LEU A CD2 1 
ATOM   957  N N   . LEU A 1 154 ? -1.238  7.599   -14.873 1.00 43.18  ? 134 LEU A N   1 
ATOM   958  C CA  . LEU A 1 154 ? -2.058  8.798   -15.000 1.00 43.75  ? 134 LEU A CA  1 
ATOM   959  C C   . LEU A 1 154 ? -1.384  9.877   -15.825 1.00 45.43  ? 134 LEU A C   1 
ATOM   960  O O   . LEU A 1 154 ? -2.065  10.690  -16.439 1.00 45.82  ? 134 LEU A O   1 
ATOM   961  C CB  . LEU A 1 154 ? -2.418  9.355   -13.619 1.00 42.07  ? 134 LEU A CB  1 
ATOM   962  C CG  . LEU A 1 154 ? -3.165  8.349   -12.737 1.00 41.29  ? 134 LEU A CG  1 
ATOM   963  C CD1 . LEU A 1 154 ? -3.328  8.876   -11.313 1.00 39.25  ? 134 LEU A CD1 1 
ATOM   964  C CD2 . LEU A 1 154 ? -4.505  8.051   -13.386 1.00 42.11  ? 134 LEU A CD2 1 
ATOM   965  N N   . ALA A 1 155 ? -0.054  9.891   -15.839 1.00 46.80  ? 135 ALA A N   1 
ATOM   966  C CA  . ALA A 1 155 ? 0.672   10.884  -16.619 1.00 48.71  ? 135 ALA A CA  1 
ATOM   967  C C   . ALA A 1 155 ? 0.484   10.596  -18.098 1.00 50.56  ? 135 ALA A C   1 
ATOM   968  O O   . ALA A 1 155 ? 0.311   11.510  -18.898 1.00 50.86  ? 135 ALA A O   1 
ATOM   969  C CB  . ALA A 1 155 ? 2.153   10.860  -16.278 1.00 49.03  ? 135 ALA A CB  1 
ATOM   970  N N   . ALA A 1 156 ? 0.529   9.320   -18.462 1.00 52.02  ? 136 ALA A N   1 
ATOM   971  C CA  . ALA A 1 156 ? 0.351   8.925   -19.850 1.00 53.81  ? 136 ALA A CA  1 
ATOM   972  C C   . ALA A 1 156 ? -1.109  9.101   -20.266 1.00 55.73  ? 136 ALA A C   1 
ATOM   973  O O   . ALA A 1 156 ? -1.407  9.363   -21.425 1.00 56.59  ? 136 ALA A O   1 
ATOM   974  C CB  . ALA A 1 156 ? 0.769   7.490   -20.029 1.00 51.27  ? 136 ALA A CB  1 
ATOM   975  N N   . ARG A 1 157 ? -2.008  8.968   -19.299 1.00 57.01  ? 137 ARG A N   1 
ATOM   976  C CA  . ARG A 1 157 ? -3.435  9.089   -19.533 1.00 57.73  ? 137 ARG A CA  1 
ATOM   977  C C   . ARG A 1 157 ? -3.855  10.549  -19.633 1.00 57.49  ? 137 ARG A C   1 
ATOM   978  O O   . ARG A 1 157 ? -4.641  10.909  -20.499 1.00 57.67  ? 137 ARG A O   1 
ATOM   979  C CB  . ARG A 1 157 ? -4.184  8.414   -18.385 1.00 60.09  ? 137 ARG A CB  1 
ATOM   980  C CG  . ARG A 1 157 ? -5.477  7.715   -18.745 1.00 62.00  ? 137 ARG A CG  1 
ATOM   981  C CD  . ARG A 1 157 ? -6.636  8.658   -18.883 1.00 62.28  ? 137 ARG A CD  1 
ATOM   982  N NE  . ARG A 1 157 ? -7.894  7.923   -18.979 1.00 61.61  ? 137 ARG A NE  1 
ATOM   983  C CZ  . ARG A 1 157 ? -9.083  8.500   -19.092 1.00 63.85  ? 137 ARG A CZ  1 
ATOM   984  N NH1 . ARG A 1 157 ? -9.181  9.826   -19.121 1.00 63.53  ? 137 ARG A NH1 1 
ATOM   985  N NH2 . ARG A 1 157 ? -10.176 7.755   -19.184 1.00 63.25  ? 137 ARG A NH2 1 
ATOM   986  N N   . THR A 1 158 ? -3.324  11.384  -18.749 1.00 56.74  ? 138 THR A N   1 
ATOM   987  C CA  . THR A 1 158 ? -3.662  12.806  -18.716 1.00 55.21  ? 138 THR A CA  1 
ATOM   988  C C   . THR A 1 158 ? -2.461  13.725  -18.997 1.00 54.69  ? 138 THR A C   1 
ATOM   989  O O   . THR A 1 158 ? -2.123  13.980  -20.145 1.00 56.74  ? 138 THR A O   1 
ATOM   990  C CB  . THR A 1 158 ? -4.272  13.180  -17.346 1.00 54.60  ? 138 THR A CB  1 
ATOM   991  O OG1 . THR A 1 158 ? -3.330  12.898  -16.306 1.00 54.39  ? 138 THR A OG1 1 
ATOM   992  C CG2 . THR A 1 158 ? -5.522  12.374  -17.081 1.00 53.92  ? 138 THR A CG2 1 
ATOM   993  N N   . ASP A 1 159 ? -1.838  14.238  -17.946 1.00 51.87  ? 139 ASP A N   1 
ATOM   994  C CA  . ASP A 1 159 ? -0.683  15.105  -18.081 1.00 49.95  ? 139 ASP A CA  1 
ATOM   995  C C   . ASP A 1 159 ? 0.039   15.110  -16.735 1.00 49.87  ? 139 ASP A C   1 
ATOM   996  O O   . ASP A 1 159 ? -0.553  14.814  -15.703 1.00 49.74  ? 139 ASP A O   1 
ATOM   997  C CB  . ASP A 1 159 ? -1.110  16.515  -18.511 1.00 47.13  ? 139 ASP A CB  1 
ATOM   998  C CG  . ASP A 1 159 ? -1.810  17.290  -17.420 1.00 48.02  ? 139 ASP A CG  1 
ATOM   999  O OD1 . ASP A 1 159 ? -1.124  17.831  -16.541 1.00 46.42  ? 139 ASP A OD1 1 
ATOM   1000 O OD2 . ASP A 1 159 ? -3.049  17.370  -17.438 1.00 48.29  ? 139 ASP A OD2 1 
ATOM   1001 N N   . PRO A 1 160 ? 1.338   15.418  -16.734 1.00 49.93  ? 140 PRO A N   1 
ATOM   1002 C CA  . PRO A 1 160 ? 2.178   15.454  -15.533 1.00 47.45  ? 140 PRO A CA  1 
ATOM   1003 C C   . PRO A 1 160 ? 1.581   16.125  -14.305 1.00 44.55  ? 140 PRO A C   1 
ATOM   1004 O O   . PRO A 1 160 ? 1.521   15.535  -13.240 1.00 42.98  ? 140 PRO A O   1 
ATOM   1005 C CB  . PRO A 1 160 ? 3.436   16.150  -16.028 1.00 48.69  ? 140 PRO A CB  1 
ATOM   1006 C CG  . PRO A 1 160 ? 3.543   15.633  -17.419 1.00 50.45  ? 140 PRO A CG  1 
ATOM   1007 C CD  . PRO A 1 160 ? 2.125   15.792  -17.921 1.00 50.08  ? 140 PRO A CD  1 
ATOM   1008 N N   . THR A 1 161 ? 1.150   17.365  -14.453 1.00 43.41  ? 141 THR A N   1 
ATOM   1009 C CA  . THR A 1 161 ? 0.576   18.092  -13.346 1.00 43.02  ? 141 THR A CA  1 
ATOM   1010 C C   . THR A 1 161 ? -0.680  17.435  -12.801 1.00 43.06  ? 141 THR A C   1 
ATOM   1011 O O   . THR A 1 161 ? -0.866  17.379  -11.598 1.00 45.68  ? 141 THR A O   1 
ATOM   1012 C CB  . THR A 1 161 ? 0.250   19.506  -13.765 1.00 42.21  ? 141 THR A CB  1 
ATOM   1013 O OG1 . THR A 1 161 ? 1.456   20.147  -14.183 1.00 39.59  ? 141 THR A OG1 1 
ATOM   1014 C CG2 . THR A 1 161 ? -0.354  20.280  -12.605 1.00 44.34  ? 141 THR A CG2 1 
ATOM   1015 N N   . THR A 1 162 ? -1.541  16.949  -13.688 1.00 41.06  ? 142 THR A N   1 
ATOM   1016 C CA  . THR A 1 162 ? -2.776  16.295  -13.288 1.00 40.59  ? 142 THR A CA  1 
ATOM   1017 C C   . THR A 1 162 ? -2.435  14.983  -12.614 1.00 39.41  ? 142 THR A C   1 
ATOM   1018 O O   . THR A 1 162 ? -3.044  14.617  -11.626 1.00 37.61  ? 142 THR A O   1 
ATOM   1019 C CB  . THR A 1 162 ? -3.679  16.017  -14.501 1.00 41.10  ? 142 THR A CB  1 
ATOM   1020 O OG1 . THR A 1 162 ? -4.137  17.259  -15.039 1.00 41.40  ? 142 THR A OG1 1 
ATOM   1021 C CG2 . THR A 1 162 ? -4.874  15.161  -14.103 1.00 39.35  ? 142 THR A CG2 1 
ATOM   1022 N N   . ALA A 1 163 ? -1.463  14.271  -13.168 1.00 38.84  ? 143 ALA A N   1 
ATOM   1023 C CA  . ALA A 1 163 ? -1.016  13.013  -12.589 1.00 39.40  ? 143 ALA A CA  1 
ATOM   1024 C C   . ALA A 1 163 ? -0.566  13.208  -11.119 1.00 40.36  ? 143 ALA A C   1 
ATOM   1025 O O   . ALA A 1 163 ? -1.005  12.481  -10.226 1.00 41.83  ? 143 ALA A O   1 
ATOM   1026 C CB  . ALA A 1 163 ? 0.105   12.456  -13.414 1.00 36.41  ? 143 ALA A CB  1 
ATOM   1027 N N   . ARG A 1 164 ? 0.296   14.190  -10.870 1.00 40.32  ? 144 ARG A N   1 
ATOM   1028 C CA  . ARG A 1 164 ? 0.775   14.477  -9.521  1.00 42.01  ? 144 ARG A CA  1 
ATOM   1029 C C   . ARG A 1 164 ? -0.355  14.930  -8.592  1.00 42.17  ? 144 ARG A C   1 
ATOM   1030 O O   . ARG A 1 164 ? -0.403  14.558  -7.430  1.00 41.12  ? 144 ARG A O   1 
ATOM   1031 C CB  . ARG A 1 164 ? 1.828   15.582  -9.558  1.00 42.80  ? 144 ARG A CB  1 
ATOM   1032 C CG  . ARG A 1 164 ? 3.063   15.270  -10.367 1.00 47.05  ? 144 ARG A CG  1 
ATOM   1033 C CD  . ARG A 1 164 ? 3.975   16.461  -10.326 1.00 53.37  ? 144 ARG A CD  1 
ATOM   1034 N NE  . ARG A 1 164 ? 4.306   16.820  -8.945  1.00 58.32  ? 144 ARG A NE  1 
ATOM   1035 C CZ  . ARG A 1 164 ? 4.658   18.039  -8.538  1.00 58.80  ? 144 ARG A CZ  1 
ATOM   1036 N NH1 . ARG A 1 164 ? 4.727   19.053  -9.402  1.00 57.07  ? 144 ARG A NH1 1 
ATOM   1037 N NH2 . ARG A 1 164 ? 4.956   18.240  -7.261  1.00 58.88  ? 144 ARG A NH2 1 
ATOM   1038 N N   . ALA A 1 165 ? -1.255  15.757  -9.105  1.00 42.09  ? 145 ALA A N   1 
ATOM   1039 C CA  . ALA A 1 165 ? -2.356  16.256  -8.303  1.00 41.44  ? 145 ALA A CA  1 
ATOM   1040 C C   . ALA A 1 165 ? -3.243  15.088  -7.889  1.00 42.39  ? 145 ALA A C   1 
ATOM   1041 O O   . ALA A 1 165 ? -3.656  14.983  -6.728  1.00 42.21  ? 145 ALA A O   1 
ATOM   1042 C CB  . ALA A 1 165 ? -3.146  17.298  -9.095  1.00 37.70  ? 145 ALA A CB  1 
ATOM   1043 N N   . LEU A 1 166 ? -3.522  14.201  -8.839  1.00 41.37  ? 146 LEU A N   1 
ATOM   1044 C CA  . LEU A 1 166 ? -4.338  13.022  -8.579  1.00 41.65  ? 146 LEU A CA  1 
ATOM   1045 C C   . LEU A 1 166 ? -3.661  12.152  -7.512  1.00 43.25  ? 146 LEU A C   1 
ATOM   1046 O O   . LEU A 1 166 ? -4.300  11.715  -6.559  1.00 43.55  ? 146 LEU A O   1 
ATOM   1047 C CB  . LEU A 1 166 ? -4.516  12.221  -9.875  1.00 41.21  ? 146 LEU A CB  1 
ATOM   1048 C CG  . LEU A 1 166 ? -5.861  12.147  -10.612 1.00 41.45  ? 146 LEU A CG  1 
ATOM   1049 C CD1 . LEU A 1 166 ? -6.795  13.226  -10.146 1.00 37.92  ? 146 LEU A CD1 1 
ATOM   1050 C CD2 . LEU A 1 166 ? -5.622  12.221  -12.102 1.00 38.21  ? 146 LEU A CD2 1 
ATOM   1051 N N   . VAL A 1 167 ? -2.365  11.893  -7.673  1.00 42.79  ? 147 VAL A N   1 
ATOM   1052 C CA  . VAL A 1 167 ? -1.644  11.082  -6.696  1.00 42.75  ? 147 VAL A CA  1 
ATOM   1053 C C   . VAL A 1 167 ? -1.718  11.745  -5.321  1.00 42.98  ? 147 VAL A C   1 
ATOM   1054 O O   . VAL A 1 167 ? -1.833  11.076  -4.305  1.00 42.17  ? 147 VAL A O   1 
ATOM   1055 C CB  . VAL A 1 167 ? -0.152  10.900  -7.100  1.00 42.77  ? 147 VAL A CB  1 
ATOM   1056 C CG1 . VAL A 1 167 ? 0.698   10.611  -5.879  1.00 38.45  ? 147 VAL A CG1 1 
ATOM   1057 C CG2 . VAL A 1 167 ? -0.018  9.758   -8.086  1.00 39.21  ? 147 VAL A CG2 1 
ATOM   1058 N N   . ALA A 1 168 ? -1.659  13.070  -5.303  1.00 43.48  ? 148 ALA A N   1 
ATOM   1059 C CA  . ALA A 1 168 ? -1.718  13.827  -4.065  1.00 43.93  ? 148 ALA A CA  1 
ATOM   1060 C C   . ALA A 1 168 ? -3.053  13.668  -3.328  1.00 44.61  ? 148 ALA A C   1 
ATOM   1061 O O   . ALA A 1 168 ? -3.056  13.435  -2.119  1.00 44.32  ? 148 ALA A O   1 
ATOM   1062 C CB  . ALA A 1 168 ? -1.427  15.299  -4.342  1.00 42.28  ? 148 ALA A CB  1 
ATOM   1063 N N   . VAL A 1 169 ? -4.189  13.785  -4.012  1.00 45.30  ? 149 VAL A N   1 
ATOM   1064 C CA  . VAL A 1 169 ? -5.444  13.613  -3.281  1.00 48.04  ? 149 VAL A CA  1 
ATOM   1065 C C   . VAL A 1 169 ? -5.644  12.174  -2.847  1.00 47.09  ? 149 VAL A C   1 
ATOM   1066 O O   . VAL A 1 169 ? -6.211  11.936  -1.783  1.00 47.05  ? 149 VAL A O   1 
ATOM   1067 C CB  . VAL A 1 169 ? -6.693  14.054  -4.071  1.00 49.27  ? 149 VAL A CB  1 
ATOM   1068 C CG1 . VAL A 1 169 ? -6.615  15.523  -4.362  1.00 52.97  ? 149 VAL A CG1 1 
ATOM   1069 C CG2 . VAL A 1 169 ? -6.826  13.251  -5.343  1.00 53.99  ? 149 VAL A CG2 1 
ATOM   1070 N N   . LEU A 1 170 ? -5.197  11.216  -3.657  1.00 45.75  ? 150 LEU A N   1 
ATOM   1071 C CA  . LEU A 1 170 ? -5.326  9.809   -3.267  1.00 45.65  ? 150 LEU A CA  1 
ATOM   1072 C C   . LEU A 1 170 ? -4.704  9.623   -1.882  1.00 44.51  ? 150 LEU A C   1 
ATOM   1073 O O   . LEU A 1 170 ? -5.298  8.989   -1.010  1.00 44.56  ? 150 LEU A O   1 
ATOM   1074 C CB  . LEU A 1 170 ? -4.614  8.891   -4.254  1.00 46.68  ? 150 LEU A CB  1 
ATOM   1075 C CG  . LEU A 1 170 ? -5.318  8.349   -5.503  1.00 48.95  ? 150 LEU A CG  1 
ATOM   1076 C CD1 . LEU A 1 170 ? -6.798  8.651   -5.463  1.00 46.28  ? 150 LEU A CD1 1 
ATOM   1077 C CD2 . LEU A 1 170 ? -4.662  8.937   -6.734  1.00 49.14  ? 150 LEU A CD2 1 
ATOM   1078 N N   . ASP A 1 171 ? -3.504  10.171  -1.697  1.00 43.83  ? 151 ASP A N   1 
ATOM   1079 C CA  . ASP A 1 171 ? -2.793  10.121  -0.415  1.00 44.23  ? 151 ASP A CA  1 
ATOM   1080 C C   . ASP A 1 171 ? -3.610  10.889  0.620   1.00 43.77  ? 151 ASP A C   1 
ATOM   1081 O O   . ASP A 1 171 ? -3.780  10.446  1.745   1.00 40.72  ? 151 ASP A O   1 
ATOM   1082 C CB  . ASP A 1 171 ? -1.416  10.794  -0.519  1.00 43.77  ? 151 ASP A CB  1 
ATOM   1083 C CG  . ASP A 1 171 ? -0.273  9.795   -0.603  1.00 48.82  ? 151 ASP A CG  1 
ATOM   1084 O OD1 . ASP A 1 171 ? -0.212  8.871   0.240   1.00 49.99  ? 151 ASP A OD1 1 
ATOM   1085 O OD2 . ASP A 1 171 ? 0.576   9.939   -1.504  1.00 48.06  ? 151 ASP A OD2 1 
ATOM   1086 N N   . GLY A 1 172 ? -4.107  12.053  0.220   1.00 42.21  ? 152 GLY A N   1 
ATOM   1087 C CA  . GLY A 1 172 ? -4.889  12.861  1.127   1.00 43.64  ? 152 GLY A CA  1 
ATOM   1088 C C   . GLY A 1 172 ? -6.125  12.139  1.600   1.00 44.53  ? 152 GLY A C   1 
ATOM   1089 O O   . GLY A 1 172 ? -6.428  12.134  2.788   1.00 46.07  ? 152 GLY A O   1 
ATOM   1090 N N   . ILE A 1 173 ? -6.840  11.523  0.667   1.00 44.13  ? 153 ILE A N   1 
ATOM   1091 C CA  . ILE A 1 173 ? -8.057  10.813  0.993   1.00 44.47  ? 153 ILE A CA  1 
ATOM   1092 C C   . ILE A 1 173 ? -7.854  9.599   1.882   1.00 45.81  ? 153 ILE A C   1 
ATOM   1093 O O   . ILE A 1 173 ? -8.640  9.379   2.793   1.00 44.68  ? 153 ILE A O   1 
ATOM   1094 C CB  . ILE A 1 173 ? -8.817  10.406  -0.279  1.00 43.62  ? 153 ILE A CB  1 
ATOM   1095 C CG1 . ILE A 1 173 ? -9.373  11.657  -0.955  1.00 42.34  ? 153 ILE A CG1 1 
ATOM   1096 C CG2 . ILE A 1 173 ? -9.957  9.450   0.070   1.00 41.98  ? 153 ILE A CG2 1 
ATOM   1097 C CD1 . ILE A 1 173 ? -10.184 11.381  -2.196  1.00 45.21  ? 153 ILE A CD1 1 
ATOM   1098 N N   . CYS A 1 174 ? -6.822  8.802   1.630   1.00 48.20  ? 154 CYS A N   1 
ATOM   1099 C CA  . CYS A 1 174 ? -6.585  7.648   2.493   1.00 51.96  ? 154 CYS A CA  1 
ATOM   1100 C C   . CYS A 1 174 ? -6.388  8.115   3.932   1.00 54.76  ? 154 CYS A C   1 
ATOM   1101 O O   . CYS A 1 174 ? -6.925  7.516   4.855   1.00 54.08  ? 154 CYS A O   1 
ATOM   1102 C CB  . CYS A 1 174 ? -5.379  6.843   2.025   1.00 51.12  ? 154 CYS A CB  1 
ATOM   1103 S SG  . CYS A 1 174 ? -5.665  5.974   0.469   1.00 55.22  ? 154 CYS A SG  1 
ATOM   1104 N N   . LEU A 1 175 ? -5.630  9.187   4.132   1.00 57.77  ? 155 LEU A N   1 
ATOM   1105 C CA  . LEU A 1 175 ? -5.448  9.696   5.477   1.00 62.07  ? 155 LEU A CA  1 
ATOM   1106 C C   . LEU A 1 175 ? -6.814  10.038  6.066   1.00 65.49  ? 155 LEU A C   1 
ATOM   1107 O O   . LEU A 1 175 ? -7.233  9.407   7.038   1.00 66.68  ? 155 LEU A O   1 
ATOM   1108 C CB  . LEU A 1 175 ? -4.563  10.940  5.492   1.00 63.35  ? 155 LEU A CB  1 
ATOM   1109 C CG  . LEU A 1 175 ? -3.051  10.740  5.559   1.00 64.95  ? 155 LEU A CG  1 
ATOM   1110 C CD1 . LEU A 1 175 ? -2.448  10.918  4.180   1.00 66.78  ? 155 LEU A CD1 1 
ATOM   1111 C CD2 . LEU A 1 175 ? -2.445  11.756  6.510   1.00 65.30  ? 155 LEU A CD2 1 
ATOM   1112 N N   . GLN A 1 176 ? -7.510  11.021  5.484   1.00 67.18  ? 156 GLN A N   1 
ATOM   1113 C CA  . GLN A 1 176 ? -8.837  11.407  5.982   1.00 70.55  ? 156 GLN A CA  1 
ATOM   1114 C C   . GLN A 1 176 ? -9.535  10.158  6.472   1.00 73.87  ? 156 GLN A C   1 
ATOM   1115 O O   . GLN A 1 176 ? -9.882  10.043  7.646   1.00 76.10  ? 156 GLN A O   1 
ATOM   1116 C CB  . GLN A 1 176 ? -9.717  12.038  4.886   1.00 68.55  ? 156 GLN A CB  1 
ATOM   1117 C CG  . GLN A 1 176 ? -9.297  13.434  4.414   1.00 67.96  ? 156 GLN A CG  1 
ATOM   1118 C CD  . GLN A 1 176 ? -10.377 14.165  3.584   1.00 67.44  ? 156 GLN A CD  1 
ATOM   1119 O OE1 . GLN A 1 176 ? -10.853 13.660  2.557   1.00 62.49  ? 156 GLN A OE1 1 
ATOM   1120 N NE2 . GLN A 1 176 ? -10.749 15.366  4.031   1.00 62.02  ? 156 GLN A NE2 1 
ATOM   1121 N N   . VAL A 1 177 ? -9.712  9.213   5.556   1.00 76.74  ? 157 VAL A N   1 
ATOM   1122 C CA  . VAL A 1 177 ? -10.371 7.953   5.844   1.00 78.83  ? 157 VAL A CA  1 
ATOM   1123 C C   . VAL A 1 177 ? -9.701  7.207   6.990   1.00 81.01  ? 157 VAL A C   1 
ATOM   1124 O O   . VAL A 1 177 ? -10.219 7.185   8.102   1.00 81.83  ? 157 VAL A O   1 
ATOM   1125 C CB  . VAL A 1 177 ? -10.396 7.046   4.586   1.00 78.77  ? 157 VAL A CB  1 
ATOM   1126 C CG1 . VAL A 1 177 ? -11.053 5.720   4.903   1.00 79.01  ? 157 VAL A CG1 1 
ATOM   1127 C CG2 . VAL A 1 177 ? -11.147 7.735   3.461   1.00 78.46  ? 157 VAL A CG2 1 
ATOM   1128 N N   . LEU A 1 178 ? -8.554  6.596   6.715   1.00 83.13  ? 158 LEU A N   1 
ATOM   1129 C CA  . LEU A 1 178 ? -7.825  5.827   7.722   1.00 85.20  ? 158 LEU A CA  1 
ATOM   1130 C C   . LEU A 1 178 ? -7.228  6.685   8.833   1.00 86.75  ? 158 LEU A C   1 
ATOM   1131 O O   . LEU A 1 178 ? -6.022  6.644   9.100   1.00 86.49  ? 158 LEU A O   1 
ATOM   1132 C CB  . LEU A 1 178 ? -6.724  5.006   7.049   1.00 85.47  ? 158 LEU A CB  1 
ATOM   1133 C CG  . LEU A 1 178 ? -7.250  4.066   5.966   1.00 86.28  ? 158 LEU A CG  1 
ATOM   1134 C CD1 . LEU A 1 178 ? -6.110  3.270   5.394   1.00 87.08  ? 158 LEU A CD1 1 
ATOM   1135 C CD2 . LEU A 1 178 ? -8.303  3.138   6.550   1.00 86.56  ? 158 LEU A CD2 1 
ATOM   1136 N N   . LEU A 1 179 ? -8.097  7.446   9.484   1.00 87.85  ? 159 LEU A N   1 
ATOM   1137 C CA  . LEU A 1 179 ? -7.713  8.328   10.570  1.00 88.66  ? 159 LEU A CA  1 
ATOM   1138 C C   . LEU A 1 179 ? -8.965  8.738   11.347  1.00 89.40  ? 159 LEU A C   1 
ATOM   1139 O O   . LEU A 1 179 ? -8.982  9.742   12.051  1.00 89.56  ? 159 LEU A O   1 
ATOM   1140 C CB  . LEU A 1 179 ? -6.976  9.543   10.003  1.00 88.76  ? 159 LEU A CB  1 
ATOM   1141 C CG  . LEU A 1 179 ? -7.152  10.931  10.610  1.00 88.82  ? 159 LEU A CG  1 
ATOM   1142 C CD1 . LEU A 1 179 ? -5.973  11.805  10.234  1.00 89.45  ? 159 LEU A CD1 1 
ATOM   1143 C CD2 . LEU A 1 179 ? -8.461  11.532  10.115  1.00 89.29  ? 159 LEU A CD2 1 
ATOM   1144 N N   . THR A 1 180 ? -10.011 7.933   11.213  1.00 89.91  ? 160 THR A N   1 
ATOM   1145 C CA  . THR A 1 180 ? -11.273 8.171   11.901  1.00 90.77  ? 160 THR A CA  1 
ATOM   1146 C C   . THR A 1 180 ? -12.278 7.082   11.566  1.00 91.42  ? 160 THR A C   1 
ATOM   1147 O O   . THR A 1 180 ? -12.102 6.332   10.600  1.00 91.59  ? 160 THR A O   1 
ATOM   1148 C CB  . THR A 1 180 ? -11.895 9.525   11.521  1.00 90.51  ? 160 THR A CB  1 
ATOM   1149 O OG1 . THR A 1 180 ? -11.290 10.016  10.318  1.00 90.71  ? 160 THR A OG1 1 
ATOM   1150 C CG2 . THR A 1 180 ? -11.706 10.524  12.650  1.00 90.51  ? 160 THR A CG2 1 
ATOM   1151 N N   . ASP A 1 181 ? -13.330 6.996   12.373  1.00 91.49  ? 161 ASP A N   1 
ATOM   1152 C CA  . ASP A 1 181 ? -14.383 6.007   12.169  1.00 91.46  ? 161 ASP A CA  1 
ATOM   1153 C C   . ASP A 1 181 ? -15.090 6.408   10.883  1.00 90.24  ? 161 ASP A C   1 
ATOM   1154 O O   . ASP A 1 181 ? -16.259 6.099   10.662  1.00 90.34  ? 161 ASP A O   1 
ATOM   1155 C CB  . ASP A 1 181 ? -15.360 6.048   13.347  1.00 92.63  ? 161 ASP A CB  1 
ATOM   1156 C CG  . ASP A 1 181 ? -15.894 4.681   13.706  1.00 93.54  ? 161 ASP A CG  1 
ATOM   1157 O OD1 . ASP A 1 181 ? -16.687 4.591   14.669  1.00 93.04  ? 161 ASP A OD1 1 
ATOM   1158 O OD2 . ASP A 1 181 ? -15.514 3.701   13.028  1.00 94.04  ? 161 ASP A OD2 1 
ATOM   1159 N N   . THR A 1 182 ? -14.345 7.112   10.042  1.00 88.54  ? 162 THR A N   1 
ATOM   1160 C CA  . THR A 1 182 ? -14.825 7.619   8.775   1.00 86.64  ? 162 THR A CA  1 
ATOM   1161 C C   . THR A 1 182 ? -14.816 6.577   7.677   1.00 84.61  ? 162 THR A C   1 
ATOM   1162 O O   . THR A 1 182 ? -13.750 6.181   7.205   1.00 84.83  ? 162 THR A O   1 
ATOM   1163 C CB  . THR A 1 182 ? -13.948 8.777   8.315   1.00 87.12  ? 162 THR A CB  1 
ATOM   1164 O OG1 . THR A 1 182 ? -13.871 9.750   9.364   1.00 88.23  ? 162 THR A OG1 1 
ATOM   1165 C CG2 . THR A 1 182 ? -14.516 9.410   7.055   1.00 87.68  ? 162 THR A CG2 1 
ATOM   1166 N N   . PRO A 1 183 ? -16.001 6.105   7.261   1.00 82.19  ? 163 PRO A N   1 
ATOM   1167 C CA  . PRO A 1 183 ? -16.010 5.106   6.192   1.00 80.06  ? 163 PRO A CA  1 
ATOM   1168 C C   . PRO A 1 183 ? -15.411 5.750   4.940   1.00 78.27  ? 163 PRO A C   1 
ATOM   1169 O O   . PRO A 1 183 ? -14.974 6.905   4.965   1.00 78.26  ? 163 PRO A O   1 
ATOM   1170 C CB  . PRO A 1 183 ? -17.491 4.778   6.032   1.00 79.81  ? 163 PRO A CB  1 
ATOM   1171 C CG  . PRO A 1 183 ? -18.032 4.996   7.403   1.00 80.74  ? 163 PRO A CG  1 
ATOM   1172 C CD  . PRO A 1 183 ? -17.348 6.276   7.832   1.00 81.36  ? 163 PRO A CD  1 
ATOM   1173 N N   . TYR A 1 184 ? -15.405 5.017   3.839   1.00 75.00  ? 164 TYR A N   1 
ATOM   1174 C CA  . TYR A 1 184 ? -14.827 5.545   2.625   1.00 72.26  ? 164 TYR A CA  1 
ATOM   1175 C C   . TYR A 1 184 ? -15.651 6.634   1.933   1.00 70.41  ? 164 TYR A C   1 
ATOM   1176 O O   . TYR A 1 184 ? -15.427 7.821   2.163   1.00 72.10  ? 164 TYR A O   1 
ATOM   1177 C CB  . TYR A 1 184 ? -14.525 4.395   1.663   1.00 71.42  ? 164 TYR A CB  1 
ATOM   1178 C CG  . TYR A 1 184 ? -13.970 4.844   0.335   1.00 70.37  ? 164 TYR A CG  1 
ATOM   1179 C CD1 . TYR A 1 184 ? -13.058 5.898   0.257   1.00 68.78  ? 164 TYR A CD1 1 
ATOM   1180 C CD2 . TYR A 1 184 ? -14.359 4.222   -0.841  1.00 68.42  ? 164 TYR A CD2 1 
ATOM   1181 C CE1 . TYR A 1 184 ? -12.557 6.316   -0.955  1.00 68.36  ? 164 TYR A CE1 1 
ATOM   1182 C CE2 . TYR A 1 184 ? -13.861 4.633   -2.054  1.00 69.27  ? 164 TYR A CE2 1 
ATOM   1183 C CZ  . TYR A 1 184 ? -12.962 5.677   -2.107  1.00 69.39  ? 164 TYR A CZ  1 
ATOM   1184 O OH  . TYR A 1 184 ? -12.464 6.070   -3.322  1.00 69.84  ? 164 TYR A OH  1 
ATOM   1185 N N   . ASP A 1 185 ? -16.590 6.233   1.085   1.00 67.03  ? 165 ASP A N   1 
ATOM   1186 C CA  . ASP A 1 185 ? -17.426 7.179   0.340   1.00 63.52  ? 165 ASP A CA  1 
ATOM   1187 C C   . ASP A 1 185 ? -16.803 7.408   -1.038  1.00 61.36  ? 165 ASP A C   1 
ATOM   1188 O O   . ASP A 1 185 ? -16.015 8.337   -1.227  1.00 58.09  ? 165 ASP A O   1 
ATOM   1189 C CB  . ASP A 1 185 ? -17.546 8.526   1.081   1.00 60.91  ? 165 ASP A CB  1 
ATOM   1190 C CG  . ASP A 1 185 ? -18.673 9.388   0.543   1.00 61.63  ? 165 ASP A CG  1 
ATOM   1191 O OD1 . ASP A 1 185 ? -19.132 9.127   -0.583  1.00 61.26  ? 165 ASP A OD1 1 
ATOM   1192 O OD2 . ASP A 1 185 ? -19.103 10.330  1.237   1.00 60.91  ? 165 ASP A OD2 1 
ATOM   1193 N N   . GLU A 1 186 ? -17.145 6.542   -1.989  1.00 60.38  ? 166 GLU A N   1 
ATOM   1194 C CA  . GLU A 1 186 ? -16.631 6.664   -3.347  1.00 59.81  ? 166 GLU A CA  1 
ATOM   1195 C C   . GLU A 1 186 ? -17.195 7.924   -3.982  1.00 58.37  ? 166 GLU A C   1 
ATOM   1196 O O   . GLU A 1 186 ? -16.485 8.668   -4.649  1.00 58.28  ? 166 GLU A O   1 
ATOM   1197 C CB  . GLU A 1 186 ? -17.046 5.475   -4.217  1.00 59.68  ? 166 GLU A CB  1 
ATOM   1198 C CG  . GLU A 1 186 ? -16.498 4.139   -3.810  1.00 62.11  ? 166 GLU A CG  1 
ATOM   1199 C CD  . GLU A 1 186 ? -16.522 3.142   -4.953  1.00 64.01  ? 166 GLU A CD  1 
ATOM   1200 O OE1 . GLU A 1 186 ? -16.336 1.926   -4.705  1.00 64.32  ? 166 GLU A OE1 1 
ATOM   1201 O OE2 . GLU A 1 186 ? -16.716 3.589   -6.103  1.00 63.23  ? 166 GLU A OE2 1 
ATOM   1202 N N   . GLU A 1 187 ? -18.486 8.142   -3.769  1.00 56.05  ? 167 GLU A N   1 
ATOM   1203 C CA  . GLU A 1 187 ? -19.184 9.279   -4.327  1.00 55.06  ? 167 GLU A CA  1 
ATOM   1204 C C   . GLU A 1 187 ? -18.398 10.550  -4.087  1.00 51.51  ? 167 GLU A C   1 
ATOM   1205 O O   . GLU A 1 187 ? -18.222 11.356  -4.995  1.00 51.04  ? 167 GLU A O   1 
ATOM   1206 C CB  . GLU A 1 187 ? -20.589 9.374   -3.721  1.00 57.41  ? 167 GLU A CB  1 
ATOM   1207 C CG  . GLU A 1 187 ? -21.524 10.370  -4.410  1.00 62.14  ? 167 GLU A CG  1 
ATOM   1208 C CD  . GLU A 1 187 ? -22.987 9.972   -4.271  1.00 66.79  ? 167 GLU A CD  1 
ATOM   1209 O OE1 . GLU A 1 187 ? -23.413 9.655   -3.141  1.00 68.23  ? 167 GLU A OE1 1 
ATOM   1210 O OE2 . GLU A 1 187 ? -23.715 9.972   -5.290  1.00 67.75  ? 167 GLU A OE2 1 
ATOM   1211 N N   . TYR A 1 188 ? -17.910 10.720  -2.869  1.00 48.03  ? 168 TYR A N   1 
ATOM   1212 C CA  . TYR A 1 188 ? -17.117 11.893  -2.524  1.00 46.26  ? 168 TYR A CA  1 
ATOM   1213 C C   . TYR A 1 188 ? -15.788 11.888  -3.283  1.00 46.75  ? 168 TYR A C   1 
ATOM   1214 O O   . TYR A 1 188 ? -15.428 12.873  -3.923  1.00 45.66  ? 168 TYR A O   1 
ATOM   1215 C CB  . TYR A 1 188 ? -16.868 11.903  -1.022  1.00 42.47  ? 168 TYR A CB  1 
ATOM   1216 C CG  . TYR A 1 188 ? -15.708 12.760  -0.572  1.00 42.69  ? 168 TYR A CG  1 
ATOM   1217 C CD1 . TYR A 1 188 ? -15.749 14.150  -0.684  1.00 38.71  ? 168 TYR A CD1 1 
ATOM   1218 C CD2 . TYR A 1 188 ? -14.570 12.174  -0.023  1.00 39.10  ? 168 TYR A CD2 1 
ATOM   1219 C CE1 . TYR A 1 188 ? -14.691 14.932  -0.258  1.00 37.75  ? 168 TYR A CE1 1 
ATOM   1220 C CE2 . TYR A 1 188 ? -13.499 12.947  0.405   1.00 39.87  ? 168 TYR A CE2 1 
ATOM   1221 C CZ  . TYR A 1 188 ? -13.565 14.324  0.286   1.00 40.25  ? 168 TYR A CZ  1 
ATOM   1222 O OH  . TYR A 1 188 ? -12.498 15.086  0.706   1.00 38.70  ? 168 TYR A OH  1 
ATOM   1223 N N   . ALA A 1 189 ? -15.076 10.766  -3.218  1.00 46.44  ? 169 ALA A N   1 
ATOM   1224 C CA  . ALA A 1 189 ? -13.788 10.615  -3.877  1.00 48.06  ? 169 ALA A CA  1 
ATOM   1225 C C   . ALA A 1 189 ? -13.847 10.943  -5.361  1.00 49.48  ? 169 ALA A C   1 
ATOM   1226 O O   . ALA A 1 189 ? -13.071 11.752  -5.863  1.00 48.82  ? 169 ALA A O   1 
ATOM   1227 C CB  . ALA A 1 189 ? -13.273 9.202   -3.687  1.00 47.43  ? 169 ALA A CB  1 
ATOM   1228 N N   . ARG A 1 190 ? -14.765 10.300  -6.069  1.00 50.70  ? 170 ARG A N   1 
ATOM   1229 C CA  . ARG A 1 190 ? -14.905 10.539  -7.491  1.00 51.78  ? 170 ARG A CA  1 
ATOM   1230 C C   . ARG A 1 190 ? -15.181 12.012  -7.735  1.00 51.04  ? 170 ARG A C   1 
ATOM   1231 O O   . ARG A 1 190 ? -14.690 12.600  -8.689  1.00 51.26  ? 170 ARG A O   1 
ATOM   1232 C CB  . ARG A 1 190 ? -16.042 9.704   -8.051  1.00 54.55  ? 170 ARG A CB  1 
ATOM   1233 C CG  . ARG A 1 190 ? -16.107 9.781   -9.543  1.00 59.25  ? 170 ARG A CG  1 
ATOM   1234 C CD  . ARG A 1 190 ? -17.303 9.066   -10.133 1.00 62.11  ? 170 ARG A CD  1 
ATOM   1235 N NE  . ARG A 1 190 ? -17.386 9.362   -11.559 1.00 65.58  ? 170 ARG A NE  1 
ATOM   1236 C CZ  . ARG A 1 190 ? -17.541 10.585  -12.053 1.00 67.87  ? 170 ARG A CZ  1 
ATOM   1237 N NH1 . ARG A 1 190 ? -17.639 11.630  -11.238 1.00 67.13  ? 170 ARG A NH1 1 
ATOM   1238 N NH2 . ARG A 1 190 ? -17.570 10.770  -13.363 1.00 70.37  ? 170 ARG A NH2 1 
ATOM   1239 N N   . GLU A 1 191 ? -15.974 12.605  -6.858  1.00 50.55  ? 171 GLU A N   1 
ATOM   1240 C CA  . GLU A 1 191 ? -16.320 14.012  -6.952  1.00 50.05  ? 171 GLU A CA  1 
ATOM   1241 C C   . GLU A 1 191 ? -15.071 14.886  -6.914  1.00 48.85  ? 171 GLU A C   1 
ATOM   1242 O O   . GLU A 1 191 ? -14.855 15.696  -7.805  1.00 48.21  ? 171 GLU A O   1 
ATOM   1243 C CB  . GLU A 1 191 ? -17.272 14.375  -5.806  1.00 52.04  ? 171 GLU A CB  1 
ATOM   1244 C CG  . GLU A 1 191 ? -17.364 15.851  -5.437  1.00 54.18  ? 171 GLU A CG  1 
ATOM   1245 C CD  . GLU A 1 191 ? -18.072 16.703  -6.474  1.00 56.83  ? 171 GLU A CD  1 
ATOM   1246 O OE1 . GLU A 1 191 ? -18.922 17.524  -6.070  1.00 57.66  ? 171 GLU A OE1 1 
ATOM   1247 O OE2 . GLU A 1 191 ? -17.770 16.569  -7.679  1.00 56.76  ? 171 GLU A OE2 1 
ATOM   1248 N N   . VAL A 1 192 ? -14.235 14.729  -5.896  1.00 47.57  ? 172 VAL A N   1 
ATOM   1249 C CA  . VAL A 1 192 ? -13.033 15.561  -5.838  1.00 47.08  ? 172 VAL A CA  1 
ATOM   1250 C C   . VAL A 1 192 ? -12.012 15.158  -6.907  1.00 44.66  ? 172 VAL A C   1 
ATOM   1251 O O   . VAL A 1 192 ? -11.305 15.998  -7.441  1.00 42.87  ? 172 VAL A O   1 
ATOM   1252 C CB  . VAL A 1 192 ? -12.361 15.512  -4.443  1.00 48.54  ? 172 VAL A CB  1 
ATOM   1253 C CG1 . VAL A 1 192 ? -13.420 15.463  -3.364  1.00 45.62  ? 172 VAL A CG1 1 
ATOM   1254 C CG2 . VAL A 1 192 ? -11.418 14.340  -4.347  1.00 49.13  ? 172 VAL A CG2 1 
ATOM   1255 N N   . LEU A 1 193 ? -11.940 13.876  -7.223  1.00 43.15  ? 173 LEU A N   1 
ATOM   1256 C CA  . LEU A 1 193 ? -11.011 13.425  -8.238  1.00 44.54  ? 173 LEU A CA  1 
ATOM   1257 C C   . LEU A 1 193 ? -11.347 14.079  -9.571  1.00 45.43  ? 173 LEU A C   1 
ATOM   1258 O O   . LEU A 1 193 ? -10.467 14.528  -10.302 1.00 45.27  ? 173 LEU A O   1 
ATOM   1259 C CB  . LEU A 1 193 ? -11.079 11.905  -8.369  1.00 44.89  ? 173 LEU A CB  1 
ATOM   1260 C CG  . LEU A 1 193 ? -10.407 11.089  -7.260  1.00 45.12  ? 173 LEU A CG  1 
ATOM   1261 C CD1 . LEU A 1 193 ? -10.810 9.640   -7.391  1.00 45.40  ? 173 LEU A CD1 1 
ATOM   1262 C CD2 . LEU A 1 193 ? -8.897  11.236  -7.366  1.00 45.87  ? 173 LEU A CD2 1 
ATOM   1263 N N   . THR A 1 194 ? -12.639 14.126  -9.875  1.00 45.62  ? 174 THR A N   1 
ATOM   1264 C CA  . THR A 1 194 ? -13.142 14.715  -11.100 1.00 45.82  ? 174 THR A CA  1 
ATOM   1265 C C   . THR A 1 194 ? -12.802 16.188  -11.239 1.00 45.58  ? 174 THR A C   1 
ATOM   1266 O O   . THR A 1 194 ? -12.562 16.654  -12.344 1.00 46.11  ? 174 THR A O   1 
ATOM   1267 C CB  . THR A 1 194 ? -14.659 14.548  -11.184 1.00 47.34  ? 174 THR A CB  1 
ATOM   1268 O OG1 . THR A 1 194 ? -14.973 13.154  -11.277 1.00 50.41  ? 174 THR A OG1 1 
ATOM   1269 C CG2 . THR A 1 194 ? -15.203 15.253  -12.393 1.00 45.59  ? 174 THR A CG2 1 
ATOM   1270 N N   . ARG A 1 195 ? -12.783 16.922  -10.130 1.00 44.34  ? 175 ARG A N   1 
ATOM   1271 C CA  . ARG A 1 195 ? -12.459 18.344  -10.168 1.00 45.60  ? 175 ARG A CA  1 
ATOM   1272 C C   . ARG A 1 195 ? -11.018 18.578  -10.604 1.00 47.24  ? 175 ARG A C   1 
ATOM   1273 O O   . ARG A 1 195 ? -10.657 19.674  -11.024 1.00 47.08  ? 175 ARG A O   1 
ATOM   1274 C CB  . ARG A 1 195 ? -12.646 18.970  -8.793  1.00 45.11  ? 175 ARG A CB  1 
ATOM   1275 C CG  . ARG A 1 195 ? -14.034 18.844  -8.246  1.00 46.54  ? 175 ARG A CG  1 
ATOM   1276 C CD  . ARG A 1 195 ? -14.160 19.552  -6.935  1.00 44.08  ? 175 ARG A CD  1 
ATOM   1277 N NE  . ARG A 1 195 ? -15.528 19.509  -6.452  1.00 45.65  ? 175 ARG A NE  1 
ATOM   1278 C CZ  . ARG A 1 195 ? -15.973 20.204  -5.415  1.00 46.50  ? 175 ARG A CZ  1 
ATOM   1279 N NH1 . ARG A 1 195 ? -15.160 21.001  -4.746  1.00 43.23  ? 175 ARG A NH1 1 
ATOM   1280 N NH2 . ARG A 1 195 ? -17.239 20.101  -5.053  1.00 49.04  ? 175 ARG A NH2 1 
ATOM   1281 N N   . LEU A 1 196 ? -10.194 17.546  -10.485 1.00 47.55  ? 176 LEU A N   1 
ATOM   1282 C CA  . LEU A 1 196 ? -8.791  17.653  -10.849 1.00 48.55  ? 176 LEU A CA  1 
ATOM   1283 C C   . LEU A 1 196 ? -8.532  17.352  -12.315 1.00 49.57  ? 176 LEU A C   1 
ATOM   1284 O O   . LEU A 1 196 ? -7.552  17.826  -12.875 1.00 47.85  ? 176 LEU A O   1 
ATOM   1285 C CB  . LEU A 1 196 ? -7.957  16.712  -9.995  1.00 47.75  ? 176 LEU A CB  1 
ATOM   1286 C CG  . LEU A 1 196 ? -8.011  16.954  -8.492  1.00 46.16  ? 176 LEU A CG  1 
ATOM   1287 C CD1 . LEU A 1 196 ? -7.234  15.866  -7.780  1.00 45.66  ? 176 LEU A CD1 1 
ATOM   1288 C CD2 . LEU A 1 196 ? -7.453  18.317  -8.188  1.00 44.46  ? 176 LEU A CD2 1 
ATOM   1289 N N   . ILE A 1 197 ? -9.394  16.552  -12.932 1.00 51.30  ? 177 ILE A N   1 
ATOM   1290 C CA  . ILE A 1 197 ? -9.215  16.226  -14.335 1.00 55.16  ? 177 ILE A CA  1 
ATOM   1291 C C   . ILE A 1 197 ? -9.653  17.414  -15.183 1.00 58.39  ? 177 ILE A C   1 
ATOM   1292 O O   . ILE A 1 197 ? -10.790 17.871  -15.087 1.00 58.42  ? 177 ILE A O   1 
ATOM   1293 C CB  . ILE A 1 197 ? -10.014 14.963  -14.758 1.00 55.79  ? 177 ILE A CB  1 
ATOM   1294 C CG1 . ILE A 1 197 ? -9.425  13.705  -14.120 1.00 55.74  ? 177 ILE A CG1 1 
ATOM   1295 C CG2 . ILE A 1 197 ? -9.941  14.790  -16.249 1.00 55.61  ? 177 ILE A CG2 1 
ATOM   1296 C CD1 . ILE A 1 197 ? -10.132 13.261  -12.874 1.00 57.29  ? 177 ILE A CD1 1 
ATOM   1297 N N   . PRO A 1 198 ? -8.737  17.940  -16.013 1.00 60.79  ? 178 PRO A N   1 
ATOM   1298 C CA  . PRO A 1 198 ? -8.984  19.083  -16.896 1.00 62.91  ? 178 PRO A CA  1 
ATOM   1299 C C   . PRO A 1 198 ? -9.891  18.769  -18.086 1.00 65.26  ? 178 PRO A C   1 
ATOM   1300 O O   . PRO A 1 198 ? -10.028 17.621  -18.503 1.00 64.18  ? 178 PRO A O   1 
ATOM   1301 C CB  . PRO A 1 198 ? -7.583  19.473  -17.358 1.00 62.60  ? 178 PRO A CB  1 
ATOM   1302 C CG  . PRO A 1 198 ? -6.686  18.908  -16.282 1.00 62.81  ? 178 PRO A CG  1 
ATOM   1303 C CD  . PRO A 1 198 ? -7.311  17.586  -16.023 1.00 60.37  ? 178 PRO A CD  1 
ATOM   1304 N N   . VAL A 1 199 ? -10.502 19.809  -18.638 1.00 69.17  ? 179 VAL A N   1 
ATOM   1305 C CA  . VAL A 1 199 ? -11.370 19.659  -19.798 1.00 72.95  ? 179 VAL A CA  1 
ATOM   1306 C C   . VAL A 1 199 ? -11.086 20.791  -20.782 1.00 75.29  ? 179 VAL A C   1 
ATOM   1307 O O   . VAL A 1 199 ? -12.044 21.501  -21.160 1.00 76.91  ? 179 VAL A O   1 
ATOM   1308 C CB  . VAL A 1 199 ? -12.853 19.699  -19.390 1.00 72.78  ? 179 VAL A CB  1 
ATOM   1309 C CG1 . VAL A 1 199 ? -13.217 18.424  -18.654 1.00 72.88  ? 179 VAL A CG1 1 
ATOM   1310 C CG2 . VAL A 1 199 ? -13.117 20.908  -18.509 1.00 72.29  ? 179 VAL A CG2 1 
HETATM 1311 C C1  . MGR B 2 .   ? -0.503  -0.182  0.025   1.00 75.15  ? 201 MGR A C1  1 
HETATM 1312 C C2  . MGR B 2 .   ? 0.893   -0.362  0.546   1.00 74.80  ? 201 MGR A C2  1 
HETATM 1313 C C3  . MGR B 2 .   ? 1.112   -0.525  1.954   1.00 75.02  ? 201 MGR A C3  1 
HETATM 1314 C C4  . MGR B 2 .   ? 2.411   -0.687  2.454   1.00 76.07  ? 201 MGR A C4  1 
HETATM 1315 C C5  . MGR B 2 .   ? 3.507   -0.689  1.577   1.00 76.62  ? 201 MGR A C5  1 
HETATM 1316 C C6  . MGR B 2 .   ? 3.308   -0.531  0.197   1.00 76.66  ? 201 MGR A C6  1 
HETATM 1317 C C7  . MGR B 2 .   ? 2.011   -0.366  -0.330  1.00 75.95  ? 201 MGR A C7  1 
HETATM 1318 C C8  . MGR B 2 .   ? -0.953  1.188   -0.260  1.00 73.73  ? 201 MGR A C8  1 
HETATM 1319 C C9  . MGR B 2 .   ? -0.896  2.191   0.769   1.00 72.05  ? 201 MGR A C9  1 
HETATM 1320 C C10 . MGR B 2 .   ? -1.324  3.480   0.513   1.00 71.63  ? 201 MGR A C10 1 
HETATM 1321 C C11 . MGR B 2 .   ? -1.841  3.849   -0.782  1.00 70.52  ? 201 MGR A C11 1 
HETATM 1322 C C12 . MGR B 2 .   ? -1.893  2.849   -1.814  1.00 71.17  ? 201 MGR A C12 1 
HETATM 1323 C C13 . MGR B 2 .   ? -1.458  1.560   -1.566  1.00 72.14  ? 201 MGR A C13 1 
HETATM 1324 C C14 . MGR B 2 .   ? -1.394  -1.364  -0.175  1.00 76.46  ? 201 MGR A C14 1 
HETATM 1325 C C15 . MGR B 2 .   ? -0.929  -2.702  0.107   1.00 76.70  ? 201 MGR A C15 1 
HETATM 1326 C C16 . MGR B 2 .   ? -1.760  -3.800  -0.083  1.00 77.97  ? 201 MGR A C16 1 
HETATM 1327 C C17 . MGR B 2 .   ? -3.105  -3.634  -0.561  1.00 77.75  ? 201 MGR A C17 1 
HETATM 1328 C C18 . MGR B 2 .   ? -3.574  -2.315  -0.839  1.00 77.64  ? 201 MGR A C18 1 
HETATM 1329 C C19 . MGR B 2 .   ? -2.755  -1.219  -0.654  1.00 76.75  ? 201 MGR A C19 1 
HETATM 1330 C C22 . MGR B 2 .   ? -2.232  6.185   0.024   1.00 68.73  ? 201 MGR A C22 1 
HETATM 1331 C C23 . MGR B 2 .   ? -2.836  5.534   -2.325  1.00 68.39  ? 201 MGR A C23 1 
HETATM 1332 C C24 . MGR B 2 .   ? -3.475  -6.110  -0.471  1.00 80.31  ? 201 MGR A C24 1 
HETATM 1333 C C25 . MGR B 2 .   ? -5.319  -4.565  -1.249  1.00 81.04  ? 201 MGR A C25 1 
HETATM 1334 N N2  . MGR B 2 .   ? -2.288  5.153   -1.025  1.00 68.93  ? 201 MGR A N2  1 
HETATM 1335 N N3  . MGR B 2 .   ? -3.939  -4.735  -0.754  1.00 80.02  ? 201 MGR A N3  1 
HETATM 1336 O O   . HOH C 3 .   ? -2.428  19.914  -16.428 1.00 34.71  ? 301 HOH A O   1 
HETATM 1337 O O   . HOH C 3 .   ? 20.835  -14.606 3.123   1.00 92.42  ? 302 HOH A O   1 
HETATM 1338 O O   . HOH C 3 .   ? 6.755   6.855   -12.447 1.00 52.68  ? 303 HOH A O   1 
HETATM 1339 O O   . HOH C 3 .   ? 6.032   -12.129 -0.619  1.00 59.58  ? 304 HOH A O   1 
HETATM 1340 O O   . HOH C 3 .   ? -4.539  16.509  -19.769 1.00 52.98  ? 305 HOH A O   1 
HETATM 1341 O O   . HOH C 3 .   ? 9.536   -18.761 -1.604  1.00 64.63  ? 306 HOH A O   1 
HETATM 1342 O O   . HOH C 3 .   ? 2.555   -18.757 5.606   1.00 58.06  ? 307 HOH A O   1 
HETATM 1343 O O   . HOH C 3 .   ? 5.020   1.479   3.258   1.00 107.08 ? 308 HOH A O   1 
HETATM 1344 O O   . HOH C 3 .   ? 4.113   1.677   -1.903  1.00 59.07  ? 309 HOH A O   1 
HETATM 1345 O O   . HOH C 3 .   ? -1.758  8.293   2.248   1.00 45.76  ? 310 HOH A O   1 
HETATM 1346 O O   . HOH C 3 .   ? 1.424   12.062  -2.528  1.00 61.25  ? 311 HOH A O   1 
HETATM 1347 O O   . HOH C 3 .   ? 15.942  -16.576 0.705   1.00 48.78  ? 312 HOH A O   1 
HETATM 1348 O O   . HOH C 3 .   ? 0.645   -11.542 7.687   1.00 55.13  ? 313 HOH A O   1 
HETATM 1349 O O   . HOH C 3 .   ? 16.556  -10.756 17.086  1.00 49.83  ? 314 HOH A O   1 
HETATM 1350 O O   . HOH C 3 .   ? 15.236  -13.988 0.759   1.00 46.70  ? 315 HOH A O   1 
HETATM 1351 O O   . HOH C 3 .   ? 19.586  -6.142  10.838  1.00 51.16  ? 316 HOH A O   1 
HETATM 1352 O O   . HOH C 3 .   ? -4.496  -0.986  -14.827 1.00 58.89  ? 317 HOH A O   1 
HETATM 1353 O O   . HOH C 3 .   ? -11.133 -1.643  -15.519 1.00 63.08  ? 318 HOH A O   1 
HETATM 1354 O O   . HOH C 3 .   ? 8.012   -19.846 0.808   1.00 62.59  ? 319 HOH A O   1 
HETATM 1355 O O   . HOH C 3 .   ? -14.105 9.957   2.555   1.00 67.74  ? 320 HOH A O   1 
HETATM 1356 O O   . HOH C 3 .   ? -3.713  12.939  -25.545 0.50 44.05  ? 321 HOH A O   1 
# 
loop_
_pdbx_poly_seq_scheme.asym_id 
_pdbx_poly_seq_scheme.entity_id 
_pdbx_poly_seq_scheme.seq_id 
_pdbx_poly_seq_scheme.mon_id 
_pdbx_poly_seq_scheme.ndb_seq_num 
_pdbx_poly_seq_scheme.pdb_seq_num 
_pdbx_poly_seq_scheme.auth_seq_num 
_pdbx_poly_seq_scheme.pdb_mon_id 
_pdbx_poly_seq_scheme.auth_mon_id 
_pdbx_poly_seq_scheme.pdb_strand_id 
_pdbx_poly_seq_scheme.pdb_ins_code 
_pdbx_poly_seq_scheme.hetero 
A 1 1   MET 1   -19 ?   ?   ?   A . n 
A 1 2   GLY 2   -18 ?   ?   ?   A . n 
A 1 3   SER 3   -17 ?   ?   ?   A . n 
A 1 4   SER 4   -16 ?   ?   ?   A . n 
A 1 5   HIS 5   -15 ?   ?   ?   A . n 
A 1 6   HIS 6   -14 ?   ?   ?   A . n 
A 1 7   HIS 7   -13 ?   ?   ?   A . n 
A 1 8   HIS 8   -12 ?   ?   ?   A . n 
A 1 9   HIS 9   -11 ?   ?   ?   A . n 
A 1 10  HIS 10  -10 ?   ?   ?   A . n 
A 1 11  SER 11  -9  ?   ?   ?   A . n 
A 1 12  SER 12  -8  ?   ?   ?   A . n 
A 1 13  GLY 13  -7  ?   ?   ?   A . n 
A 1 14  LEU 14  -6  ?   ?   ?   A . n 
A 1 15  VAL 15  -5  ?   ?   ?   A . n 
A 1 16  PRO 16  -4  ?   ?   ?   A . n 
A 1 17  ARG 17  -3  ?   ?   ?   A . n 
A 1 18  GLY 18  -2  ?   ?   ?   A . n 
A 1 19  SER 19  -1  ?   ?   ?   A . n 
A 1 20  HIS 20  0   ?   ?   ?   A . n 
A 1 21  MET 21  1   ?   ?   ?   A . n 
A 1 22  PRO 22  2   ?   ?   ?   A . n 
A 1 23  ARG 23  3   ?   ?   ?   A . n 
A 1 24  ARG 24  4   ?   ?   ?   A . n 
A 1 25  HIS 25  5   ?   ?   ?   A . n 
A 1 26  ASP 26  6   ?   ?   ?   A . n 
A 1 27  PRO 27  7   7   PRO PRO A . n 
A 1 28  GLU 28  8   8   GLU GLU A . n 
A 1 29  ARG 29  9   9   ARG ARG A . n 
A 1 30  ARG 30  10  10  ARG ARG A . n 
A 1 31  GLN 31  11  11  GLN GLN A . n 
A 1 32  ARG 32  12  12  ARG ARG A . n 
A 1 33  ILE 33  13  13  ILE ILE A . n 
A 1 34  ILE 34  14  14  ILE ILE A . n 
A 1 35  ASP 35  15  15  ASP ASP A . n 
A 1 36  ALA 36  16  16  ALA ALA A . n 
A 1 37  ALA 37  17  17  ALA ALA A . n 
A 1 38  ILE 38  18  18  ILE ILE A . n 
A 1 39  ARG 39  19  19  ARG ARG A . n 
A 1 40  VAL 40  20  20  VAL VAL A . n 
A 1 41  VAL 41  21  21  VAL VAL A . n 
A 1 42  GLY 42  22  22  GLY GLY A . n 
A 1 43  GLN 43  23  23  GLN GLN A . n 
A 1 44  LYS 44  24  24  LYS LYS A . n 
A 1 45  GLY 45  25  25  GLY GLY A . n 
A 1 46  ILE 46  26  26  ILE ILE A . n 
A 1 47  ALA 47  27  27  ALA ALA A . n 
A 1 48  GLY 48  28  28  GLY GLY A . n 
A 1 49  LEU 49  29  29  LEU LEU A . n 
A 1 50  SER 50  30  30  SER SER A . n 
A 1 51  HIS 51  31  31  HIS HIS A . n 
A 1 52  ARG 52  32  32  ARG ARG A . n 
A 1 53  THR 53  33  33  THR THR A . n 
A 1 54  VAL 54  34  34  VAL VAL A . n 
A 1 55  ALA 55  35  35  ALA ALA A . n 
A 1 56  ALA 56  36  36  ALA ALA A . n 
A 1 57  GLU 57  37  37  GLU GLU A . n 
A 1 58  ALA 58  38  38  ALA ALA A . n 
A 1 59  ASP 59  39  39  ASP ASP A . n 
A 1 60  VAL 60  40  40  VAL VAL A . n 
A 1 61  PRO 61  41  41  PRO PRO A . n 
A 1 62  LEU 62  42  42  LEU LEU A . n 
A 1 63  GLY 63  43  43  GLY GLY A . n 
A 1 64  SER 64  44  44  SER SER A . n 
A 1 65  THR 65  45  45  THR THR A . n 
A 1 66  THR 66  46  46  THR THR A . n 
A 1 67  TYR 67  47  47  TYR TYR A . n 
A 1 68  HIS 68  48  48  HIS HIS A . n 
A 1 69  PHE 69  49  49  PHE PHE A . n 
A 1 70  ALA 70  50  50  ALA ALA A . n 
A 1 71  THR 71  51  51  THR THR A . n 
A 1 72  LEU 72  52  52  LEU LEU A . n 
A 1 73  ASP 73  53  53  ASP ASP A . n 
A 1 74  ASP 74  54  54  ASP ASP A . n 
A 1 75  LEU 75  55  55  LEU LEU A . n 
A 1 76  MET 76  56  56  MET MET A . n 
A 1 77  VAL 77  57  57  VAL VAL A . n 
A 1 78  ALA 78  58  58  ALA ALA A . n 
A 1 79  ALA 79  59  59  ALA ALA A . n 
A 1 80  LEU 80  60  60  LEU LEU A . n 
A 1 81  ARG 81  61  61  ARG ARG A . n 
A 1 82  GLN 82  62  62  GLN GLN A . n 
A 1 83  ALA 83  63  63  ALA ALA A . n 
A 1 84  ASN 84  64  64  ASN ASN A . n 
A 1 85  GLU 85  65  65  GLU GLU A . n 
A 1 86  GLY 86  66  66  GLY GLY A . n 
A 1 87  PHE 87  67  67  PHE PHE A . n 
A 1 88  ALA 88  68  68  ALA ALA A . n 
A 1 89  ARG 89  69  69  ARG ARG A . n 
A 1 90  VAL 90  70  70  VAL VAL A . n 
A 1 91  VAL 91  71  71  VAL VAL A . n 
A 1 92  ALA 92  72  72  ALA ALA A . n 
A 1 93  ALA 93  73  73  ALA ALA A . n 
A 1 94  HIS 94  74  74  HIS HIS A . n 
A 1 95  PRO 95  75  75  PRO PRO A . n 
A 1 96  ALA 96  76  76  ALA ALA A . n 
A 1 97  LEU 97  77  77  LEU LEU A . n 
A 1 98  SER 98  78  78  SER SER A . n 
A 1 99  ASP 99  79  79  ASP ASP A . n 
A 1 100 PRO 100 80  80  PRO PRO A . n 
A 1 101 GLU 101 81  81  GLU GLU A . n 
A 1 102 ALA 102 82  82  ALA ALA A . n 
A 1 103 ASP 103 83  83  ASP ASP A . n 
A 1 104 LEU 104 84  84  LEU LEU A . n 
A 1 105 SER 105 85  85  SER SER A . n 
A 1 106 GLY 106 86  86  GLY GLY A . n 
A 1 107 GLU 107 87  87  GLU GLU A . n 
A 1 108 LEU 108 88  88  LEU LEU A . n 
A 1 109 ALA 109 89  89  ALA ALA A . n 
A 1 110 ARG 110 90  90  ARG ARG A . n 
A 1 111 VAL 111 91  91  VAL VAL A . n 
A 1 112 LEU 112 92  92  LEU LEU A . n 
A 1 113 GLY 113 93  93  GLY GLY A . n 
A 1 114 GLU 114 94  94  GLU GLU A . n 
A 1 115 TRP 115 95  95  TRP TRP A . n 
A 1 116 LEU 116 96  96  LEU LEU A . n 
A 1 117 GLY 117 97  97  GLY GLY A . n 
A 1 118 GLY 118 98  98  GLY GLY A . n 
A 1 119 ASP 119 99  99  ASP ASP A . n 
A 1 120 ARG 120 100 100 ARG ARG A . n 
A 1 121 THR 121 101 101 THR THR A . n 
A 1 122 GLY 122 102 102 GLY GLY A . n 
A 1 123 VAL 123 103 103 VAL VAL A . n 
A 1 124 GLU 124 104 104 GLU GLU A . n 
A 1 125 LEU 125 105 105 LEU LEU A . n 
A 1 126 GLU 126 106 106 GLU GLU A . n 
A 1 127 TYR 127 107 107 TYR TYR A . n 
A 1 128 GLU 128 108 108 GLU GLU A . n 
A 1 129 LEU 129 109 109 LEU LEU A . n 
A 1 130 TYR 130 110 110 TYR TYR A . n 
A 1 131 LEU 131 111 111 LEU LEU A . n 
A 1 132 ALA 132 112 112 ALA ALA A . n 
A 1 133 ALA 133 113 113 ALA ALA A . n 
A 1 134 LEU 134 114 114 LEU LEU A . n 
A 1 135 ARG 135 115 115 ARG ARG A . n 
A 1 136 ARG 136 116 116 ARG ARG A . n 
A 1 137 PRO 137 117 117 PRO PRO A . n 
A 1 138 ALA 138 118 118 ALA ALA A . n 
A 1 139 LEU 139 119 119 LEU LEU A . n 
A 1 140 ARG 140 120 120 ARG ARG A . n 
A 1 141 PRO 141 121 121 PRO PRO A . n 
A 1 142 VAL 142 122 122 VAL VAL A . n 
A 1 143 ALA 143 123 123 ALA ALA A . n 
A 1 144 ALA 144 124 124 ALA ALA A . n 
A 1 145 GLU 145 125 125 GLU GLU A . n 
A 1 146 TRP 146 126 126 TRP TRP A . n 
A 1 147 ALA 147 127 127 ALA ALA A . n 
A 1 148 GLU 148 128 128 GLU GLU A . n 
A 1 149 GLY 149 129 129 GLY GLY A . n 
A 1 150 VAL 150 130 130 VAL VAL A . n 
A 1 151 GLY 151 131 131 GLY GLY A . n 
A 1 152 ALA 152 132 132 ALA ALA A . n 
A 1 153 LEU 153 133 133 LEU LEU A . n 
A 1 154 LEU 154 134 134 LEU LEU A . n 
A 1 155 ALA 155 135 135 ALA ALA A . n 
A 1 156 ALA 156 136 136 ALA ALA A . n 
A 1 157 ARG 157 137 137 ARG ARG A . n 
A 1 158 THR 158 138 138 THR THR A . n 
A 1 159 ASP 159 139 139 ASP ASP A . n 
A 1 160 PRO 160 140 140 PRO PRO A . n 
A 1 161 THR 161 141 141 THR THR A . n 
A 1 162 THR 162 142 142 THR THR A . n 
A 1 163 ALA 163 143 143 ALA ALA A . n 
A 1 164 ARG 164 144 144 ARG ARG A . n 
A 1 165 ALA 165 145 145 ALA ALA A . n 
A 1 166 LEU 166 146 146 LEU LEU A . n 
A 1 167 VAL 167 147 147 VAL VAL A . n 
A 1 168 ALA 168 148 148 ALA ALA A . n 
A 1 169 VAL 169 149 149 VAL VAL A . n 
A 1 170 LEU 170 150 150 LEU LEU A . n 
A 1 171 ASP 171 151 151 ASP ASP A . n 
A 1 172 GLY 172 152 152 GLY GLY A . n 
A 1 173 ILE 173 153 153 ILE ILE A . n 
A 1 174 CYS 174 154 154 CYS CYS A . n 
A 1 175 LEU 175 155 155 LEU LEU A . n 
A 1 176 GLN 176 156 156 GLN GLN A . n 
A 1 177 VAL 177 157 157 VAL VAL A . n 
A 1 178 LEU 178 158 158 LEU LEU A . n 
A 1 179 LEU 179 159 159 LEU LEU A . n 
A 1 180 THR 180 160 160 THR THR A . n 
A 1 181 ASP 181 161 161 ASP ASP A . n 
A 1 182 THR 182 162 162 THR THR A . n 
A 1 183 PRO 183 163 163 PRO PRO A . n 
A 1 184 TYR 184 164 164 TYR TYR A . n 
A 1 185 ASP 185 165 165 ASP ASP A . n 
A 1 186 GLU 186 166 166 GLU GLU A . n 
A 1 187 GLU 187 167 167 GLU GLU A . n 
A 1 188 TYR 188 168 168 TYR TYR A . n 
A 1 189 ALA 189 169 169 ALA ALA A . n 
A 1 190 ARG 190 170 170 ARG ARG A . n 
A 1 191 GLU 191 171 171 GLU GLU A . n 
A 1 192 VAL 192 172 172 VAL VAL A . n 
A 1 193 LEU 193 173 173 LEU LEU A . n 
A 1 194 THR 194 174 174 THR THR A . n 
A 1 195 ARG 195 175 175 ARG ARG A . n 
A 1 196 LEU 196 176 176 LEU LEU A . n 
A 1 197 ILE 197 177 177 ILE ILE A . n 
A 1 198 PRO 198 178 178 PRO PRO A . n 
A 1 199 VAL 199 179 179 VAL VAL A . n 
A 1 200 PRO 200 180 ?   ?   ?   A . n 
A 1 201 ALA 201 181 ?   ?   ?   A . n 
A 1 202 THR 202 182 ?   ?   ?   A . n 
A 1 203 ARG 203 183 ?   ?   ?   A . n 
A 1 204 ASP 204 184 ?   ?   ?   A . n 
A 1 205 GLY 205 185 ?   ?   ?   A . n 
A 1 206 ARG 206 186 ?   ?   ?   A . n 
A 1 207 GLY 207 187 ?   ?   ?   A . n 
A 1 208 PRO 208 188 ?   ?   ?   A . n 
A 1 209 GLY 209 189 ?   ?   ?   A . n 
A 1 210 SER 210 190 ?   ?   ?   A . n 
A 1 211 HIS 211 191 ?   ?   ?   A . n 
A 1 212 PRO 212 192 ?   ?   ?   A . n 
A 1 213 PRO 213 193 ?   ?   ?   A . n 
A 1 214 ALA 214 194 ?   ?   ?   A . n 
A 1 215 THR 215 195 ?   ?   ?   A . n 
A 1 216 ALA 216 196 ?   ?   ?   A . n 
A 1 217 GLY 217 197 ?   ?   ?   A . n 
# 
loop_
_pdbx_nonpoly_scheme.asym_id 
_pdbx_nonpoly_scheme.entity_id 
_pdbx_nonpoly_scheme.mon_id 
_pdbx_nonpoly_scheme.ndb_seq_num 
_pdbx_nonpoly_scheme.pdb_seq_num 
_pdbx_nonpoly_scheme.auth_seq_num 
_pdbx_nonpoly_scheme.pdb_mon_id 
_pdbx_nonpoly_scheme.auth_mon_id 
_pdbx_nonpoly_scheme.pdb_strand_id 
_pdbx_nonpoly_scheme.pdb_ins_code 
B 2 MGR 1  201 201 MGR MGR A . 
C 3 HOH 1  301 301 HOH HOH A . 
C 3 HOH 2  302 302 HOH HOH A . 
C 3 HOH 3  303 303 HOH HOH A . 
C 3 HOH 4  304 304 HOH HOH A . 
C 3 HOH 5  305 305 HOH HOH A . 
C 3 HOH 6  306 306 HOH HOH A . 
C 3 HOH 7  307 307 HOH HOH A . 
C 3 HOH 8  308 308 HOH HOH A . 
C 3 HOH 9  309 309 HOH HOH A . 
C 3 HOH 10 310 310 HOH HOH A . 
C 3 HOH 11 311 311 HOH HOH A . 
C 3 HOH 12 312 312 HOH HOH A . 
C 3 HOH 13 313 313 HOH HOH A . 
C 3 HOH 14 314 314 HOH HOH A . 
C 3 HOH 15 315 315 HOH HOH A . 
C 3 HOH 16 316 316 HOH HOH A . 
C 3 HOH 17 317 317 HOH HOH A . 
C 3 HOH 18 318 318 HOH HOH A . 
C 3 HOH 19 319 319 HOH HOH A . 
C 3 HOH 20 320 320 HOH HOH A . 
C 3 HOH 21 321 321 HOH HOH A . 
# 
_pdbx_struct_assembly.id                   1 
_pdbx_struct_assembly.details              software_defined_assembly 
_pdbx_struct_assembly.method_details       PISA 
_pdbx_struct_assembly.oligomeric_details   dimeric 
_pdbx_struct_assembly.oligomeric_count     2 
# 
_pdbx_struct_assembly_gen.assembly_id       1 
_pdbx_struct_assembly_gen.oper_expression   1,2 
_pdbx_struct_assembly_gen.asym_id_list      A,B,C 
# 
loop_
_pdbx_struct_assembly_prop.biol_id 
_pdbx_struct_assembly_prop.type 
_pdbx_struct_assembly_prop.value 
_pdbx_struct_assembly_prop.details 
1 'ABSA (A^2)' 2780  ? 
1 MORE         -14.2 ? 
1 'SSA (A^2)'  16280 ? 
# 
loop_
_pdbx_struct_oper_list.id 
_pdbx_struct_oper_list.type 
_pdbx_struct_oper_list.name 
_pdbx_struct_oper_list.symmetry_operation 
_pdbx_struct_oper_list.matrix[1][1] 
_pdbx_struct_oper_list.matrix[1][2] 
_pdbx_struct_oper_list.matrix[1][3] 
_pdbx_struct_oper_list.vector[1] 
_pdbx_struct_oper_list.matrix[2][1] 
_pdbx_struct_oper_list.matrix[2][2] 
_pdbx_struct_oper_list.matrix[2][3] 
_pdbx_struct_oper_list.vector[2] 
_pdbx_struct_oper_list.matrix[3][1] 
_pdbx_struct_oper_list.matrix[3][2] 
_pdbx_struct_oper_list.matrix[3][3] 
_pdbx_struct_oper_list.vector[3] 
1 'identity operation'         1_555 x,y,z          1.0000000000  0.0000000000  0.0000000000 0.0000000000 0.0000000000  1.0000000000  0.0000000000  0.0000000000  0.0000000000 0.0000000000  1.0000000000 0.0000000000  
2 'crystal symmetry operation' 6_555 -x,-x+y,-z+1/3 -0.4595742198 -0.4957287683 0.7369155480 1.8302855984 -0.4957287683 -0.5452714865 -0.6759674506 20.1583482012 0.7369155480 -0.6759674506 0.0048457063 12.2184144790 
# 
loop_
_pdbx_audit_revision_history.ordinal 
_pdbx_audit_revision_history.data_content_type 
_pdbx_audit_revision_history.major_revision 
_pdbx_audit_revision_history.minor_revision 
_pdbx_audit_revision_history.revision_date 
1 'Structure model' 1 0 2010-07-14 
2 'Structure model' 1 1 2011-07-13 
3 'Structure model' 1 2 2023-09-06 
# 
_pdbx_audit_revision_details.ordinal             1 
_pdbx_audit_revision_details.revision_ordinal    1 
_pdbx_audit_revision_details.data_content_type   'Structure model' 
_pdbx_audit_revision_details.provider            repository 
_pdbx_audit_revision_details.type                'Initial release' 
_pdbx_audit_revision_details.description         ? 
_pdbx_audit_revision_details.details             ? 
# 
loop_
_pdbx_audit_revision_group.ordinal 
_pdbx_audit_revision_group.revision_ordinal 
_pdbx_audit_revision_group.data_content_type 
_pdbx_audit_revision_group.group 
1 2 'Structure model' 'Version format compliance' 
2 3 'Structure model' 'Data collection'           
3 3 'Structure model' 'Database references'       
4 3 'Structure model' 'Derived calculations'      
5 3 'Structure model' 'Refinement description'    
# 
loop_
_pdbx_audit_revision_category.ordinal 
_pdbx_audit_revision_category.revision_ordinal 
_pdbx_audit_revision_category.data_content_type 
_pdbx_audit_revision_category.category 
1 3 'Structure model' chem_comp_atom                
2 3 'Structure model' chem_comp_bond                
3 3 'Structure model' database_2                    
4 3 'Structure model' pdbx_initial_refinement_model 
5 3 'Structure model' struct_ref_seq_dif            
6 3 'Structure model' struct_site                   
# 
loop_
_pdbx_audit_revision_item.ordinal 
_pdbx_audit_revision_item.revision_ordinal 
_pdbx_audit_revision_item.data_content_type 
_pdbx_audit_revision_item.item 
1 3 'Structure model' '_database_2.pdbx_DOI'                
2 3 'Structure model' '_database_2.pdbx_database_accession' 
3 3 'Structure model' '_struct_ref_seq_dif.details'         
4 3 'Structure model' '_struct_site.pdbx_auth_asym_id'      
5 3 'Structure model' '_struct_site.pdbx_auth_comp_id'      
6 3 'Structure model' '_struct_site.pdbx_auth_seq_id'       
# 
loop_
_software.name 
_software.classification 
_software.version 
_software.citation_id 
_software.pdbx_ordinal 
CrystalClear 'data collection' .   ? 1 
PHASER       phasing           .   ? 2 
CNS          refinement        1.1 ? 3 
d*TREK       'data reduction'  .   ? 4 
d*TREK       'data scaling'    .   ? 5 
# 
_pdbx_validate_rmsd_bond.id                        1 
_pdbx_validate_rmsd_bond.PDB_model_num             1 
_pdbx_validate_rmsd_bond.auth_atom_id_1            CD 
_pdbx_validate_rmsd_bond.auth_asym_id_1            A 
_pdbx_validate_rmsd_bond.auth_comp_id_1            GLU 
_pdbx_validate_rmsd_bond.auth_seq_id_1             8 
_pdbx_validate_rmsd_bond.PDB_ins_code_1            ? 
_pdbx_validate_rmsd_bond.label_alt_id_1            ? 
_pdbx_validate_rmsd_bond.auth_atom_id_2            OE1 
_pdbx_validate_rmsd_bond.auth_asym_id_2            A 
_pdbx_validate_rmsd_bond.auth_comp_id_2            GLU 
_pdbx_validate_rmsd_bond.auth_seq_id_2             8 
_pdbx_validate_rmsd_bond.PDB_ins_code_2            ? 
_pdbx_validate_rmsd_bond.label_alt_id_2            ? 
_pdbx_validate_rmsd_bond.bond_value                1.180 
_pdbx_validate_rmsd_bond.bond_target_value         1.252 
_pdbx_validate_rmsd_bond.bond_deviation            -0.072 
_pdbx_validate_rmsd_bond.bond_standard_deviation   0.011 
_pdbx_validate_rmsd_bond.linker_flag               N 
# 
_pdbx_validate_rmsd_angle.id                         1 
_pdbx_validate_rmsd_angle.PDB_model_num              1 
_pdbx_validate_rmsd_angle.auth_atom_id_1             N 
_pdbx_validate_rmsd_angle.auth_asym_id_1             A 
_pdbx_validate_rmsd_angle.auth_comp_id_1             ARG 
_pdbx_validate_rmsd_angle.auth_seq_id_1              9 
_pdbx_validate_rmsd_angle.PDB_ins_code_1             ? 
_pdbx_validate_rmsd_angle.label_alt_id_1             ? 
_pdbx_validate_rmsd_angle.auth_atom_id_2             CA 
_pdbx_validate_rmsd_angle.auth_asym_id_2             A 
_pdbx_validate_rmsd_angle.auth_comp_id_2             ARG 
_pdbx_validate_rmsd_angle.auth_seq_id_2              9 
_pdbx_validate_rmsd_angle.PDB_ins_code_2             ? 
_pdbx_validate_rmsd_angle.label_alt_id_2             ? 
_pdbx_validate_rmsd_angle.auth_atom_id_3             CB 
_pdbx_validate_rmsd_angle.auth_asym_id_3             A 
_pdbx_validate_rmsd_angle.auth_comp_id_3             ARG 
_pdbx_validate_rmsd_angle.auth_seq_id_3              9 
_pdbx_validate_rmsd_angle.PDB_ins_code_3             ? 
_pdbx_validate_rmsd_angle.label_alt_id_3             ? 
_pdbx_validate_rmsd_angle.angle_value                93.59 
_pdbx_validate_rmsd_angle.angle_target_value         110.60 
_pdbx_validate_rmsd_angle.angle_deviation            -17.01 
_pdbx_validate_rmsd_angle.angle_standard_deviation   1.80 
_pdbx_validate_rmsd_angle.linker_flag                N 
# 
loop_
_pdbx_validate_torsion.id 
_pdbx_validate_torsion.PDB_model_num 
_pdbx_validate_torsion.auth_comp_id 
_pdbx_validate_torsion.auth_asym_id 
_pdbx_validate_torsion.auth_seq_id 
_pdbx_validate_torsion.PDB_ins_code 
_pdbx_validate_torsion.label_alt_id 
_pdbx_validate_torsion.phi 
_pdbx_validate_torsion.psi 
1  1 ARG A 9   ? ? -21.48  -32.27  
2  1 GLN A 23  ? ? -164.89 -22.58  
3  1 ILE A 26  ? ? -38.06  -32.79  
4  1 ASP A 99  ? ? 26.54   41.76   
5  1 THR A 101 ? ? -149.28 -66.55  
6  1 LEU A 109 ? ? -174.26 -23.52  
7  1 THR A 138 ? ? -117.21 -97.37  
8  1 VAL A 157 ? ? -56.36  -75.85  
9  1 LEU A 158 ? ? -68.57  56.31   
10 1 LEU A 159 ? ? -163.88 21.35   
11 1 ASP A 161 ? ? -67.80  25.27   
12 1 PRO A 163 ? ? -62.69  -176.29 
13 1 TYR A 164 ? ? -72.78  -86.46  
14 1 ASP A 165 ? ? 95.02   86.41   
# 
loop_
_pdbx_unobs_or_zero_occ_residues.id 
_pdbx_unobs_or_zero_occ_residues.PDB_model_num 
_pdbx_unobs_or_zero_occ_residues.polymer_flag 
_pdbx_unobs_or_zero_occ_residues.occupancy_flag 
_pdbx_unobs_or_zero_occ_residues.auth_asym_id 
_pdbx_unobs_or_zero_occ_residues.auth_comp_id 
_pdbx_unobs_or_zero_occ_residues.auth_seq_id 
_pdbx_unobs_or_zero_occ_residues.PDB_ins_code 
_pdbx_unobs_or_zero_occ_residues.label_asym_id 
_pdbx_unobs_or_zero_occ_residues.label_comp_id 
_pdbx_unobs_or_zero_occ_residues.label_seq_id 
1  1 Y 1 A MET -19 ? A MET 1   
2  1 Y 1 A GLY -18 ? A GLY 2   
3  1 Y 1 A SER -17 ? A SER 3   
4  1 Y 1 A SER -16 ? A SER 4   
5  1 Y 1 A HIS -15 ? A HIS 5   
6  1 Y 1 A HIS -14 ? A HIS 6   
7  1 Y 1 A HIS -13 ? A HIS 7   
8  1 Y 1 A HIS -12 ? A HIS 8   
9  1 Y 1 A HIS -11 ? A HIS 9   
10 1 Y 1 A HIS -10 ? A HIS 10  
11 1 Y 1 A SER -9  ? A SER 11  
12 1 Y 1 A SER -8  ? A SER 12  
13 1 Y 1 A GLY -7  ? A GLY 13  
14 1 Y 1 A LEU -6  ? A LEU 14  
15 1 Y 1 A VAL -5  ? A VAL 15  
16 1 Y 1 A PRO -4  ? A PRO 16  
17 1 Y 1 A ARG -3  ? A ARG 17  
18 1 Y 1 A GLY -2  ? A GLY 18  
19 1 Y 1 A SER -1  ? A SER 19  
20 1 Y 1 A HIS 0   ? A HIS 20  
21 1 Y 1 A MET 1   ? A MET 21  
22 1 Y 1 A PRO 2   ? A PRO 22  
23 1 Y 1 A ARG 3   ? A ARG 23  
24 1 Y 1 A ARG 4   ? A ARG 24  
25 1 Y 1 A HIS 5   ? A HIS 25  
26 1 Y 1 A ASP 6   ? A ASP 26  
27 1 Y 1 A PRO 180 ? A PRO 200 
28 1 Y 1 A ALA 181 ? A ALA 201 
29 1 Y 1 A THR 182 ? A THR 202 
30 1 Y 1 A ARG 183 ? A ARG 203 
31 1 Y 1 A ASP 184 ? A ASP 204 
32 1 Y 1 A GLY 185 ? A GLY 205 
33 1 Y 1 A ARG 186 ? A ARG 206 
34 1 Y 1 A GLY 187 ? A GLY 207 
35 1 Y 1 A PRO 188 ? A PRO 208 
36 1 Y 1 A GLY 189 ? A GLY 209 
37 1 Y 1 A SER 190 ? A SER 210 
38 1 Y 1 A HIS 191 ? A HIS 211 
39 1 Y 1 A PRO 192 ? A PRO 212 
40 1 Y 1 A PRO 193 ? A PRO 213 
41 1 Y 1 A ALA 194 ? A ALA 214 
42 1 Y 1 A THR 195 ? A THR 215 
43 1 Y 1 A ALA 196 ? A ALA 216 
44 1 Y 1 A GLY 197 ? A GLY 217 
# 
loop_
_chem_comp_atom.comp_id 
_chem_comp_atom.atom_id 
_chem_comp_atom.type_symbol 
_chem_comp_atom.pdbx_aromatic_flag 
_chem_comp_atom.pdbx_stereo_config 
_chem_comp_atom.pdbx_ordinal 
ALA N    N N N 1   
ALA CA   C N S 2   
ALA C    C N N 3   
ALA O    O N N 4   
ALA CB   C N N 5   
ALA OXT  O N N 6   
ALA H    H N N 7   
ALA H2   H N N 8   
ALA HA   H N N 9   
ALA HB1  H N N 10  
ALA HB2  H N N 11  
ALA HB3  H N N 12  
ALA HXT  H N N 13  
ARG N    N N N 14  
ARG CA   C N S 15  
ARG C    C N N 16  
ARG O    O N N 17  
ARG CB   C N N 18  
ARG CG   C N N 19  
ARG CD   C N N 20  
ARG NE   N N N 21  
ARG CZ   C N N 22  
ARG NH1  N N N 23  
ARG NH2  N N N 24  
ARG OXT  O N N 25  
ARG H    H N N 26  
ARG H2   H N N 27  
ARG HA   H N N 28  
ARG HB2  H N N 29  
ARG HB3  H N N 30  
ARG HG2  H N N 31  
ARG HG3  H N N 32  
ARG HD2  H N N 33  
ARG HD3  H N N 34  
ARG HE   H N N 35  
ARG HH11 H N N 36  
ARG HH12 H N N 37  
ARG HH21 H N N 38  
ARG HH22 H N N 39  
ARG HXT  H N N 40  
ASN N    N N N 41  
ASN CA   C N S 42  
ASN C    C N N 43  
ASN O    O N N 44  
ASN CB   C N N 45  
ASN CG   C N N 46  
ASN OD1  O N N 47  
ASN ND2  N N N 48  
ASN OXT  O N N 49  
ASN H    H N N 50  
ASN H2   H N N 51  
ASN HA   H N N 52  
ASN HB2  H N N 53  
ASN HB3  H N N 54  
ASN HD21 H N N 55  
ASN HD22 H N N 56  
ASN HXT  H N N 57  
ASP N    N N N 58  
ASP CA   C N S 59  
ASP C    C N N 60  
ASP O    O N N 61  
ASP CB   C N N 62  
ASP CG   C N N 63  
ASP OD1  O N N 64  
ASP OD2  O N N 65  
ASP OXT  O N N 66  
ASP H    H N N 67  
ASP H2   H N N 68  
ASP HA   H N N 69  
ASP HB2  H N N 70  
ASP HB3  H N N 71  
ASP HD2  H N N 72  
ASP HXT  H N N 73  
CYS N    N N N 74  
CYS CA   C N R 75  
CYS C    C N N 76  
CYS O    O N N 77  
CYS CB   C N N 78  
CYS SG   S N N 79  
CYS OXT  O N N 80  
CYS H    H N N 81  
CYS H2   H N N 82  
CYS HA   H N N 83  
CYS HB2  H N N 84  
CYS HB3  H N N 85  
CYS HG   H N N 86  
CYS HXT  H N N 87  
GLN N    N N N 88  
GLN CA   C N S 89  
GLN C    C N N 90  
GLN O    O N N 91  
GLN CB   C N N 92  
GLN CG   C N N 93  
GLN CD   C N N 94  
GLN OE1  O N N 95  
GLN NE2  N N N 96  
GLN OXT  O N N 97  
GLN H    H N N 98  
GLN H2   H N N 99  
GLN HA   H N N 100 
GLN HB2  H N N 101 
GLN HB3  H N N 102 
GLN HG2  H N N 103 
GLN HG3  H N N 104 
GLN HE21 H N N 105 
GLN HE22 H N N 106 
GLN HXT  H N N 107 
GLU N    N N N 108 
GLU CA   C N S 109 
GLU C    C N N 110 
GLU O    O N N 111 
GLU CB   C N N 112 
GLU CG   C N N 113 
GLU CD   C N N 114 
GLU OE1  O N N 115 
GLU OE2  O N N 116 
GLU OXT  O N N 117 
GLU H    H N N 118 
GLU H2   H N N 119 
GLU HA   H N N 120 
GLU HB2  H N N 121 
GLU HB3  H N N 122 
GLU HG2  H N N 123 
GLU HG3  H N N 124 
GLU HE2  H N N 125 
GLU HXT  H N N 126 
GLY N    N N N 127 
GLY CA   C N N 128 
GLY C    C N N 129 
GLY O    O N N 130 
GLY OXT  O N N 131 
GLY H    H N N 132 
GLY H2   H N N 133 
GLY HA2  H N N 134 
GLY HA3  H N N 135 
GLY HXT  H N N 136 
HIS N    N N N 137 
HIS CA   C N S 138 
HIS C    C N N 139 
HIS O    O N N 140 
HIS CB   C N N 141 
HIS CG   C Y N 142 
HIS ND1  N Y N 143 
HIS CD2  C Y N 144 
HIS CE1  C Y N 145 
HIS NE2  N Y N 146 
HIS OXT  O N N 147 
HIS H    H N N 148 
HIS H2   H N N 149 
HIS HA   H N N 150 
HIS HB2  H N N 151 
HIS HB3  H N N 152 
HIS HD1  H N N 153 
HIS HD2  H N N 154 
HIS HE1  H N N 155 
HIS HE2  H N N 156 
HIS HXT  H N N 157 
HOH O    O N N 158 
HOH H1   H N N 159 
HOH H2   H N N 160 
ILE N    N N N 161 
ILE CA   C N S 162 
ILE C    C N N 163 
ILE O    O N N 164 
ILE CB   C N S 165 
ILE CG1  C N N 166 
ILE CG2  C N N 167 
ILE CD1  C N N 168 
ILE OXT  O N N 169 
ILE H    H N N 170 
ILE H2   H N N 171 
ILE HA   H N N 172 
ILE HB   H N N 173 
ILE HG12 H N N 174 
ILE HG13 H N N 175 
ILE HG21 H N N 176 
ILE HG22 H N N 177 
ILE HG23 H N N 178 
ILE HD11 H N N 179 
ILE HD12 H N N 180 
ILE HD13 H N N 181 
ILE HXT  H N N 182 
LEU N    N N N 183 
LEU CA   C N S 184 
LEU C    C N N 185 
LEU O    O N N 186 
LEU CB   C N N 187 
LEU CG   C N N 188 
LEU CD1  C N N 189 
LEU CD2  C N N 190 
LEU OXT  O N N 191 
LEU H    H N N 192 
LEU H2   H N N 193 
LEU HA   H N N 194 
LEU HB2  H N N 195 
LEU HB3  H N N 196 
LEU HG   H N N 197 
LEU HD11 H N N 198 
LEU HD12 H N N 199 
LEU HD13 H N N 200 
LEU HD21 H N N 201 
LEU HD22 H N N 202 
LEU HD23 H N N 203 
LEU HXT  H N N 204 
LYS N    N N N 205 
LYS CA   C N S 206 
LYS C    C N N 207 
LYS O    O N N 208 
LYS CB   C N N 209 
LYS CG   C N N 210 
LYS CD   C N N 211 
LYS CE   C N N 212 
LYS NZ   N N N 213 
LYS OXT  O N N 214 
LYS H    H N N 215 
LYS H2   H N N 216 
LYS HA   H N N 217 
LYS HB2  H N N 218 
LYS HB3  H N N 219 
LYS HG2  H N N 220 
LYS HG3  H N N 221 
LYS HD2  H N N 222 
LYS HD3  H N N 223 
LYS HE2  H N N 224 
LYS HE3  H N N 225 
LYS HZ1  H N N 226 
LYS HZ2  H N N 227 
LYS HZ3  H N N 228 
LYS HXT  H N N 229 
MET N    N N N 230 
MET CA   C N S 231 
MET C    C N N 232 
MET O    O N N 233 
MET CB   C N N 234 
MET CG   C N N 235 
MET SD   S N N 236 
MET CE   C N N 237 
MET OXT  O N N 238 
MET H    H N N 239 
MET H2   H N N 240 
MET HA   H N N 241 
MET HB2  H N N 242 
MET HB3  H N N 243 
MET HG2  H N N 244 
MET HG3  H N N 245 
MET HE1  H N N 246 
MET HE2  H N N 247 
MET HE3  H N N 248 
MET HXT  H N N 249 
MGR C1   C N N 250 
MGR C2   C Y N 251 
MGR C3   C Y N 252 
MGR C4   C Y N 253 
MGR C5   C Y N 254 
MGR C6   C Y N 255 
MGR C7   C Y N 256 
MGR C8   C Y N 257 
MGR C9   C Y N 258 
MGR C10  C Y N 259 
MGR C11  C Y N 260 
MGR C12  C Y N 261 
MGR C13  C Y N 262 
MGR C14  C N N 263 
MGR C15  C N N 264 
MGR C16  C N N 265 
MGR C17  C N N 266 
MGR C18  C N N 267 
MGR C19  C N N 268 
MGR C22  C N N 269 
MGR C23  C N N 270 
MGR C24  C N N 271 
MGR C25  C N N 272 
MGR N2   N N N 273 
MGR N3   N N N 274 
MGR H31  H N N 275 
MGR H41  H N N 276 
MGR H51  H N N 277 
MGR H61  H N N 278 
MGR H71  H N N 279 
MGR H91  H N N 280 
MGR H101 H N N 281 
MGR H121 H N N 282 
MGR H131 H N N 283 
MGR H151 H N N 284 
MGR H161 H N N 285 
MGR H181 H N N 286 
MGR H191 H N N 287 
MGR H221 H N N 288 
MGR H222 H N N 289 
MGR H223 H N N 290 
MGR H231 H N N 291 
MGR H232 H N N 292 
MGR H233 H N N 293 
MGR H241 H N N 294 
MGR H242 H N N 295 
MGR H243 H N N 296 
MGR H251 H N N 297 
MGR H252 H N N 298 
MGR H253 H N N 299 
PHE N    N N N 300 
PHE CA   C N S 301 
PHE C    C N N 302 
PHE O    O N N 303 
PHE CB   C N N 304 
PHE CG   C Y N 305 
PHE CD1  C Y N 306 
PHE CD2  C Y N 307 
PHE CE1  C Y N 308 
PHE CE2  C Y N 309 
PHE CZ   C Y N 310 
PHE OXT  O N N 311 
PHE H    H N N 312 
PHE H2   H N N 313 
PHE HA   H N N 314 
PHE HB2  H N N 315 
PHE HB3  H N N 316 
PHE HD1  H N N 317 
PHE HD2  H N N 318 
PHE HE1  H N N 319 
PHE HE2  H N N 320 
PHE HZ   H N N 321 
PHE HXT  H N N 322 
PRO N    N N N 323 
PRO CA   C N S 324 
PRO C    C N N 325 
PRO O    O N N 326 
PRO CB   C N N 327 
PRO CG   C N N 328 
PRO CD   C N N 329 
PRO OXT  O N N 330 
PRO H    H N N 331 
PRO HA   H N N 332 
PRO HB2  H N N 333 
PRO HB3  H N N 334 
PRO HG2  H N N 335 
PRO HG3  H N N 336 
PRO HD2  H N N 337 
PRO HD3  H N N 338 
PRO HXT  H N N 339 
SER N    N N N 340 
SER CA   C N S 341 
SER C    C N N 342 
SER O    O N N 343 
SER CB   C N N 344 
SER OG   O N N 345 
SER OXT  O N N 346 
SER H    H N N 347 
SER H2   H N N 348 
SER HA   H N N 349 
SER HB2  H N N 350 
SER HB3  H N N 351 
SER HG   H N N 352 
SER HXT  H N N 353 
THR N    N N N 354 
THR CA   C N S 355 
THR C    C N N 356 
THR O    O N N 357 
THR CB   C N R 358 
THR OG1  O N N 359 
THR CG2  C N N 360 
THR OXT  O N N 361 
THR H    H N N 362 
THR H2   H N N 363 
THR HA   H N N 364 
THR HB   H N N 365 
THR HG1  H N N 366 
THR HG21 H N N 367 
THR HG22 H N N 368 
THR HG23 H N N 369 
THR HXT  H N N 370 
TRP N    N N N 371 
TRP CA   C N S 372 
TRP C    C N N 373 
TRP O    O N N 374 
TRP CB   C N N 375 
TRP CG   C Y N 376 
TRP CD1  C Y N 377 
TRP CD2  C Y N 378 
TRP NE1  N Y N 379 
TRP CE2  C Y N 380 
TRP CE3  C Y N 381 
TRP CZ2  C Y N 382 
TRP CZ3  C Y N 383 
TRP CH2  C Y N 384 
TRP OXT  O N N 385 
TRP H    H N N 386 
TRP H2   H N N 387 
TRP HA   H N N 388 
TRP HB2  H N N 389 
TRP HB3  H N N 390 
TRP HD1  H N N 391 
TRP HE1  H N N 392 
TRP HE3  H N N 393 
TRP HZ2  H N N 394 
TRP HZ3  H N N 395 
TRP HH2  H N N 396 
TRP HXT  H N N 397 
TYR N    N N N 398 
TYR CA   C N S 399 
TYR C    C N N 400 
TYR O    O N N 401 
TYR CB   C N N 402 
TYR CG   C Y N 403 
TYR CD1  C Y N 404 
TYR CD2  C Y N 405 
TYR CE1  C Y N 406 
TYR CE2  C Y N 407 
TYR CZ   C Y N 408 
TYR OH   O N N 409 
TYR OXT  O N N 410 
TYR H    H N N 411 
TYR H2   H N N 412 
TYR HA   H N N 413 
TYR HB2  H N N 414 
TYR HB3  H N N 415 
TYR HD1  H N N 416 
TYR HD2  H N N 417 
TYR HE1  H N N 418 
TYR HE2  H N N 419 
TYR HH   H N N 420 
TYR HXT  H N N 421 
VAL N    N N N 422 
VAL CA   C N S 423 
VAL C    C N N 424 
VAL O    O N N 425 
VAL CB   C N N 426 
VAL CG1  C N N 427 
VAL CG2  C N N 428 
VAL OXT  O N N 429 
VAL H    H N N 430 
VAL H2   H N N 431 
VAL HA   H N N 432 
VAL HB   H N N 433 
VAL HG11 H N N 434 
VAL HG12 H N N 435 
VAL HG13 H N N 436 
VAL HG21 H N N 437 
VAL HG22 H N N 438 
VAL HG23 H N N 439 
VAL HXT  H N N 440 
# 
loop_
_chem_comp_bond.comp_id 
_chem_comp_bond.atom_id_1 
_chem_comp_bond.atom_id_2 
_chem_comp_bond.value_order 
_chem_comp_bond.pdbx_aromatic_flag 
_chem_comp_bond.pdbx_stereo_config 
_chem_comp_bond.pdbx_ordinal 
ALA N   CA   sing N N 1   
ALA N   H    sing N N 2   
ALA N   H2   sing N N 3   
ALA CA  C    sing N N 4   
ALA CA  CB   sing N N 5   
ALA CA  HA   sing N N 6   
ALA C   O    doub N N 7   
ALA C   OXT  sing N N 8   
ALA CB  HB1  sing N N 9   
ALA CB  HB2  sing N N 10  
ALA CB  HB3  sing N N 11  
ALA OXT HXT  sing N N 12  
ARG N   CA   sing N N 13  
ARG N   H    sing N N 14  
ARG N   H2   sing N N 15  
ARG CA  C    sing N N 16  
ARG CA  CB   sing N N 17  
ARG CA  HA   sing N N 18  
ARG C   O    doub N N 19  
ARG C   OXT  sing N N 20  
ARG CB  CG   sing N N 21  
ARG CB  HB2  sing N N 22  
ARG CB  HB3  sing N N 23  
ARG CG  CD   sing N N 24  
ARG CG  HG2  sing N N 25  
ARG CG  HG3  sing N N 26  
ARG CD  NE   sing N N 27  
ARG CD  HD2  sing N N 28  
ARG CD  HD3  sing N N 29  
ARG NE  CZ   sing N N 30  
ARG NE  HE   sing N N 31  
ARG CZ  NH1  sing N N 32  
ARG CZ  NH2  doub N N 33  
ARG NH1 HH11 sing N N 34  
ARG NH1 HH12 sing N N 35  
ARG NH2 HH21 sing N N 36  
ARG NH2 HH22 sing N N 37  
ARG OXT HXT  sing N N 38  
ASN N   CA   sing N N 39  
ASN N   H    sing N N 40  
ASN N   H2   sing N N 41  
ASN CA  C    sing N N 42  
ASN CA  CB   sing N N 43  
ASN CA  HA   sing N N 44  
ASN C   O    doub N N 45  
ASN C   OXT  sing N N 46  
ASN CB  CG   sing N N 47  
ASN CB  HB2  sing N N 48  
ASN CB  HB3  sing N N 49  
ASN CG  OD1  doub N N 50  
ASN CG  ND2  sing N N 51  
ASN ND2 HD21 sing N N 52  
ASN ND2 HD22 sing N N 53  
ASN OXT HXT  sing N N 54  
ASP N   CA   sing N N 55  
ASP N   H    sing N N 56  
ASP N   H2   sing N N 57  
ASP CA  C    sing N N 58  
ASP CA  CB   sing N N 59  
ASP CA  HA   sing N N 60  
ASP C   O    doub N N 61  
ASP C   OXT  sing N N 62  
ASP CB  CG   sing N N 63  
ASP CB  HB2  sing N N 64  
ASP CB  HB3  sing N N 65  
ASP CG  OD1  doub N N 66  
ASP CG  OD2  sing N N 67  
ASP OD2 HD2  sing N N 68  
ASP OXT HXT  sing N N 69  
CYS N   CA   sing N N 70  
CYS N   H    sing N N 71  
CYS N   H2   sing N N 72  
CYS CA  C    sing N N 73  
CYS CA  CB   sing N N 74  
CYS CA  HA   sing N N 75  
CYS C   O    doub N N 76  
CYS C   OXT  sing N N 77  
CYS CB  SG   sing N N 78  
CYS CB  HB2  sing N N 79  
CYS CB  HB3  sing N N 80  
CYS SG  HG   sing N N 81  
CYS OXT HXT  sing N N 82  
GLN N   CA   sing N N 83  
GLN N   H    sing N N 84  
GLN N   H2   sing N N 85  
GLN CA  C    sing N N 86  
GLN CA  CB   sing N N 87  
GLN CA  HA   sing N N 88  
GLN C   O    doub N N 89  
GLN C   OXT  sing N N 90  
GLN CB  CG   sing N N 91  
GLN CB  HB2  sing N N 92  
GLN CB  HB3  sing N N 93  
GLN CG  CD   sing N N 94  
GLN CG  HG2  sing N N 95  
GLN CG  HG3  sing N N 96  
GLN CD  OE1  doub N N 97  
GLN CD  NE2  sing N N 98  
GLN NE2 HE21 sing N N 99  
GLN NE2 HE22 sing N N 100 
GLN OXT HXT  sing N N 101 
GLU N   CA   sing N N 102 
GLU N   H    sing N N 103 
GLU N   H2   sing N N 104 
GLU CA  C    sing N N 105 
GLU CA  CB   sing N N 106 
GLU CA  HA   sing N N 107 
GLU C   O    doub N N 108 
GLU C   OXT  sing N N 109 
GLU CB  CG   sing N N 110 
GLU CB  HB2  sing N N 111 
GLU CB  HB3  sing N N 112 
GLU CG  CD   sing N N 113 
GLU CG  HG2  sing N N 114 
GLU CG  HG3  sing N N 115 
GLU CD  OE1  doub N N 116 
GLU CD  OE2  sing N N 117 
GLU OE2 HE2  sing N N 118 
GLU OXT HXT  sing N N 119 
GLY N   CA   sing N N 120 
GLY N   H    sing N N 121 
GLY N   H2   sing N N 122 
GLY CA  C    sing N N 123 
GLY CA  HA2  sing N N 124 
GLY CA  HA3  sing N N 125 
GLY C   O    doub N N 126 
GLY C   OXT  sing N N 127 
GLY OXT HXT  sing N N 128 
HIS N   CA   sing N N 129 
HIS N   H    sing N N 130 
HIS N   H2   sing N N 131 
HIS CA  C    sing N N 132 
HIS CA  CB   sing N N 133 
HIS CA  HA   sing N N 134 
HIS C   O    doub N N 135 
HIS C   OXT  sing N N 136 
HIS CB  CG   sing N N 137 
HIS CB  HB2  sing N N 138 
HIS CB  HB3  sing N N 139 
HIS CG  ND1  sing Y N 140 
HIS CG  CD2  doub Y N 141 
HIS ND1 CE1  doub Y N 142 
HIS ND1 HD1  sing N N 143 
HIS CD2 NE2  sing Y N 144 
HIS CD2 HD2  sing N N 145 
HIS CE1 NE2  sing Y N 146 
HIS CE1 HE1  sing N N 147 
HIS NE2 HE2  sing N N 148 
HIS OXT HXT  sing N N 149 
HOH O   H1   sing N N 150 
HOH O   H2   sing N N 151 
ILE N   CA   sing N N 152 
ILE N   H    sing N N 153 
ILE N   H2   sing N N 154 
ILE CA  C    sing N N 155 
ILE CA  CB   sing N N 156 
ILE CA  HA   sing N N 157 
ILE C   O    doub N N 158 
ILE C   OXT  sing N N 159 
ILE CB  CG1  sing N N 160 
ILE CB  CG2  sing N N 161 
ILE CB  HB   sing N N 162 
ILE CG1 CD1  sing N N 163 
ILE CG1 HG12 sing N N 164 
ILE CG1 HG13 sing N N 165 
ILE CG2 HG21 sing N N 166 
ILE CG2 HG22 sing N N 167 
ILE CG2 HG23 sing N N 168 
ILE CD1 HD11 sing N N 169 
ILE CD1 HD12 sing N N 170 
ILE CD1 HD13 sing N N 171 
ILE OXT HXT  sing N N 172 
LEU N   CA   sing N N 173 
LEU N   H    sing N N 174 
LEU N   H2   sing N N 175 
LEU CA  C    sing N N 176 
LEU CA  CB   sing N N 177 
LEU CA  HA   sing N N 178 
LEU C   O    doub N N 179 
LEU C   OXT  sing N N 180 
LEU CB  CG   sing N N 181 
LEU CB  HB2  sing N N 182 
LEU CB  HB3  sing N N 183 
LEU CG  CD1  sing N N 184 
LEU CG  CD2  sing N N 185 
LEU CG  HG   sing N N 186 
LEU CD1 HD11 sing N N 187 
LEU CD1 HD12 sing N N 188 
LEU CD1 HD13 sing N N 189 
LEU CD2 HD21 sing N N 190 
LEU CD2 HD22 sing N N 191 
LEU CD2 HD23 sing N N 192 
LEU OXT HXT  sing N N 193 
LYS N   CA   sing N N 194 
LYS N   H    sing N N 195 
LYS N   H2   sing N N 196 
LYS CA  C    sing N N 197 
LYS CA  CB   sing N N 198 
LYS CA  HA   sing N N 199 
LYS C   O    doub N N 200 
LYS C   OXT  sing N N 201 
LYS CB  CG   sing N N 202 
LYS CB  HB2  sing N N 203 
LYS CB  HB3  sing N N 204 
LYS CG  CD   sing N N 205 
LYS CG  HG2  sing N N 206 
LYS CG  HG3  sing N N 207 
LYS CD  CE   sing N N 208 
LYS CD  HD2  sing N N 209 
LYS CD  HD3  sing N N 210 
LYS CE  NZ   sing N N 211 
LYS CE  HE2  sing N N 212 
LYS CE  HE3  sing N N 213 
LYS NZ  HZ1  sing N N 214 
LYS NZ  HZ2  sing N N 215 
LYS NZ  HZ3  sing N N 216 
LYS OXT HXT  sing N N 217 
MET N   CA   sing N N 218 
MET N   H    sing N N 219 
MET N   H2   sing N N 220 
MET CA  C    sing N N 221 
MET CA  CB   sing N N 222 
MET CA  HA   sing N N 223 
MET C   O    doub N N 224 
MET C   OXT  sing N N 225 
MET CB  CG   sing N N 226 
MET CB  HB2  sing N N 227 
MET CB  HB3  sing N N 228 
MET CG  SD   sing N N 229 
MET CG  HG2  sing N N 230 
MET CG  HG3  sing N N 231 
MET SD  CE   sing N N 232 
MET CE  HE1  sing N N 233 
MET CE  HE2  sing N N 234 
MET CE  HE3  sing N N 235 
MET OXT HXT  sing N N 236 
MGR C1  C2   sing N N 237 
MGR C1  C8   sing N N 238 
MGR C1  C14  doub N N 239 
MGR C2  C3   doub Y N 240 
MGR C2  C7   sing Y N 241 
MGR C3  C4   sing Y N 242 
MGR C3  H31  sing N N 243 
MGR C4  C5   doub Y N 244 
MGR C4  H41  sing N N 245 
MGR C5  C6   sing Y N 246 
MGR C5  H51  sing N N 247 
MGR C6  C7   doub Y N 248 
MGR C6  H61  sing N N 249 
MGR C7  H71  sing N N 250 
MGR C8  C9   doub Y N 251 
MGR C8  C13  sing Y N 252 
MGR C9  C10  sing Y N 253 
MGR C9  H91  sing N N 254 
MGR C10 C11  doub Y N 255 
MGR C10 H101 sing N N 256 
MGR C11 C12  sing Y N 257 
MGR C11 N2   sing N N 258 
MGR C12 C13  doub Y N 259 
MGR C12 H121 sing N N 260 
MGR C13 H131 sing N N 261 
MGR C14 C15  sing N N 262 
MGR C14 C19  sing N N 263 
MGR C15 C16  doub N N 264 
MGR C15 H151 sing N N 265 
MGR C16 C17  sing N N 266 
MGR C16 H161 sing N N 267 
MGR C17 C18  sing N N 268 
MGR C17 N3   doub N N 269 
MGR C18 C19  doub N N 270 
MGR C18 H181 sing N N 271 
MGR C19 H191 sing N N 272 
MGR C22 N2   sing N N 273 
MGR C22 H221 sing N N 274 
MGR C22 H222 sing N N 275 
MGR C22 H223 sing N N 276 
MGR C23 N2   sing N N 277 
MGR C23 H231 sing N N 278 
MGR C23 H232 sing N N 279 
MGR C23 H233 sing N N 280 
MGR C24 N3   sing N N 281 
MGR C24 H241 sing N N 282 
MGR C24 H242 sing N N 283 
MGR C24 H243 sing N N 284 
MGR C25 N3   sing N N 285 
MGR C25 H251 sing N N 286 
MGR C25 H252 sing N N 287 
MGR C25 H253 sing N N 288 
PHE N   CA   sing N N 289 
PHE N   H    sing N N 290 
PHE N   H2   sing N N 291 
PHE CA  C    sing N N 292 
PHE CA  CB   sing N N 293 
PHE CA  HA   sing N N 294 
PHE C   O    doub N N 295 
PHE C   OXT  sing N N 296 
PHE CB  CG   sing N N 297 
PHE CB  HB2  sing N N 298 
PHE CB  HB3  sing N N 299 
PHE CG  CD1  doub Y N 300 
PHE CG  CD2  sing Y N 301 
PHE CD1 CE1  sing Y N 302 
PHE CD1 HD1  sing N N 303 
PHE CD2 CE2  doub Y N 304 
PHE CD2 HD2  sing N N 305 
PHE CE1 CZ   doub Y N 306 
PHE CE1 HE1  sing N N 307 
PHE CE2 CZ   sing Y N 308 
PHE CE2 HE2  sing N N 309 
PHE CZ  HZ   sing N N 310 
PHE OXT HXT  sing N N 311 
PRO N   CA   sing N N 312 
PRO N   CD   sing N N 313 
PRO N   H    sing N N 314 
PRO CA  C    sing N N 315 
PRO CA  CB   sing N N 316 
PRO CA  HA   sing N N 317 
PRO C   O    doub N N 318 
PRO C   OXT  sing N N 319 
PRO CB  CG   sing N N 320 
PRO CB  HB2  sing N N 321 
PRO CB  HB3  sing N N 322 
PRO CG  CD   sing N N 323 
PRO CG  HG2  sing N N 324 
PRO CG  HG3  sing N N 325 
PRO CD  HD2  sing N N 326 
PRO CD  HD3  sing N N 327 
PRO OXT HXT  sing N N 328 
SER N   CA   sing N N 329 
SER N   H    sing N N 330 
SER N   H2   sing N N 331 
SER CA  C    sing N N 332 
SER CA  CB   sing N N 333 
SER CA  HA   sing N N 334 
SER C   O    doub N N 335 
SER C   OXT  sing N N 336 
SER CB  OG   sing N N 337 
SER CB  HB2  sing N N 338 
SER CB  HB3  sing N N 339 
SER OG  HG   sing N N 340 
SER OXT HXT  sing N N 341 
THR N   CA   sing N N 342 
THR N   H    sing N N 343 
THR N   H2   sing N N 344 
THR CA  C    sing N N 345 
THR CA  CB   sing N N 346 
THR CA  HA   sing N N 347 
THR C   O    doub N N 348 
THR C   OXT  sing N N 349 
THR CB  OG1  sing N N 350 
THR CB  CG2  sing N N 351 
THR CB  HB   sing N N 352 
THR OG1 HG1  sing N N 353 
THR CG2 HG21 sing N N 354 
THR CG2 HG22 sing N N 355 
THR CG2 HG23 sing N N 356 
THR OXT HXT  sing N N 357 
TRP N   CA   sing N N 358 
TRP N   H    sing N N 359 
TRP N   H2   sing N N 360 
TRP CA  C    sing N N 361 
TRP CA  CB   sing N N 362 
TRP CA  HA   sing N N 363 
TRP C   O    doub N N 364 
TRP C   OXT  sing N N 365 
TRP CB  CG   sing N N 366 
TRP CB  HB2  sing N N 367 
TRP CB  HB3  sing N N 368 
TRP CG  CD1  doub Y N 369 
TRP CG  CD2  sing Y N 370 
TRP CD1 NE1  sing Y N 371 
TRP CD1 HD1  sing N N 372 
TRP CD2 CE2  doub Y N 373 
TRP CD2 CE3  sing Y N 374 
TRP NE1 CE2  sing Y N 375 
TRP NE1 HE1  sing N N 376 
TRP CE2 CZ2  sing Y N 377 
TRP CE3 CZ3  doub Y N 378 
TRP CE3 HE3  sing N N 379 
TRP CZ2 CH2  doub Y N 380 
TRP CZ2 HZ2  sing N N 381 
TRP CZ3 CH2  sing Y N 382 
TRP CZ3 HZ3  sing N N 383 
TRP CH2 HH2  sing N N 384 
TRP OXT HXT  sing N N 385 
TYR N   CA   sing N N 386 
TYR N   H    sing N N 387 
TYR N   H2   sing N N 388 
TYR CA  C    sing N N 389 
TYR CA  CB   sing N N 390 
TYR CA  HA   sing N N 391 
TYR C   O    doub N N 392 
TYR C   OXT  sing N N 393 
TYR CB  CG   sing N N 394 
TYR CB  HB2  sing N N 395 
TYR CB  HB3  sing N N 396 
TYR CG  CD1  doub Y N 397 
TYR CG  CD2  sing Y N 398 
TYR CD1 CE1  sing Y N 399 
TYR CD1 HD1  sing N N 400 
TYR CD2 CE2  doub Y N 401 
TYR CD2 HD2  sing N N 402 
TYR CE1 CZ   doub Y N 403 
TYR CE1 HE1  sing N N 404 
TYR CE2 CZ   sing Y N 405 
TYR CE2 HE2  sing N N 406 
TYR CZ  OH   sing N N 407 
TYR OH  HH   sing N N 408 
TYR OXT HXT  sing N N 409 
VAL N   CA   sing N N 410 
VAL N   H    sing N N 411 
VAL N   H2   sing N N 412 
VAL CA  C    sing N N 413 
VAL CA  CB   sing N N 414 
VAL CA  HA   sing N N 415 
VAL C   O    doub N N 416 
VAL C   OXT  sing N N 417 
VAL CB  CG1  sing N N 418 
VAL CB  CG2  sing N N 419 
VAL CB  HB   sing N N 420 
VAL CG1 HG11 sing N N 421 
VAL CG1 HG12 sing N N 422 
VAL CG1 HG13 sing N N 423 
VAL CG2 HG21 sing N N 424 
VAL CG2 HG22 sing N N 425 
VAL CG2 HG23 sing N N 426 
VAL OXT HXT  sing N N 427 
# 
loop_
_pdbx_entity_nonpoly.entity_id 
_pdbx_entity_nonpoly.name 
_pdbx_entity_nonpoly.comp_id 
2 'MALACHITE GREEN' MGR 
3 water             HOH 
# 
_pdbx_initial_refinement_model.id               1 
_pdbx_initial_refinement_model.entity_id_list   ? 
_pdbx_initial_refinement_model.type             'experimental model' 
_pdbx_initial_refinement_model.source_name      PDB 
_pdbx_initial_refinement_model.accession_code   3HTA 
_pdbx_initial_refinement_model.details          'PDB ENTRY 3HTA' 
# 
